data_6GLD
# 
_entry.id   6GLD 
# 
_audit_conform.dict_name       mmcif_pdbx.dic 
_audit_conform.dict_version    5.392 
_audit_conform.dict_location   http://mmcif.pdb.org/dictionaries/ascii/mmcif_pdbx.dic 
# 
loop_
_database_2.database_id 
_database_2.database_code 
_database_2.pdbx_database_accession 
_database_2.pdbx_DOI 
PDB   6GLD         pdb_00006gld 10.2210/pdb6gld/pdb 
WWPDB D_1200010183 ?            ?                   
# 
loop_
_pdbx_audit_revision_history.ordinal 
_pdbx_audit_revision_history.data_content_type 
_pdbx_audit_revision_history.major_revision 
_pdbx_audit_revision_history.minor_revision 
_pdbx_audit_revision_history.revision_date 
1 'Structure model' 1 0 2019-06-19 
2 'Structure model' 1 1 2019-07-31 
3 'Structure model' 1 2 2019-08-28 
4 'Structure model' 1 3 2024-05-15 
# 
_pdbx_audit_revision_details.ordinal             1 
_pdbx_audit_revision_details.revision_ordinal    1 
_pdbx_audit_revision_details.data_content_type   'Structure model' 
_pdbx_audit_revision_details.provider            repository 
_pdbx_audit_revision_details.type                'Initial release' 
_pdbx_audit_revision_details.description         ? 
_pdbx_audit_revision_details.details             ? 
# 
loop_
_pdbx_audit_revision_group.ordinal 
_pdbx_audit_revision_group.revision_ordinal 
_pdbx_audit_revision_group.data_content_type 
_pdbx_audit_revision_group.group 
1 2 'Structure model' 'Data collection'      
2 2 'Structure model' 'Derived calculations' 
3 3 'Structure model' 'Data collection'      
4 3 'Structure model' 'Database references'  
5 4 'Structure model' 'Data collection'      
6 4 'Structure model' 'Database references'  
7 4 'Structure model' 'Derived calculations' 
# 
loop_
_pdbx_audit_revision_category.ordinal 
_pdbx_audit_revision_category.revision_ordinal 
_pdbx_audit_revision_category.data_content_type 
_pdbx_audit_revision_category.category 
1  2 'Structure model' diffrn_source             
2  2 'Structure model' pdbx_struct_assembly      
3  2 'Structure model' pdbx_struct_assembly_gen  
4  2 'Structure model' pdbx_struct_assembly_prop 
5  2 'Structure model' pdbx_struct_oper_list     
6  3 'Structure model' citation                  
7  3 'Structure model' citation_author           
8  4 'Structure model' chem_comp_atom            
9  4 'Structure model' chem_comp_bond            
10 4 'Structure model' database_2                
11 4 'Structure model' pdbx_struct_conn_angle    
12 4 'Structure model' struct_conn               
# 
loop_
_pdbx_audit_revision_item.ordinal 
_pdbx_audit_revision_item.revision_ordinal 
_pdbx_audit_revision_item.data_content_type 
_pdbx_audit_revision_item.item 
1  2 'Structure model' '_diffrn_source.pdbx_synchrotron_site'      
2  2 'Structure model' '_pdbx_struct_assembly.oligomeric_count'    
3  2 'Structure model' '_pdbx_struct_assembly.oligomeric_details'  
4  2 'Structure model' '_pdbx_struct_assembly_gen.oper_expression' 
5  2 'Structure model' '_pdbx_struct_assembly_prop.value'          
6  3 'Structure model' '_citation.country'                         
7  3 'Structure model' '_citation.journal_abbrev'                  
8  3 'Structure model' '_citation.journal_id_CSD'                  
9  3 'Structure model' '_citation.journal_id_ISSN'                 
10 3 'Structure model' '_citation.journal_volume'                  
11 3 'Structure model' '_citation.page_first'                      
12 3 'Structure model' '_citation.page_last'                       
13 3 'Structure model' '_citation.pdbx_database_id_DOI'            
14 3 'Structure model' '_citation.pdbx_database_id_PubMed'         
15 3 'Structure model' '_citation.title'                           
16 3 'Structure model' '_citation.year'                            
17 4 'Structure model' '_database_2.pdbx_DOI'                      
18 4 'Structure model' '_database_2.pdbx_database_accession'       
19 4 'Structure model' '_pdbx_struct_conn_angle.ptnr1_auth_seq_id' 
20 4 'Structure model' '_pdbx_struct_conn_angle.ptnr3_auth_seq_id' 
21 4 'Structure model' '_pdbx_struct_conn_angle.value'             
22 4 'Structure model' '_struct_conn.pdbx_dist_value'              
23 4 'Structure model' '_struct_conn.ptnr2_auth_seq_id'            
# 
_pdbx_database_status.status_code                     REL 
_pdbx_database_status.status_code_sf                  REL 
_pdbx_database_status.status_code_mr                  ? 
_pdbx_database_status.entry_id                        6GLD 
_pdbx_database_status.recvd_initial_deposition_date   2018-05-23 
_pdbx_database_status.SG_entry                        N 
_pdbx_database_status.deposit_site                    PDBE 
_pdbx_database_status.process_site                    PDBE 
_pdbx_database_status.status_code_cs                  ? 
_pdbx_database_status.methods_development_category    ? 
_pdbx_database_status.pdb_format_compatible           Y 
_pdbx_database_status.status_code_nmr_data            ? 
# 
loop_
_audit_author.name 
_audit_author.pdbx_ordinal 
_audit_author.identifier_ORCID 
'McQuaid, K.T.' 1 ? 
'Hall, J.P.'    2 ? 
'Cardin, C.J.'  3 ? 
# 
_citation.abstract                  ? 
_citation.abstract_id_CAS           ? 
_citation.book_id_ISBN              ? 
_citation.book_publisher            ? 
_citation.book_publisher_city       ? 
_citation.book_title                ? 
_citation.coordinate_linkage        ? 
_citation.country                   GE 
_citation.database_id_Medline       ? 
_citation.details                   ? 
_citation.id                        primary 
_citation.journal_abbrev            Chemistry 
_citation.journal_id_ASTM           ? 
_citation.journal_id_CSD            ? 
_citation.journal_id_ISSN           0947-6539 
_citation.journal_full              ? 
_citation.journal_issue             ? 
_citation.journal_volume            24 
_citation.language                  ? 
_citation.page_first                15859 
_citation.page_last                 15867 
_citation.title                     
'X-ray Crystal Structures Show DNA Stacking Advantage of Terminal Nitrile Substitution in Ru-dppz Complexes.' 
_citation.year                      2018 
_citation.database_id_CSD           ? 
_citation.pdbx_database_id_DOI      10.1002/chem.201803021 
_citation.pdbx_database_id_PubMed   30063271 
_citation.unpublished_flag          ? 
# 
loop_
_citation_author.citation_id 
_citation_author.name 
_citation_author.ordinal 
_citation_author.identifier_ORCID 
primary 'McQuaid, K.'   1 ? 
primary 'Hall, J.P.'    2 ? 
primary 'Brazier, J.A.' 3 ? 
primary 'Cardin, D.J.'  4 ? 
primary 'Cardin, C.J.'  5 ? 
# 
loop_
_entity.id 
_entity.type 
_entity.src_method 
_entity.pdbx_description 
_entity.formula_weight 
_entity.pdbx_number_of_molecules 
_entity.pdbx_ec 
_entity.pdbx_mutation 
_entity.pdbx_fragment 
_entity.details 
1 polymer     syn 'd(TCGGCGCCGA)2'                                                      3045.992 1  ? ? ? ? 
2 non-polymer syn 'BARIUM ION'                                                          137.327  1  ? ? ? ? 
3 non-polymer syn 'Ruthenium (bis-(tetraazaphenanthrene)) (11-bromo-dipyridophenazine)' 826.628  1  ? ? ? ? 
4 water       nat water                                                                 18.015   84 ? ? ? ? 
# 
_entity_poly.entity_id                      1 
_entity_poly.type                           polydeoxyribonucleotide 
_entity_poly.nstd_linkage                   no 
_entity_poly.nstd_monomer                   no 
_entity_poly.pdbx_seq_one_letter_code       '(DT)(DC)(DG)(DG)(DC)(DG)(DC)(DC)(DG)(DA)' 
_entity_poly.pdbx_seq_one_letter_code_can   TCGGCGCCGA 
_entity_poly.pdbx_strand_id                 B 
_entity_poly.pdbx_target_identifier         ? 
# 
loop_
_pdbx_entity_nonpoly.entity_id 
_pdbx_entity_nonpoly.name 
_pdbx_entity_nonpoly.comp_id 
2 'BARIUM ION'                                                          BA  
3 'Ruthenium (bis-(tetraazaphenanthrene)) (11-bromo-dipyridophenazine)' F3K 
4 water                                                                 HOH 
# 
loop_
_entity_poly_seq.entity_id 
_entity_poly_seq.num 
_entity_poly_seq.mon_id 
_entity_poly_seq.hetero 
1 1  DT n 
1 2  DC n 
1 3  DG n 
1 4  DG n 
1 5  DC n 
1 6  DG n 
1 7  DC n 
1 8  DC n 
1 9  DG n 
1 10 DA n 
# 
_pdbx_entity_src_syn.entity_id              1 
_pdbx_entity_src_syn.pdbx_src_id            1 
_pdbx_entity_src_syn.pdbx_alt_source_flag   sample 
_pdbx_entity_src_syn.pdbx_beg_seq_num       1 
_pdbx_entity_src_syn.pdbx_end_seq_num       10 
_pdbx_entity_src_syn.organism_scientific    'synthetic construct' 
_pdbx_entity_src_syn.organism_common_name   ? 
_pdbx_entity_src_syn.ncbi_taxonomy_id       32630 
_pdbx_entity_src_syn.details                ? 
# 
loop_
_chem_comp.id 
_chem_comp.type 
_chem_comp.mon_nstd_flag 
_chem_comp.name 
_chem_comp.pdbx_synonyms 
_chem_comp.formula 
_chem_comp.formula_weight 
BA  non-polymer   . 'BARIUM ION'                                                          ? 'Ba 2'                137.327 
DA  'DNA linking' y "2'-DEOXYADENOSINE-5'-MONOPHOSPHATE"                                  ? 'C10 H14 N5 O6 P'     331.222 
DC  'DNA linking' y "2'-DEOXYCYTIDINE-5'-MONOPHOSPHATE"                                   ? 'C9 H14 N3 O7 P'      307.197 
DG  'DNA linking' y "2'-DEOXYGUANOSINE-5'-MONOPHOSPHATE"                                  ? 'C10 H14 N5 O7 P'     347.221 
DT  'DNA linking' y "THYMIDINE-5'-MONOPHOSPHATE"                                          ? 'C10 H15 N2 O8 P'     322.208 
F3K non-polymer   . 'Ruthenium (bis-(tetraazaphenanthrene)) (11-bromo-dipyridophenazine)' ? 'C38 H21 Br N12 Ru 6' 826.628 
HOH non-polymer   . WATER                                                                 ? 'H2 O'                18.015  
# 
loop_
_pdbx_poly_seq_scheme.asym_id 
_pdbx_poly_seq_scheme.entity_id 
_pdbx_poly_seq_scheme.seq_id 
_pdbx_poly_seq_scheme.mon_id 
_pdbx_poly_seq_scheme.ndb_seq_num 
_pdbx_poly_seq_scheme.pdb_seq_num 
_pdbx_poly_seq_scheme.auth_seq_num 
_pdbx_poly_seq_scheme.pdb_mon_id 
_pdbx_poly_seq_scheme.auth_mon_id 
_pdbx_poly_seq_scheme.pdb_strand_id 
_pdbx_poly_seq_scheme.pdb_ins_code 
_pdbx_poly_seq_scheme.hetero 
A 1 1  DT 1  1  1  DT DT B . n 
A 1 2  DC 2  2  2  DC DC B . n 
A 1 3  DG 3  3  3  DG DG B . n 
A 1 4  DG 4  4  4  DG DG B . n 
A 1 5  DC 5  5  5  DC DC B . n 
A 1 6  DG 6  6  6  DG DG B . n 
A 1 7  DC 7  7  7  DC DC B . n 
A 1 8  DC 8  8  8  DC DC B . n 
A 1 9  DG 9  9  9  DG DG B . n 
A 1 10 DA 10 10 10 DA DA B . n 
# 
loop_
_pdbx_nonpoly_scheme.asym_id 
_pdbx_nonpoly_scheme.entity_id 
_pdbx_nonpoly_scheme.mon_id 
_pdbx_nonpoly_scheme.ndb_seq_num 
_pdbx_nonpoly_scheme.pdb_seq_num 
_pdbx_nonpoly_scheme.auth_seq_num 
_pdbx_nonpoly_scheme.pdb_mon_id 
_pdbx_nonpoly_scheme.auth_mon_id 
_pdbx_nonpoly_scheme.pdb_strand_id 
_pdbx_nonpoly_scheme.pdb_ins_code 
B 2 BA  1  101 102 BA  BA  B . 
C 3 F3K 1  102 1   F3K FAP B . 
D 4 HOH 1  201 87  HOH HOH B . 
D 4 HOH 2  202 26  HOH HOH B . 
D 4 HOH 3  203 29  HOH HOH B . 
D 4 HOH 4  204 89  HOH HOH B . 
D 4 HOH 5  205 83  HOH HOH B . 
D 4 HOH 6  206 31  HOH HOH B . 
D 4 HOH 7  207 20  HOH HOH B . 
D 4 HOH 8  208 46  HOH HOH B . 
D 4 HOH 9  209 22  HOH HOH B . 
D 4 HOH 10 210 60  HOH HOH B . 
D 4 HOH 11 211 32  HOH HOH B . 
D 4 HOH 12 212 28  HOH HOH B . 
D 4 HOH 13 213 53  HOH HOH B . 
D 4 HOH 14 214 81  HOH HOH B . 
D 4 HOH 15 215 52  HOH HOH B . 
D 4 HOH 16 216 30  HOH HOH B . 
D 4 HOH 17 217 21  HOH HOH B . 
D 4 HOH 18 218 19  HOH HOH B . 
D 4 HOH 19 219 18  HOH HOH B . 
D 4 HOH 20 220 42  HOH HOH B . 
D 4 HOH 21 221 90  HOH HOH B . 
D 4 HOH 22 222 2   HOH HOH B . 
D 4 HOH 23 223 4   HOH HOH B . 
D 4 HOH 24 224 38  HOH HOH B . 
D 4 HOH 25 225 41  HOH HOH B . 
D 4 HOH 26 226 134 HOH HOH B . 
D 4 HOH 27 227 102 HOH HOH B . 
D 4 HOH 28 228 27  HOH HOH B . 
D 4 HOH 29 229 40  HOH HOH B . 
D 4 HOH 30 230 69  HOH HOH B . 
D 4 HOH 31 231 84  HOH HOH B . 
D 4 HOH 32 232 16  HOH HOH B . 
D 4 HOH 33 233 35  HOH HOH B . 
D 4 HOH 34 234 17  HOH HOH B . 
D 4 HOH 35 235 10  HOH HOH B . 
D 4 HOH 36 236 74  HOH HOH B . 
D 4 HOH 37 237 24  HOH HOH B . 
D 4 HOH 38 238 55  HOH HOH B . 
D 4 HOH 39 239 3   HOH HOH B . 
D 4 HOH 40 240 1   HOH HOH B . 
D 4 HOH 41 241 82  HOH HOH B . 
D 4 HOH 42 242 5   HOH HOH B . 
D 4 HOH 43 243 7   HOH HOH B . 
D 4 HOH 44 244 6   HOH HOH B . 
D 4 HOH 45 245 8   HOH HOH B . 
D 4 HOH 46 246 15  HOH HOH B . 
D 4 HOH 47 247 59  HOH HOH B . 
D 4 HOH 48 248 12  HOH HOH B . 
D 4 HOH 49 249 14  HOH HOH B . 
D 4 HOH 50 250 45  HOH HOH B . 
D 4 HOH 51 251 36  HOH HOH B . 
D 4 HOH 52 252 47  HOH HOH B . 
D 4 HOH 53 253 92  HOH HOH B . 
D 4 HOH 54 254 128 HOH HOH B . 
D 4 HOH 55 255 11  HOH HOH B . 
D 4 HOH 56 256 96  HOH HOH B . 
D 4 HOH 57 257 33  HOH HOH B . 
D 4 HOH 58 258 25  HOH HOH B . 
D 4 HOH 59 259 75  HOH HOH B . 
D 4 HOH 60 260 37  HOH HOH B . 
D 4 HOH 61 261 101 HOH HOH B . 
D 4 HOH 62 262 136 HOH HOH B . 
D 4 HOH 63 263 9   HOH HOH B . 
D 4 HOH 64 264 77  HOH HOH B . 
D 4 HOH 65 265 155 HOH HOH B . 
D 4 HOH 66 266 34  HOH HOH B . 
D 4 HOH 67 267 104 HOH HOH B . 
D 4 HOH 68 268 85  HOH HOH B . 
D 4 HOH 69 269 58  HOH HOH B . 
D 4 HOH 70 270 73  HOH HOH B . 
D 4 HOH 71 271 131 HOH HOH B . 
D 4 HOH 72 272 23  HOH HOH B . 
D 4 HOH 73 273 61  HOH HOH B . 
D 4 HOH 74 274 66  HOH HOH B . 
D 4 HOH 75 275 78  HOH HOH B . 
D 4 HOH 76 276 62  HOH HOH B . 
D 4 HOH 77 277 161 HOH HOH B . 
D 4 HOH 78 278 86  HOH HOH B . 
D 4 HOH 79 279 57  HOH HOH B . 
D 4 HOH 80 280 158 HOH HOH B . 
D 4 HOH 81 281 135 HOH HOH B . 
D 4 HOH 82 282 148 HOH HOH B . 
D 4 HOH 83 283 68  HOH HOH B . 
D 4 HOH 84 284 117 HOH HOH B . 
# 
loop_
_software.citation_id 
_software.classification 
_software.compiler_name 
_software.compiler_version 
_software.contact_author 
_software.contact_author_email 
_software.date 
_software.description 
_software.dependencies 
_software.hardware 
_software.language 
_software.location 
_software.mods 
_software.name 
_software.os 
_software.os_version 
_software.type 
_software.version 
_software.pdbx_ordinal 
? refinement       ? ? ? ? ? ? ? ? ? ? ? PHENIX  ? ? ? '(1.11.1_2575: ???)' 1 
? 'data reduction' ? ? ? ? ? ? ? ? ? ? ? DIALS   ? ? ? .                    2 
? 'data scaling'   ? ? ? ? ? ? ? ? ? ? ? DIALS   ? ? ? .                    3 
? 'data scaling'   ? ? ? ? ? ? ? ? ? ? ? xia2    ? ? ? .                    4 
? phasing          ? ? ? ? ? ? ? ? ? ? ? SHELXCD ? ? ? .                    5 
# 
_cell.angle_alpha                  90.00 
_cell.angle_alpha_esd              ? 
_cell.angle_beta                   90.00 
_cell.angle_beta_esd               ? 
_cell.angle_gamma                  90.00 
_cell.angle_gamma_esd              ? 
_cell.entry_id                     6GLD 
_cell.details                      ? 
_cell.formula_units_Z              ? 
_cell.length_a                     42.136 
_cell.length_a_esd                 ? 
_cell.length_b                     42.136 
_cell.length_b_esd                 ? 
_cell.length_c                     39.092 
_cell.length_c_esd                 ? 
_cell.volume                       ? 
_cell.volume_esd                   ? 
_cell.Z_PDB                        8 
_cell.reciprocal_angle_alpha       ? 
_cell.reciprocal_angle_beta        ? 
_cell.reciprocal_angle_gamma       ? 
_cell.reciprocal_angle_alpha_esd   ? 
_cell.reciprocal_angle_beta_esd    ? 
_cell.reciprocal_angle_gamma_esd   ? 
_cell.reciprocal_length_a          ? 
_cell.reciprocal_length_b          ? 
_cell.reciprocal_length_c          ? 
_cell.reciprocal_length_a_esd      ? 
_cell.reciprocal_length_b_esd      ? 
_cell.reciprocal_length_c_esd      ? 
_cell.pdbx_unique_axis             ? 
# 
_symmetry.entry_id                         6GLD 
_symmetry.cell_setting                     ? 
_symmetry.Int_Tables_number                96 
_symmetry.space_group_name_Hall            ? 
_symmetry.space_group_name_H-M             'P 43 21 2' 
_symmetry.pdbx_full_space_group_name_H-M   ? 
# 
_exptl.absorpt_coefficient_mu     ? 
_exptl.absorpt_correction_T_max   ? 
_exptl.absorpt_correction_T_min   ? 
_exptl.absorpt_correction_type    ? 
_exptl.absorpt_process_details    ? 
_exptl.entry_id                   6GLD 
_exptl.crystals_number            1 
_exptl.details                    ? 
_exptl.method                     'X-RAY DIFFRACTION' 
_exptl.method_details             ? 
# 
_exptl_crystal.colour                      ? 
_exptl_crystal.density_diffrn              ? 
_exptl_crystal.density_Matthews            2.85 
_exptl_crystal.density_method              ? 
_exptl_crystal.density_percent_sol         56.82 
_exptl_crystal.description                 ? 
_exptl_crystal.F_000                       ? 
_exptl_crystal.id                          1 
_exptl_crystal.preparation                 ? 
_exptl_crystal.size_max                    ? 
_exptl_crystal.size_mid                    ? 
_exptl_crystal.size_min                    ? 
_exptl_crystal.size_rad                    ? 
_exptl_crystal.colour_lustre               ? 
_exptl_crystal.colour_modifier             ? 
_exptl_crystal.colour_primary              ? 
_exptl_crystal.density_meas                ? 
_exptl_crystal.density_meas_esd            ? 
_exptl_crystal.density_meas_gt             ? 
_exptl_crystal.density_meas_lt             ? 
_exptl_crystal.density_meas_temp           ? 
_exptl_crystal.density_meas_temp_esd       ? 
_exptl_crystal.density_meas_temp_gt        ? 
_exptl_crystal.density_meas_temp_lt        ? 
_exptl_crystal.pdbx_crystal_image_url      ? 
_exptl_crystal.pdbx_crystal_image_format   ? 
_exptl_crystal.pdbx_mosaicity              ? 
_exptl_crystal.pdbx_mosaicity_esd          ? 
# 
_exptl_crystal_grow.apparatus       ? 
_exptl_crystal_grow.atmosphere      ? 
_exptl_crystal_grow.crystal_id      1 
_exptl_crystal_grow.details         ? 
_exptl_crystal_grow.method          'VAPOR DIFFUSION, SITTING DROP' 
_exptl_crystal_grow.method_ref      ? 
_exptl_crystal_grow.pH              7 
_exptl_crystal_grow.pressure        ? 
_exptl_crystal_grow.pressure_esd    ? 
_exptl_crystal_grow.seeding         ? 
_exptl_crystal_grow.seeding_ref     ? 
_exptl_crystal_grow.temp            291 
_exptl_crystal_grow.temp_details    ? 
_exptl_crystal_grow.temp_esd        ? 
_exptl_crystal_grow.time            ? 
_exptl_crystal_grow.pdbx_details    
;125 uM d(TCGGCGCCGA)2, 750 uM rac-[Ru(TAP)2(11-CN-dppz)]Cl2, 7.5% v/v MPD, 30 mM pH 7 sodium cacodylate, 9 mM spermine tetrahydrochloride, 60 mM KCl and 15 mM BaCl2, all equilibrated against 500 uL of 35% v/v MPD.
;
_exptl_crystal_grow.pdbx_pH_range   ? 
# 
_diffrn.ambient_environment    ? 
_diffrn.ambient_temp           100 
_diffrn.ambient_temp_details   ? 
_diffrn.ambient_temp_esd       ? 
_diffrn.crystal_id             1 
_diffrn.crystal_support        ? 
_diffrn.crystal_treatment      ? 
_diffrn.details                ? 
_diffrn.id                     1 
_diffrn.ambient_pressure       ? 
_diffrn.ambient_pressure_esd   ? 
_diffrn.ambient_pressure_gt    ? 
_diffrn.ambient_pressure_lt    ? 
_diffrn.ambient_temp_gt        ? 
_diffrn.ambient_temp_lt        ? 
# 
_diffrn_detector.details                      ? 
_diffrn_detector.detector                     PIXEL 
_diffrn_detector.diffrn_id                    1 
_diffrn_detector.type                         'DECTRIS PILATUS3 S 6M' 
_diffrn_detector.area_resol_mean              ? 
_diffrn_detector.dtime                        ? 
_diffrn_detector.pdbx_frames_total            ? 
_diffrn_detector.pdbx_collection_time_total   ? 
_diffrn_detector.pdbx_collection_date         2018-02-18 
# 
_diffrn_radiation.collimation                      ? 
_diffrn_radiation.diffrn_id                        1 
_diffrn_radiation.filter_edge                      ? 
_diffrn_radiation.inhomogeneity                    ? 
_diffrn_radiation.monochromator                    ? 
_diffrn_radiation.polarisn_norm                    ? 
_diffrn_radiation.polarisn_ratio                   ? 
_diffrn_radiation.probe                            ? 
_diffrn_radiation.type                             ? 
_diffrn_radiation.xray_symbol                      ? 
_diffrn_radiation.wavelength_id                    1 
_diffrn_radiation.pdbx_monochromatic_or_laue_m_l   M 
_diffrn_radiation.pdbx_wavelength_list             ? 
_diffrn_radiation.pdbx_wavelength                  ? 
_diffrn_radiation.pdbx_diffrn_protocol             'SINGLE WAVELENGTH' 
_diffrn_radiation.pdbx_analyzer                    ? 
_diffrn_radiation.pdbx_scattering_type             x-ray 
# 
_diffrn_radiation_wavelength.id           1 
_diffrn_radiation_wavelength.wavelength   0.9763 
_diffrn_radiation_wavelength.wt           1.0 
# 
_diffrn_source.current                     ? 
_diffrn_source.details                     ? 
_diffrn_source.diffrn_id                   1 
_diffrn_source.power                       ? 
_diffrn_source.size                        ? 
_diffrn_source.source                      SYNCHROTRON 
_diffrn_source.target                      ? 
_diffrn_source.type                        'DIAMOND BEAMLINE I03' 
_diffrn_source.voltage                     ? 
_diffrn_source.take-off_angle              ? 
_diffrn_source.pdbx_wavelength_list        0.9763 
_diffrn_source.pdbx_wavelength             ? 
_diffrn_source.pdbx_synchrotron_beamline   I03 
_diffrn_source.pdbx_synchrotron_site       Diamond 
# 
_reflns.B_iso_Wilson_estimate            ? 
_reflns.entry_id                         6GLD 
_reflns.data_reduction_details           ? 
_reflns.data_reduction_method            ? 
_reflns.d_resolution_high                1.06 
_reflns.d_resolution_low                 39.12 
_reflns.details                          ? 
_reflns.limit_h_max                      ? 
_reflns.limit_h_min                      ? 
_reflns.limit_k_max                      ? 
_reflns.limit_k_min                      ? 
_reflns.limit_l_max                      ? 
_reflns.limit_l_min                      ? 
_reflns.number_all                       ? 
_reflns.number_obs                       16081 
_reflns.observed_criterion               ? 
_reflns.observed_criterion_F_max         ? 
_reflns.observed_criterion_F_min         ? 
_reflns.observed_criterion_I_max         ? 
_reflns.observed_criterion_I_min         ? 
_reflns.observed_criterion_sigma_F       0.066 
_reflns.observed_criterion_sigma_I       1.000 
_reflns.percent_possible_obs             97.4 
_reflns.R_free_details                   ? 
_reflns.Rmerge_F_all                     ? 
_reflns.Rmerge_F_obs                     ? 
_reflns.Friedel_coverage                 ? 
_reflns.number_gt                        ? 
_reflns.threshold_expression             ? 
_reflns.pdbx_redundancy                  20.9 
_reflns.pdbx_Rmerge_I_obs                0.151 
_reflns.pdbx_Rmerge_I_all                ? 
_reflns.pdbx_Rsym_value                  ? 
_reflns.pdbx_netI_over_av_sigmaI         ? 
_reflns.pdbx_netI_over_sigmaI            12.1 
_reflns.pdbx_res_netI_over_av_sigmaI_2   ? 
_reflns.pdbx_res_netI_over_sigmaI_2      ? 
_reflns.pdbx_chi_squared                 ? 
_reflns.pdbx_scaling_rejects             ? 
_reflns.pdbx_d_res_high_opt              ? 
_reflns.pdbx_d_res_low_opt               ? 
_reflns.pdbx_d_res_opt_method            ? 
_reflns.phase_calculation_details        ? 
_reflns.pdbx_Rrim_I_all                  0.155 
_reflns.pdbx_Rpim_I_all                  0.032 
_reflns.pdbx_d_opt                       ? 
_reflns.pdbx_number_measured_all         ? 
_reflns.pdbx_diffrn_id                   1 
_reflns.pdbx_ordinal                     1 
_reflns.pdbx_CC_half                     0.996 
_reflns.pdbx_R_split                     ? 
# 
_reflns_shell.d_res_high                  1.06 
_reflns_shell.d_res_low                   2.88 
_reflns_shell.meanI_over_sigI_all         ? 
_reflns_shell.meanI_over_sigI_obs         1.4 
_reflns_shell.number_measured_all         ? 
_reflns_shell.number_measured_obs         ? 
_reflns_shell.number_possible             ? 
_reflns_shell.number_unique_all           ? 
_reflns_shell.number_unique_obs           596 
_reflns_shell.percent_possible_all        74.5 
_reflns_shell.percent_possible_obs        ? 
_reflns_shell.Rmerge_F_all                ? 
_reflns_shell.Rmerge_F_obs                ? 
_reflns_shell.Rmerge_I_all                ? 
_reflns_shell.Rmerge_I_obs                0.847 
_reflns_shell.meanI_over_sigI_gt          ? 
_reflns_shell.meanI_over_uI_all           ? 
_reflns_shell.meanI_over_uI_gt            ? 
_reflns_shell.number_measured_gt          ? 
_reflns_shell.number_unique_gt            ? 
_reflns_shell.percent_possible_gt         ? 
_reflns_shell.Rmerge_F_gt                 ? 
_reflns_shell.Rmerge_I_gt                 ? 
_reflns_shell.pdbx_redundancy             9.1 
_reflns_shell.pdbx_Rsym_value             ? 
_reflns_shell.pdbx_chi_squared            ? 
_reflns_shell.pdbx_netI_over_sigmaI_all   ? 
_reflns_shell.pdbx_netI_over_sigmaI_obs   ? 
_reflns_shell.pdbx_Rrim_I_all             0.897 
_reflns_shell.pdbx_Rpim_I_all             0.282 
_reflns_shell.pdbx_rejects                ? 
_reflns_shell.pdbx_ordinal                1 
_reflns_shell.pdbx_diffrn_id              1 
_reflns_shell.pdbx_CC_half                0.457 
_reflns_shell.pdbx_R_split                ? 
# 
_refine.aniso_B[1][1]                            ? 
_refine.aniso_B[1][2]                            ? 
_refine.aniso_B[1][3]                            ? 
_refine.aniso_B[2][2]                            ? 
_refine.aniso_B[2][3]                            ? 
_refine.aniso_B[3][3]                            ? 
_refine.B_iso_max                                ? 
_refine.B_iso_mean                               ? 
_refine.B_iso_min                                ? 
_refine.correlation_coeff_Fo_to_Fc               ? 
_refine.correlation_coeff_Fo_to_Fc_free          ? 
_refine.details                                  ? 
_refine.diff_density_max                         ? 
_refine.diff_density_max_esd                     ? 
_refine.diff_density_min                         ? 
_refine.diff_density_min_esd                     ? 
_refine.diff_density_rms                         ? 
_refine.diff_density_rms_esd                     ? 
_refine.entry_id                                 6GLD 
_refine.pdbx_refine_id                           'X-RAY DIFFRACTION' 
_refine.ls_abs_structure_details                 ? 
_refine.ls_abs_structure_Flack                   ? 
_refine.ls_abs_structure_Flack_esd               ? 
_refine.ls_abs_structure_Rogers                  ? 
_refine.ls_abs_structure_Rogers_esd              ? 
_refine.ls_d_res_high                            1.061 
_refine.ls_d_res_low                             29.795 
_refine.ls_extinction_coef                       ? 
_refine.ls_extinction_coef_esd                   ? 
_refine.ls_extinction_expression                 ? 
_refine.ls_extinction_method                     ? 
_refine.ls_goodness_of_fit_all                   ? 
_refine.ls_goodness_of_fit_all_esd               ? 
_refine.ls_goodness_of_fit_obs                   ? 
_refine.ls_goodness_of_fit_obs_esd               ? 
_refine.ls_hydrogen_treatment                    ? 
_refine.ls_matrix_type                           ? 
_refine.ls_number_constraints                    ? 
_refine.ls_number_parameters                     ? 
_refine.ls_number_reflns_all                     ? 
_refine.ls_number_reflns_obs                     29454 
_refine.ls_number_reflns_R_free                  1622 
_refine.ls_number_reflns_R_work                  ? 
_refine.ls_number_restraints                     ? 
_refine.ls_percent_reflns_obs                    96.66 
_refine.ls_percent_reflns_R_free                 5.51 
_refine.ls_R_factor_all                          ? 
_refine.ls_R_factor_obs                          0.1499 
_refine.ls_R_factor_R_free                       0.1584 
_refine.ls_R_factor_R_free_error                 ? 
_refine.ls_R_factor_R_free_error_details         ? 
_refine.ls_R_factor_R_work                       0.1493 
_refine.ls_R_Fsqd_factor_obs                     ? 
_refine.ls_R_I_factor_obs                        ? 
_refine.ls_redundancy_reflns_all                 ? 
_refine.ls_redundancy_reflns_obs                 ? 
_refine.ls_restrained_S_all                      ? 
_refine.ls_restrained_S_obs                      ? 
_refine.ls_shift_over_esd_max                    ? 
_refine.ls_shift_over_esd_mean                   ? 
_refine.ls_structure_factor_coef                 ? 
_refine.ls_weighting_details                     ? 
_refine.ls_weighting_scheme                      ? 
_refine.ls_wR_factor_all                         ? 
_refine.ls_wR_factor_obs                         ? 
_refine.ls_wR_factor_R_free                      ? 
_refine.ls_wR_factor_R_work                      ? 
_refine.occupancy_max                            ? 
_refine.occupancy_min                            ? 
_refine.solvent_model_details                    ? 
_refine.solvent_model_param_bsol                 ? 
_refine.solvent_model_param_ksol                 ? 
_refine.ls_R_factor_gt                           ? 
_refine.ls_goodness_of_fit_gt                    ? 
_refine.ls_goodness_of_fit_ref                   ? 
_refine.ls_shift_over_su_max                     ? 
_refine.ls_shift_over_su_max_lt                  ? 
_refine.ls_shift_over_su_mean                    ? 
_refine.ls_shift_over_su_mean_lt                 ? 
_refine.pdbx_ls_sigma_I                          ? 
_refine.pdbx_ls_sigma_F                          1.33 
_refine.pdbx_ls_sigma_Fsqd                       ? 
_refine.pdbx_data_cutoff_high_absF               ? 
_refine.pdbx_data_cutoff_high_rms_absF           ? 
_refine.pdbx_data_cutoff_low_absF                ? 
_refine.pdbx_isotropic_thermal_model             ? 
_refine.pdbx_ls_cross_valid_method               'FREE R-VALUE' 
_refine.pdbx_method_to_determine_struct          SAD 
_refine.pdbx_starting_model                      ? 
_refine.pdbx_stereochemistry_target_values       ? 
_refine.pdbx_R_Free_selection_details            'Random Selection' 
_refine.pdbx_stereochem_target_val_spec_case     ? 
_refine.pdbx_overall_ESU_R                       ? 
_refine.pdbx_overall_ESU_R_Free                  ? 
_refine.pdbx_solvent_vdw_probe_radii             1.11 
_refine.pdbx_solvent_ion_probe_radii             ? 
_refine.pdbx_solvent_shrinkage_radii             0.90 
_refine.pdbx_real_space_R                        ? 
_refine.pdbx_density_correlation                 ? 
_refine.pdbx_pd_number_of_powder_patterns        ? 
_refine.pdbx_pd_number_of_points                 ? 
_refine.pdbx_pd_meas_number_of_points            ? 
_refine.pdbx_pd_proc_ls_prof_R_factor            ? 
_refine.pdbx_pd_proc_ls_prof_wR_factor           ? 
_refine.pdbx_pd_Marquardt_correlation_coeff      ? 
_refine.pdbx_pd_Fsqrd_R_factor                   ? 
_refine.pdbx_pd_ls_matrix_band_width             ? 
_refine.pdbx_overall_phase_error                 20.01 
_refine.pdbx_overall_SU_R_free_Cruickshank_DPI   ? 
_refine.pdbx_overall_SU_R_free_Blow_DPI          ? 
_refine.pdbx_overall_SU_R_Blow_DPI               ? 
_refine.pdbx_TLS_residual_ADP_flag               ? 
_refine.pdbx_diffrn_id                           1 
_refine.overall_SU_B                             ? 
_refine.overall_SU_ML                            0.11 
_refine.overall_SU_R_Cruickshank_DPI             ? 
_refine.overall_SU_R_free                        ? 
_refine.overall_FOM_free_R_set                   ? 
_refine.overall_FOM_work_R_set                   ? 
_refine.pdbx_average_fsc_overall                 ? 
_refine.pdbx_average_fsc_work                    ? 
_refine.pdbx_average_fsc_free                    ? 
# 
_refine_hist.pdbx_refine_id                   'X-RAY DIFFRACTION' 
_refine_hist.cycle_id                         LAST 
_refine_hist.pdbx_number_atoms_protein        0 
_refine_hist.pdbx_number_atoms_nucleic_acid   202 
_refine_hist.pdbx_number_atoms_ligand         53 
_refine_hist.number_atoms_solvent             84 
_refine_hist.number_atoms_total               339 
_refine_hist.d_res_high                       1.061 
_refine_hist.d_res_low                        29.795 
# 
loop_
_refine_ls_restr.pdbx_refine_id 
_refine_ls_restr.criterion 
_refine_ls_restr.dev_ideal 
_refine_ls_restr.dev_ideal_target 
_refine_ls_restr.number 
_refine_ls_restr.rejects 
_refine_ls_restr.type 
_refine_ls_restr.weight 
_refine_ls_restr.pdbx_restraint_function 
'X-RAY DIFFRACTION' ? 0.010  ? 356 ? f_bond_d           ? ? 
'X-RAY DIFFRACTION' ? 1.407  ? 569 ? f_angle_d          ? ? 
'X-RAY DIFFRACTION' ? 27.635 ? 106 ? f_dihedral_angle_d ? ? 
'X-RAY DIFFRACTION' ? 0.071  ? 39  ? f_chiral_restr     ? ? 
'X-RAY DIFFRACTION' ? 0.012  ? 16  ? f_plane_restr      ? ? 
# 
loop_
_refine_ls_shell.pdbx_refine_id 
_refine_ls_shell.d_res_high 
_refine_ls_shell.d_res_low 
_refine_ls_shell.number_reflns_all 
_refine_ls_shell.number_reflns_obs 
_refine_ls_shell.number_reflns_R_free 
_refine_ls_shell.number_reflns_R_work 
_refine_ls_shell.percent_reflns_obs 
_refine_ls_shell.percent_reflns_R_free 
_refine_ls_shell.R_factor_all 
_refine_ls_shell.R_factor_obs 
_refine_ls_shell.R_factor_R_free 
_refine_ls_shell.R_factor_R_free_error 
_refine_ls_shell.R_factor_R_work 
_refine_ls_shell.redundancy_reflns_all 
_refine_ls_shell.redundancy_reflns_obs 
_refine_ls_shell.wR_factor_all 
_refine_ls_shell.wR_factor_obs 
_refine_ls_shell.wR_factor_R_free 
_refine_ls_shell.wR_factor_R_work 
_refine_ls_shell.pdbx_total_number_of_bins_used 
_refine_ls_shell.pdbx_phase_error 
_refine_ls_shell.pdbx_fsc_work 
_refine_ls_shell.pdbx_fsc_free 
'X-RAY DIFFRACTION' 1.0606 1.0918  . . 83  1750 73.00  . . . 0.3426 . 0.3568 . . . . . . . . . . 
'X-RAY DIFFRACTION' 1.0918 1.1271  . . 107 2128 88.00  . . . 0.3147 . 0.3129 . . . . . . . . . . 
'X-RAY DIFFRACTION' 1.1271 1.1673  . . 117 2416 99.00  . . . 0.2330 . 0.2418 . . . . . . . . . . 
'X-RAY DIFFRACTION' 1.1673 1.2141  . . 155 2373 100.00 . . . 0.2200 . 0.2222 . . . . . . . . . . 
'X-RAY DIFFRACTION' 1.2141 1.2693  . . 174 2376 100.00 . . . 0.1879 . 0.1941 . . . . . . . . . . 
'X-RAY DIFFRACTION' 1.2693 1.3363  . . 128 2398 100.00 . . . 0.2117 . 0.1709 . . . . . . . . . . 
'X-RAY DIFFRACTION' 1.3363 1.4200  . . 128 2424 100.00 . . . 0.1757 . 0.1586 . . . . . . . . . . 
'X-RAY DIFFRACTION' 1.4200 1.5296  . . 154 2371 100.00 . . . 0.1150 . 0.1455 . . . . . . . . . . 
'X-RAY DIFFRACTION' 1.5296 1.6835  . . 133 2411 100.00 . . . 0.1560 . 0.1364 . . . . . . . . . . 
'X-RAY DIFFRACTION' 1.6835 1.9271  . . 181 2373 100.00 . . . 0.1555 . 0.1360 . . . . . . . . . . 
'X-RAY DIFFRACTION' 1.9271 2.4278  . . 142 2379 100.00 . . . 0.1442 . 0.1310 . . . . . . . . . . 
'X-RAY DIFFRACTION' 2.4278 29.8065 . . 120 2433 100.00 . . . 0.1407 . 0.1228 . . . . . . . . . . 
# 
_struct.entry_id                     6GLD 
_struct.title                        'Intercalation of [Ru(TAP)2(11-Br-dppz)]2+ bound to d(TCGGCGCCGA)2' 
_struct.pdbx_model_details           ? 
_struct.pdbx_formula_weight          ? 
_struct.pdbx_formula_weight_method   ? 
_struct.pdbx_model_type_details      ? 
_struct.pdbx_CASP_flag               N 
# 
_struct_keywords.entry_id        6GLD 
_struct_keywords.text            'Ruthenium, intercalation, DNA, asymmetric' 
_struct_keywords.pdbx_keywords   DNA 
# 
loop_
_struct_asym.id 
_struct_asym.pdbx_blank_PDB_chainid_flag 
_struct_asym.pdbx_modified 
_struct_asym.entity_id 
_struct_asym.details 
A N N 1 ? 
B N N 2 ? 
C N N 3 ? 
D N N 4 ? 
# 
_struct_ref.id                         1 
_struct_ref.db_name                    PDB 
_struct_ref.db_code                    6GLD 
_struct_ref.pdbx_db_accession          6GLD 
_struct_ref.pdbx_db_isoform            ? 
_struct_ref.entity_id                  1 
_struct_ref.pdbx_seq_one_letter_code   ? 
_struct_ref.pdbx_align_begin           1 
# 
_struct_ref_seq.align_id                      1 
_struct_ref_seq.ref_id                        1 
_struct_ref_seq.pdbx_PDB_id_code              6GLD 
_struct_ref_seq.pdbx_strand_id                B 
_struct_ref_seq.seq_align_beg                 1 
_struct_ref_seq.pdbx_seq_align_beg_ins_code   ? 
_struct_ref_seq.seq_align_end                 10 
_struct_ref_seq.pdbx_seq_align_end_ins_code   ? 
_struct_ref_seq.pdbx_db_accession             6GLD 
_struct_ref_seq.db_align_beg                  1 
_struct_ref_seq.pdbx_db_align_beg_ins_code    ? 
_struct_ref_seq.db_align_end                  10 
_struct_ref_seq.pdbx_db_align_end_ins_code    ? 
_struct_ref_seq.pdbx_auth_seq_align_beg       1 
_struct_ref_seq.pdbx_auth_seq_align_end       10 
# 
_pdbx_struct_assembly.id                   1 
_pdbx_struct_assembly.details              author_and_software_defined_assembly 
_pdbx_struct_assembly.method_details       PISA 
_pdbx_struct_assembly.oligomeric_details   dimeric 
_pdbx_struct_assembly.oligomeric_count     2 
# 
loop_
_pdbx_struct_assembly_prop.biol_id 
_pdbx_struct_assembly_prop.type 
_pdbx_struct_assembly_prop.value 
_pdbx_struct_assembly_prop.details 
1 'ABSA (A^2)' 1680 ? 
1 MORE         -21  ? 
1 'SSA (A^2)'  4620 ? 
# 
_pdbx_struct_assembly_gen.assembly_id       1 
_pdbx_struct_assembly_gen.oper_expression   1,2 
_pdbx_struct_assembly_gen.asym_id_list      A,B,C,D 
# 
_pdbx_struct_assembly_auth_evidence.id                     1 
_pdbx_struct_assembly_auth_evidence.assembly_id            1 
_pdbx_struct_assembly_auth_evidence.experimental_support   none 
_pdbx_struct_assembly_auth_evidence.details                ? 
# 
loop_
_pdbx_struct_oper_list.id 
_pdbx_struct_oper_list.type 
_pdbx_struct_oper_list.name 
_pdbx_struct_oper_list.symmetry_operation 
_pdbx_struct_oper_list.matrix[1][1] 
_pdbx_struct_oper_list.matrix[1][2] 
_pdbx_struct_oper_list.matrix[1][3] 
_pdbx_struct_oper_list.vector[1] 
_pdbx_struct_oper_list.matrix[2][1] 
_pdbx_struct_oper_list.matrix[2][2] 
_pdbx_struct_oper_list.matrix[2][3] 
_pdbx_struct_oper_list.vector[2] 
_pdbx_struct_oper_list.matrix[3][1] 
_pdbx_struct_oper_list.matrix[3][2] 
_pdbx_struct_oper_list.matrix[3][3] 
_pdbx_struct_oper_list.vector[3] 
1 'identity operation'         1_555 x,y,z  1.0000000000  0.0000000000 0.0000000000 0.0000000000  0.0000000000 1.0000000000 0.0000000000 0.0000000000 0.0000000000 0.0000000000 1.0000000000  0.0000000000  
2 'crystal symmetry operation' 7_555 y,x,-z -0.5022801377 0.8000459425 0.3280871120 -5.4343769983 0.8000459425 0.2860115874 0.5273744985 4.2643635028 0.3280871120 0.5273744985 -0.7837314497 -2.1545782231 
# 
loop_
_struct_conn.id 
_struct_conn.conn_type_id 
_struct_conn.pdbx_leaving_atom_flag 
_struct_conn.pdbx_PDB_id 
_struct_conn.ptnr1_label_asym_id 
_struct_conn.ptnr1_label_comp_id 
_struct_conn.ptnr1_label_seq_id 
_struct_conn.ptnr1_label_atom_id 
_struct_conn.pdbx_ptnr1_label_alt_id 
_struct_conn.pdbx_ptnr1_PDB_ins_code 
_struct_conn.pdbx_ptnr1_standard_comp_id 
_struct_conn.ptnr1_symmetry 
_struct_conn.ptnr2_label_asym_id 
_struct_conn.ptnr2_label_comp_id 
_struct_conn.ptnr2_label_seq_id 
_struct_conn.ptnr2_label_atom_id 
_struct_conn.pdbx_ptnr2_label_alt_id 
_struct_conn.pdbx_ptnr2_PDB_ins_code 
_struct_conn.ptnr1_auth_asym_id 
_struct_conn.ptnr1_auth_comp_id 
_struct_conn.ptnr1_auth_seq_id 
_struct_conn.ptnr2_auth_asym_id 
_struct_conn.ptnr2_auth_comp_id 
_struct_conn.ptnr2_auth_seq_id 
_struct_conn.ptnr2_symmetry 
_struct_conn.pdbx_ptnr3_label_atom_id 
_struct_conn.pdbx_ptnr3_label_seq_id 
_struct_conn.pdbx_ptnr3_label_comp_id 
_struct_conn.pdbx_ptnr3_label_asym_id 
_struct_conn.pdbx_ptnr3_label_alt_id 
_struct_conn.pdbx_ptnr3_PDB_ins_code 
_struct_conn.details 
_struct_conn.pdbx_dist_value 
_struct_conn.pdbx_value_order 
_struct_conn.pdbx_role 
metalc1  metalc ? ? A DG 4 O6 ? ? ? 1_555 B BA  . BA ? ? B DG 4   B BA  101 1_555 ? ? ? ? ? ? ?            2.855 ? ? 
metalc2  metalc ? ? B BA . BA ? ? ? 1_555 D HOH . O  ? ? B BA 101 B HOH 214 1_555 ? ? ? ? ? ? ?            2.773 ? ? 
metalc3  metalc ? ? B BA . BA ? ? ? 1_555 D HOH . O  ? ? B BA 101 B HOH 222 1_555 ? ? ? ? ? ? ?            2.844 ? ? 
metalc4  metalc ? ? B BA . BA ? ? ? 1_555 D HOH . O  ? ? B BA 101 B HOH 223 1_555 ? ? ? ? ? ? ?            2.834 ? ? 
metalc5  metalc ? ? B BA . BA ? ? ? 1_555 D HOH . O  ? ? B BA 101 B HOH 231 1_555 ? ? ? ? ? ? ?            2.782 ? ? 
metalc6  metalc ? ? B BA . BA ? ? ? 1_555 D HOH . O  ? ? B BA 101 B HOH 241 1_555 ? ? ? ? ? ? ?            2.769 ? ? 
metalc7  metalc ? ? B BA . BA ? ? ? 1_555 D HOH . O  ? ? B BA 101 B HOH 268 1_555 ? ? ? ? ? ? ?            2.756 ? ? 
hydrog1  hydrog ? ? A DC 2 N3 ? ? ? 1_555 A DG  9 N1 ? ? B DC 2   B DG  9   7_555 ? ? ? ? ? ? WATSON-CRICK ?     ? ? 
hydrog2  hydrog ? ? A DC 2 N4 ? ? ? 1_555 A DG  9 O6 ? ? B DC 2   B DG  9   7_555 ? ? ? ? ? ? WATSON-CRICK ?     ? ? 
hydrog3  hydrog ? ? A DC 2 O2 ? ? ? 1_555 A DG  9 N2 ? ? B DC 2   B DG  9   7_555 ? ? ? ? ? ? WATSON-CRICK ?     ? ? 
hydrog4  hydrog ? ? A DG 3 N1 ? ? ? 1_555 A DC  8 N3 ? ? B DG 3   B DC  8   7_555 ? ? ? ? ? ? WATSON-CRICK ?     ? ? 
hydrog5  hydrog ? ? A DG 3 N2 ? ? ? 1_555 A DC  8 O2 ? ? B DG 3   B DC  8   7_555 ? ? ? ? ? ? WATSON-CRICK ?     ? ? 
hydrog6  hydrog ? ? A DG 3 O6 ? ? ? 1_555 A DC  8 N4 ? ? B DG 3   B DC  8   7_555 ? ? ? ? ? ? WATSON-CRICK ?     ? ? 
hydrog7  hydrog ? ? A DG 4 N1 ? ? ? 1_555 A DC  7 N3 ? ? B DG 4   B DC  7   7_555 ? ? ? ? ? ? WATSON-CRICK ?     ? ? 
hydrog8  hydrog ? ? A DG 4 N2 ? ? ? 1_555 A DC  7 O2 ? ? B DG 4   B DC  7   7_555 ? ? ? ? ? ? WATSON-CRICK ?     ? ? 
hydrog9  hydrog ? ? A DG 4 O6 ? ? ? 1_555 A DC  7 N4 ? ? B DG 4   B DC  7   7_555 ? ? ? ? ? ? WATSON-CRICK ?     ? ? 
hydrog10 hydrog ? ? A DC 5 N3 ? ? ? 1_555 A DG  6 N1 ? ? B DC 5   B DG  6   7_555 ? ? ? ? ? ? WATSON-CRICK ?     ? ? 
hydrog11 hydrog ? ? A DC 5 N4 ? ? ? 1_555 A DG  6 O6 ? ? B DC 5   B DG  6   7_555 ? ? ? ? ? ? WATSON-CRICK ?     ? ? 
hydrog12 hydrog ? ? A DC 5 O2 ? ? ? 1_555 A DG  6 N2 ? ? B DC 5   B DG  6   7_555 ? ? ? ? ? ? WATSON-CRICK ?     ? ? 
hydrog13 hydrog ? ? A DG 6 N1 ? ? ? 1_555 A DC  5 N3 ? ? B DG 6   B DC  5   7_555 ? ? ? ? ? ? WATSON-CRICK ?     ? ? 
hydrog14 hydrog ? ? A DG 6 N2 ? ? ? 1_555 A DC  5 O2 ? ? B DG 6   B DC  5   7_555 ? ? ? ? ? ? WATSON-CRICK ?     ? ? 
hydrog15 hydrog ? ? A DG 6 O6 ? ? ? 1_555 A DC  5 N4 ? ? B DG 6   B DC  5   7_555 ? ? ? ? ? ? WATSON-CRICK ?     ? ? 
hydrog16 hydrog ? ? A DC 7 N3 ? ? ? 1_555 A DG  4 N1 ? ? B DC 7   B DG  4   7_555 ? ? ? ? ? ? WATSON-CRICK ?     ? ? 
hydrog17 hydrog ? ? A DC 7 N4 ? ? ? 1_555 A DG  4 O6 ? ? B DC 7   B DG  4   7_555 ? ? ? ? ? ? WATSON-CRICK ?     ? ? 
hydrog18 hydrog ? ? A DC 7 O2 ? ? ? 1_555 A DG  4 N2 ? ? B DC 7   B DG  4   7_555 ? ? ? ? ? ? WATSON-CRICK ?     ? ? 
hydrog19 hydrog ? ? A DC 8 N3 ? ? ? 1_555 A DG  3 N1 ? ? B DC 8   B DG  3   7_555 ? ? ? ? ? ? WATSON-CRICK ?     ? ? 
hydrog20 hydrog ? ? A DC 8 N4 ? ? ? 1_555 A DG  3 O6 ? ? B DC 8   B DG  3   7_555 ? ? ? ? ? ? WATSON-CRICK ?     ? ? 
hydrog21 hydrog ? ? A DC 8 O2 ? ? ? 1_555 A DG  3 N2 ? ? B DC 8   B DG  3   7_555 ? ? ? ? ? ? WATSON-CRICK ?     ? ? 
hydrog22 hydrog ? ? A DG 9 N1 ? ? ? 1_555 A DC  2 N3 ? ? B DG 9   B DC  2   7_555 ? ? ? ? ? ? WATSON-CRICK ?     ? ? 
hydrog23 hydrog ? ? A DG 9 N2 ? ? ? 1_555 A DC  2 O2 ? ? B DG 9   B DC  2   7_555 ? ? ? ? ? ? WATSON-CRICK ?     ? ? 
hydrog24 hydrog ? ? A DG 9 O6 ? ? ? 1_555 A DC  2 N4 ? ? B DG 9   B DC  2   7_555 ? ? ? ? ? ? WATSON-CRICK ?     ? ? 
# 
loop_
_struct_conn_type.id 
_struct_conn_type.criteria 
_struct_conn_type.reference 
metalc ? ? 
hydrog ? ? 
# 
loop_
_pdbx_struct_conn_angle.id 
_pdbx_struct_conn_angle.ptnr1_label_atom_id 
_pdbx_struct_conn_angle.ptnr1_label_alt_id 
_pdbx_struct_conn_angle.ptnr1_label_asym_id 
_pdbx_struct_conn_angle.ptnr1_label_comp_id 
_pdbx_struct_conn_angle.ptnr1_label_seq_id 
_pdbx_struct_conn_angle.ptnr1_auth_atom_id 
_pdbx_struct_conn_angle.ptnr1_auth_asym_id 
_pdbx_struct_conn_angle.ptnr1_auth_comp_id 
_pdbx_struct_conn_angle.ptnr1_auth_seq_id 
_pdbx_struct_conn_angle.ptnr1_PDB_ins_code 
_pdbx_struct_conn_angle.ptnr1_symmetry 
_pdbx_struct_conn_angle.ptnr2_label_atom_id 
_pdbx_struct_conn_angle.ptnr2_label_alt_id 
_pdbx_struct_conn_angle.ptnr2_label_asym_id 
_pdbx_struct_conn_angle.ptnr2_label_comp_id 
_pdbx_struct_conn_angle.ptnr2_label_seq_id 
_pdbx_struct_conn_angle.ptnr2_auth_atom_id 
_pdbx_struct_conn_angle.ptnr2_auth_asym_id 
_pdbx_struct_conn_angle.ptnr2_auth_comp_id 
_pdbx_struct_conn_angle.ptnr2_auth_seq_id 
_pdbx_struct_conn_angle.ptnr2_PDB_ins_code 
_pdbx_struct_conn_angle.ptnr2_symmetry 
_pdbx_struct_conn_angle.ptnr3_label_atom_id 
_pdbx_struct_conn_angle.ptnr3_label_alt_id 
_pdbx_struct_conn_angle.ptnr3_label_asym_id 
_pdbx_struct_conn_angle.ptnr3_label_comp_id 
_pdbx_struct_conn_angle.ptnr3_label_seq_id 
_pdbx_struct_conn_angle.ptnr3_auth_atom_id 
_pdbx_struct_conn_angle.ptnr3_auth_asym_id 
_pdbx_struct_conn_angle.ptnr3_auth_comp_id 
_pdbx_struct_conn_angle.ptnr3_auth_seq_id 
_pdbx_struct_conn_angle.ptnr3_PDB_ins_code 
_pdbx_struct_conn_angle.ptnr3_symmetry 
_pdbx_struct_conn_angle.value 
_pdbx_struct_conn_angle.value_esd 
1  O6 ? A DG  4 ? B DG  4   ? 1_555 BA ? B BA . ? B BA 101 ? 1_555 O ? D HOH . ? B HOH 214 ? 1_555 69.5  ? 
2  O6 ? A DG  4 ? B DG  4   ? 1_555 BA ? B BA . ? B BA 101 ? 1_555 O ? D HOH . ? B HOH 222 ? 1_555 127.1 ? 
3  O  ? D HOH . ? B HOH 214 ? 1_555 BA ? B BA . ? B BA 101 ? 1_555 O ? D HOH . ? B HOH 222 ? 1_555 140.0 ? 
4  O6 ? A DG  4 ? B DG  4   ? 1_555 BA ? B BA . ? B BA 101 ? 1_555 O ? D HOH . ? B HOH 223 ? 1_555 138.6 ? 
5  O  ? D HOH . ? B HOH 214 ? 1_555 BA ? B BA . ? B BA 101 ? 1_555 O ? D HOH . ? B HOH 223 ? 1_555 77.5  ? 
6  O  ? D HOH . ? B HOH 222 ? 1_555 BA ? B BA . ? B BA 101 ? 1_555 O ? D HOH . ? B HOH 223 ? 1_555 68.0  ? 
7  O6 ? A DG  4 ? B DG  4   ? 1_555 BA ? B BA . ? B BA 101 ? 1_555 O ? D HOH . ? B HOH 231 ? 1_555 64.3  ? 
8  O  ? D HOH . ? B HOH 214 ? 1_555 BA ? B BA . ? B BA 101 ? 1_555 O ? D HOH . ? B HOH 231 ? 1_555 83.0  ? 
9  O  ? D HOH . ? B HOH 222 ? 1_555 BA ? B BA . ? B BA 101 ? 1_555 O ? D HOH . ? B HOH 231 ? 1_555 136.3 ? 
10 O  ? D HOH . ? B HOH 223 ? 1_555 BA ? B BA . ? B BA 101 ? 1_555 O ? D HOH . ? B HOH 231 ? 1_555 136.0 ? 
11 O6 ? A DG  4 ? B DG  4   ? 1_555 BA ? B BA . ? B BA 101 ? 1_555 O ? D HOH . ? B HOH 241 ? 1_555 107.0 ? 
12 O  ? D HOH . ? B HOH 214 ? 1_555 BA ? B BA . ? B BA 101 ? 1_555 O ? D HOH . ? B HOH 241 ? 1_555 149.1 ? 
13 O  ? D HOH . ? B HOH 222 ? 1_555 BA ? B BA . ? B BA 101 ? 1_555 O ? D HOH . ? B HOH 241 ? 1_555 67.6  ? 
14 O  ? D HOH . ? B HOH 223 ? 1_555 BA ? B BA . ? B BA 101 ? 1_555 O ? D HOH . ? B HOH 241 ? 1_555 114.1 ? 
15 O  ? D HOH . ? B HOH 231 ? 1_555 BA ? B BA . ? B BA 101 ? 1_555 O ? D HOH . ? B HOH 241 ? 1_555 68.8  ? 
16 O6 ? A DG  4 ? B DG  4   ? 1_555 BA ? B BA . ? B BA 101 ? 1_555 O ? D HOH . ? B HOH 268 ? 1_555 123.0 ? 
17 O  ? D HOH . ? B HOH 214 ? 1_555 BA ? B BA . ? B BA 101 ? 1_555 O ? D HOH . ? B HOH 268 ? 1_555 77.2  ? 
18 O  ? D HOH . ? B HOH 222 ? 1_555 BA ? B BA . ? B BA 101 ? 1_555 O ? D HOH . ? B HOH 268 ? 1_555 108.2 ? 
19 O  ? D HOH . ? B HOH 223 ? 1_555 BA ? B BA . ? B BA 101 ? 1_555 O ? D HOH . ? B HOH 268 ? 1_555 70.5  ? 
20 O  ? D HOH . ? B HOH 231 ? 1_555 BA ? B BA . ? B BA 101 ? 1_555 O ? D HOH . ? B HOH 268 ? 1_555 66.9  ? 
21 O  ? D HOH . ? B HOH 241 ? 1_555 BA ? B BA . ? B BA 101 ? 1_555 O ? D HOH . ? B HOH 268 ? 1_555 80.1  ? 
# 
loop_
_struct_site.id 
_struct_site.pdbx_evidence_code 
_struct_site.pdbx_auth_asym_id 
_struct_site.pdbx_auth_comp_id 
_struct_site.pdbx_auth_seq_id 
_struct_site.pdbx_auth_ins_code 
_struct_site.pdbx_num_residues 
_struct_site.details 
AC1 Software B BA  101 ? 8  'binding site for residue BA B 101'  
AC2 Software B F3K 102 ? 12 'binding site for residue F3K B 102' 
# 
loop_
_struct_site_gen.id 
_struct_site_gen.site_id 
_struct_site_gen.pdbx_num_res 
_struct_site_gen.label_comp_id 
_struct_site_gen.label_asym_id 
_struct_site_gen.label_seq_id 
_struct_site_gen.pdbx_auth_ins_code 
_struct_site_gen.auth_comp_id 
_struct_site_gen.auth_asym_id 
_struct_site_gen.auth_seq_id 
_struct_site_gen.label_atom_id 
_struct_site_gen.label_alt_id 
_struct_site_gen.symmetry 
_struct_site_gen.details 
1  AC1 8  DG  A 3  ? DG  B 3   . ? 1_555 ? 
2  AC1 8  DG  A 4  ? DG  B 4   . ? 1_555 ? 
3  AC1 8  HOH D .  ? HOH B 214 . ? 1_555 ? 
4  AC1 8  HOH D .  ? HOH B 222 . ? 1_555 ? 
5  AC1 8  HOH D .  ? HOH B 223 . ? 1_555 ? 
6  AC1 8  HOH D .  ? HOH B 231 . ? 1_555 ? 
7  AC1 8  HOH D .  ? HOH B 241 . ? 1_555 ? 
8  AC1 8  HOH D .  ? HOH B 268 . ? 1_555 ? 
9  AC2 12 DT  A 1  ? DT  B 1   . ? 1_555 ? 
10 AC2 12 DC  A 2  ? DC  B 2   . ? 1_555 ? 
11 AC2 12 DG  A 3  ? DG  B 3   . ? 4_555 ? 
12 AC2 12 DG  A 3  ? DG  B 3   . ? 1_555 ? 
13 AC2 12 DG  A 4  ? DG  B 4   . ? 4_555 ? 
14 AC2 12 DC  A 5  ? DC  B 5   . ? 4_555 ? 
15 AC2 12 DC  A 7  ? DC  B 7   . ? 6_555 ? 
16 AC2 12 DC  A 8  ? DC  B 8   . ? 6_555 ? 
17 AC2 12 DG  A 9  ? DG  B 9   . ? 7_555 ? 
18 AC2 12 DA  A 10 ? DA  B 10  . ? 6_555 ? 
19 AC2 12 HOH D .  ? HOH B 244 . ? 1_555 ? 
20 AC2 12 HOH D .  ? HOH B 255 . ? 1_555 ? 
# 
_pdbx_validate_rmsd_bond.id                        1 
_pdbx_validate_rmsd_bond.PDB_model_num             1 
_pdbx_validate_rmsd_bond.auth_atom_id_1            "O3'" 
_pdbx_validate_rmsd_bond.auth_asym_id_1            B 
_pdbx_validate_rmsd_bond.auth_comp_id_1            DC 
_pdbx_validate_rmsd_bond.auth_seq_id_1             5 
_pdbx_validate_rmsd_bond.PDB_ins_code_1            ? 
_pdbx_validate_rmsd_bond.label_alt_id_1            ? 
_pdbx_validate_rmsd_bond.auth_atom_id_2            "C3'" 
_pdbx_validate_rmsd_bond.auth_asym_id_2            B 
_pdbx_validate_rmsd_bond.auth_comp_id_2            DC 
_pdbx_validate_rmsd_bond.auth_seq_id_2             5 
_pdbx_validate_rmsd_bond.PDB_ins_code_2            ? 
_pdbx_validate_rmsd_bond.label_alt_id_2            ? 
_pdbx_validate_rmsd_bond.bond_value                1.365 
_pdbx_validate_rmsd_bond.bond_target_value         1.419 
_pdbx_validate_rmsd_bond.bond_deviation            -0.054 
_pdbx_validate_rmsd_bond.bond_standard_deviation   0.006 
_pdbx_validate_rmsd_bond.linker_flag               N 
# 
_pdbx_validate_rmsd_angle.id                         1 
_pdbx_validate_rmsd_angle.PDB_model_num              1 
_pdbx_validate_rmsd_angle.auth_atom_id_1             "O4'" 
_pdbx_validate_rmsd_angle.auth_asym_id_1             B 
_pdbx_validate_rmsd_angle.auth_comp_id_1             DG 
_pdbx_validate_rmsd_angle.auth_seq_id_1              9 
_pdbx_validate_rmsd_angle.PDB_ins_code_1             ? 
_pdbx_validate_rmsd_angle.label_alt_id_1             ? 
_pdbx_validate_rmsd_angle.auth_atom_id_2             "C1'" 
_pdbx_validate_rmsd_angle.auth_asym_id_2             B 
_pdbx_validate_rmsd_angle.auth_comp_id_2             DG 
_pdbx_validate_rmsd_angle.auth_seq_id_2              9 
_pdbx_validate_rmsd_angle.PDB_ins_code_2             ? 
_pdbx_validate_rmsd_angle.label_alt_id_2             ? 
_pdbx_validate_rmsd_angle.auth_atom_id_3             N9 
_pdbx_validate_rmsd_angle.auth_asym_id_3             B 
_pdbx_validate_rmsd_angle.auth_comp_id_3             DG 
_pdbx_validate_rmsd_angle.auth_seq_id_3              9 
_pdbx_validate_rmsd_angle.PDB_ins_code_3             ? 
_pdbx_validate_rmsd_angle.label_alt_id_3             ? 
_pdbx_validate_rmsd_angle.angle_value                110.11 
_pdbx_validate_rmsd_angle.angle_target_value         108.30 
_pdbx_validate_rmsd_angle.angle_deviation            1.81 
_pdbx_validate_rmsd_angle.angle_standard_deviation   0.30 
_pdbx_validate_rmsd_angle.linker_flag                N 
# 
_pdbx_struct_special_symmetry.id              1 
_pdbx_struct_special_symmetry.PDB_model_num   1 
_pdbx_struct_special_symmetry.auth_asym_id    B 
_pdbx_struct_special_symmetry.auth_comp_id    HOH 
_pdbx_struct_special_symmetry.auth_seq_id     262 
_pdbx_struct_special_symmetry.PDB_ins_code    ? 
_pdbx_struct_special_symmetry.label_asym_id   D 
_pdbx_struct_special_symmetry.label_comp_id   HOH 
_pdbx_struct_special_symmetry.label_seq_id    . 
# 
_pdbx_refine_tls.pdbx_refine_id   'X-RAY DIFFRACTION' 
_pdbx_refine_tls.id               1 
_pdbx_refine_tls.details          ? 
_pdbx_refine_tls.method           refined 
_pdbx_refine_tls.origin_x         0.4051 
_pdbx_refine_tls.origin_y         -0.2495 
_pdbx_refine_tls.origin_z         0.1300 
_pdbx_refine_tls.T[1][1]          0.0860 
_pdbx_refine_tls.T[2][2]          0.0940 
_pdbx_refine_tls.T[3][3]          0.1344 
_pdbx_refine_tls.T[1][2]          -0.0049 
_pdbx_refine_tls.T[1][3]          0.0028 
_pdbx_refine_tls.T[2][3]          -0.0310 
_pdbx_refine_tls.L[1][1]          5.6188 
_pdbx_refine_tls.L[2][2]          1.3580 
_pdbx_refine_tls.L[3][3]          3.3821 
_pdbx_refine_tls.L[1][2]          -1.8550 
_pdbx_refine_tls.L[1][3]          3.3934 
_pdbx_refine_tls.L[2][3]          -1.3382 
_pdbx_refine_tls.S[1][1]          -0.0201 
_pdbx_refine_tls.S[1][2]          -0.1100 
_pdbx_refine_tls.S[1][3]          -0.0425 
_pdbx_refine_tls.S[2][1]          -0.0426 
_pdbx_refine_tls.S[2][2]          -0.0042 
_pdbx_refine_tls.S[2][3]          0.0700 
_pdbx_refine_tls.S[3][1]          -0.0443 
_pdbx_refine_tls.S[3][2]          -0.1175 
_pdbx_refine_tls.S[3][3]          0.0366 
# 
_pdbx_refine_tls_group.pdbx_refine_id      'X-RAY DIFFRACTION' 
_pdbx_refine_tls_group.id                  1 
_pdbx_refine_tls_group.refine_tls_id       1 
_pdbx_refine_tls_group.beg_auth_asym_id    ? 
_pdbx_refine_tls_group.beg_auth_seq_id     ? 
_pdbx_refine_tls_group.beg_label_asym_id   ? 
_pdbx_refine_tls_group.beg_label_seq_id    ? 
_pdbx_refine_tls_group.end_auth_asym_id    ? 
_pdbx_refine_tls_group.end_auth_seq_id     ? 
_pdbx_refine_tls_group.end_label_asym_id   ? 
_pdbx_refine_tls_group.end_label_seq_id    ? 
_pdbx_refine_tls_group.selection           ? 
_pdbx_refine_tls_group.selection_details   all 
# 
loop_
_pdbx_distant_solvent_atoms.id 
_pdbx_distant_solvent_atoms.PDB_model_num 
_pdbx_distant_solvent_atoms.auth_atom_id 
_pdbx_distant_solvent_atoms.label_alt_id 
_pdbx_distant_solvent_atoms.auth_asym_id 
_pdbx_distant_solvent_atoms.auth_comp_id 
_pdbx_distant_solvent_atoms.auth_seq_id 
_pdbx_distant_solvent_atoms.PDB_ins_code 
_pdbx_distant_solvent_atoms.neighbor_macromolecule_distance 
_pdbx_distant_solvent_atoms.neighbor_ligand_distance 
1  1 O ? B HOH 270 ? 5.85  .     
2  1 O ? B HOH 271 ? .     6.03  
3  1 O ? B HOH 272 ? 6.04  .     
4  1 O ? B HOH 273 ? 6.12  .     
5  1 O ? B HOH 274 ? 6.20  .     
6  1 O ? B HOH 275 ? .     6.31  
7  1 O ? B HOH 276 ? 6.79  .     
8  1 O ? B HOH 277 ? 7.27  .     
9  1 O ? B HOH 278 ? .     7.46  
10 1 O ? B HOH 279 ? .     7.51  
11 1 O ? B HOH 280 ? 7.63  .     
12 1 O ? B HOH 281 ? 8.47  .     
13 1 O ? B HOH 282 ? 10.05 .     
14 1 O ? B HOH 283 ? .     10.10 
15 1 O ? B HOH 284 ? .     11.26 
# 
loop_
_chem_comp_atom.comp_id 
_chem_comp_atom.atom_id 
_chem_comp_atom.type_symbol 
_chem_comp_atom.pdbx_aromatic_flag 
_chem_comp_atom.pdbx_stereo_config 
_chem_comp_atom.pdbx_ordinal 
BA  BA     BA N N 1   
DA  OP3    O  N N 2   
DA  P      P  N N 3   
DA  OP1    O  N N 4   
DA  OP2    O  N N 5   
DA  "O5'"  O  N N 6   
DA  "C5'"  C  N N 7   
DA  "C4'"  C  N R 8   
DA  "O4'"  O  N N 9   
DA  "C3'"  C  N S 10  
DA  "O3'"  O  N N 11  
DA  "C2'"  C  N N 12  
DA  "C1'"  C  N R 13  
DA  N9     N  Y N 14  
DA  C8     C  Y N 15  
DA  N7     N  Y N 16  
DA  C5     C  Y N 17  
DA  C6     C  Y N 18  
DA  N6     N  N N 19  
DA  N1     N  Y N 20  
DA  C2     C  Y N 21  
DA  N3     N  Y N 22  
DA  C4     C  Y N 23  
DA  HOP3   H  N N 24  
DA  HOP2   H  N N 25  
DA  "H5'"  H  N N 26  
DA  "H5''" H  N N 27  
DA  "H4'"  H  N N 28  
DA  "H3'"  H  N N 29  
DA  "HO3'" H  N N 30  
DA  "H2'"  H  N N 31  
DA  "H2''" H  N N 32  
DA  "H1'"  H  N N 33  
DA  H8     H  N N 34  
DA  H61    H  N N 35  
DA  H62    H  N N 36  
DA  H2     H  N N 37  
DC  OP3    O  N N 38  
DC  P      P  N N 39  
DC  OP1    O  N N 40  
DC  OP2    O  N N 41  
DC  "O5'"  O  N N 42  
DC  "C5'"  C  N N 43  
DC  "C4'"  C  N R 44  
DC  "O4'"  O  N N 45  
DC  "C3'"  C  N S 46  
DC  "O3'"  O  N N 47  
DC  "C2'"  C  N N 48  
DC  "C1'"  C  N R 49  
DC  N1     N  N N 50  
DC  C2     C  N N 51  
DC  O2     O  N N 52  
DC  N3     N  N N 53  
DC  C4     C  N N 54  
DC  N4     N  N N 55  
DC  C5     C  N N 56  
DC  C6     C  N N 57  
DC  HOP3   H  N N 58  
DC  HOP2   H  N N 59  
DC  "H5'"  H  N N 60  
DC  "H5''" H  N N 61  
DC  "H4'"  H  N N 62  
DC  "H3'"  H  N N 63  
DC  "HO3'" H  N N 64  
DC  "H2'"  H  N N 65  
DC  "H2''" H  N N 66  
DC  "H1'"  H  N N 67  
DC  H41    H  N N 68  
DC  H42    H  N N 69  
DC  H5     H  N N 70  
DC  H6     H  N N 71  
DG  OP3    O  N N 72  
DG  P      P  N N 73  
DG  OP1    O  N N 74  
DG  OP2    O  N N 75  
DG  "O5'"  O  N N 76  
DG  "C5'"  C  N N 77  
DG  "C4'"  C  N R 78  
DG  "O4'"  O  N N 79  
DG  "C3'"  C  N S 80  
DG  "O3'"  O  N N 81  
DG  "C2'"  C  N N 82  
DG  "C1'"  C  N R 83  
DG  N9     N  Y N 84  
DG  C8     C  Y N 85  
DG  N7     N  Y N 86  
DG  C5     C  Y N 87  
DG  C6     C  N N 88  
DG  O6     O  N N 89  
DG  N1     N  N N 90  
DG  C2     C  N N 91  
DG  N2     N  N N 92  
DG  N3     N  N N 93  
DG  C4     C  Y N 94  
DG  HOP3   H  N N 95  
DG  HOP2   H  N N 96  
DG  "H5'"  H  N N 97  
DG  "H5''" H  N N 98  
DG  "H4'"  H  N N 99  
DG  "H3'"  H  N N 100 
DG  "HO3'" H  N N 101 
DG  "H2'"  H  N N 102 
DG  "H2''" H  N N 103 
DG  "H1'"  H  N N 104 
DG  H8     H  N N 105 
DG  H1     H  N N 106 
DG  H21    H  N N 107 
DG  H22    H  N N 108 
DT  OP3    O  N N 109 
DT  P      P  N N 110 
DT  OP1    O  N N 111 
DT  OP2    O  N N 112 
DT  "O5'"  O  N N 113 
DT  "C5'"  C  N N 114 
DT  "C4'"  C  N R 115 
DT  "O4'"  O  N N 116 
DT  "C3'"  C  N S 117 
DT  "O3'"  O  N N 118 
DT  "C2'"  C  N N 119 
DT  "C1'"  C  N R 120 
DT  N1     N  N N 121 
DT  C2     C  N N 122 
DT  O2     O  N N 123 
DT  N3     N  N N 124 
DT  C4     C  N N 125 
DT  O4     O  N N 126 
DT  C5     C  N N 127 
DT  C7     C  N N 128 
DT  C6     C  N N 129 
DT  HOP3   H  N N 130 
DT  HOP2   H  N N 131 
DT  "H5'"  H  N N 132 
DT  "H5''" H  N N 133 
DT  "H4'"  H  N N 134 
DT  "H3'"  H  N N 135 
DT  "HO3'" H  N N 136 
DT  "H2'"  H  N N 137 
DT  "H2''" H  N N 138 
DT  "H1'"  H  N N 139 
DT  H3     H  N N 140 
DT  H71    H  N N 141 
DT  H72    H  N N 142 
DT  H73    H  N N 143 
DT  H6     H  N N 144 
F3K C22    C  Y N 145 
F3K C17    C  Y N 146 
F3K C18    C  Y N 147 
F3K C19    C  Y N 148 
F3K C20    C  Y N 149 
F3K C21    C  Y N 150 
F3K C24    C  Y N 151 
F3K C11    C  Y N 152 
F3K C10    C  Y N 153 
F3K C12    C  Y N 154 
F3K C13    C  Y N 155 
F3K C25    C  Y N 156 
F3K C26    C  Y N 157 
F3K C28    C  Y N 158 
F3K C29    C  Y N 159 
F3K C01    C  Y N 160 
F3K C02    C  Y N 161 
F3K C03    C  Y N 162 
F3K C04    C  Y N 163 
F3K C05    C  Y N 164 
F3K C06    C  Y N 165 
F3K C07    C  Y N 166 
F3K C08    C  Y N 167 
F3K C09    C  Y N 168 
F3K C14    C  Y N 169 
F3K C15    C  Y N 170 
F3K C16    C  Y N 171 
F3K C23    C  Y N 172 
F3K C27    C  Y N 173 
F3K C30    C  Y N 174 
F3K C31    C  Y N 175 
F3K C32    C  Y N 176 
F3K C33    C  Y N 177 
F3K C34    C  Y N 178 
F3K C35    C  Y N 179 
F3K C36    C  Y N 180 
F3K C37    C  Y N 181 
F3K C38    C  Y N 182 
F3K N01    N  Y N 183 
F3K N02    N  Y N 184 
F3K N03    N  Y N 185 
F3K N04    N  Y N 186 
F3K N05    N  Y N 187 
F3K N06    N  Y N 188 
F3K N07    N  Y N 189 
F3K N08    N  Y N 190 
F3K N09    N  Y N 191 
F3K N10    N  Y N 192 
F3K N11    N  Y N 193 
F3K N12    N  Y N 194 
F3K BR1    BR N N 195 
F3K RU1    RU N N 196 
F3K H171   H  N N 197 
F3K H181   H  N N 198 
F3K H191   H  N N 199 
F3K H201   H  N N 200 
F3K H241   H  N N 201 
F3K H111   H  N N 202 
F3K H101   H  N N 203 
F3K H121   H  N N 204 
F3K H261   H  N N 205 
F3K H291   H  N N 206 
F3K H021   H  N N 207 
F3K H031   H  N N 208 
F3K H041   H  N N 209 
F3K H161   H  N N 210 
F3K H231   H  N N 211 
F3K H271   H  N N 212 
F3K H301   H  N N 213 
F3K H331   H  N N 214 
F3K H341   H  N N 215 
F3K H371   H  N N 216 
F3K H381   H  N N 217 
HOH O      O  N N 218 
HOH H1     H  N N 219 
HOH H2     H  N N 220 
# 
loop_
_chem_comp_bond.comp_id 
_chem_comp_bond.atom_id_1 
_chem_comp_bond.atom_id_2 
_chem_comp_bond.value_order 
_chem_comp_bond.pdbx_aromatic_flag 
_chem_comp_bond.pdbx_stereo_config 
_chem_comp_bond.pdbx_ordinal 
DA  OP3   P      sing N N 1   
DA  OP3   HOP3   sing N N 2   
DA  P     OP1    doub N N 3   
DA  P     OP2    sing N N 4   
DA  P     "O5'"  sing N N 5   
DA  OP2   HOP2   sing N N 6   
DA  "O5'" "C5'"  sing N N 7   
DA  "C5'" "C4'"  sing N N 8   
DA  "C5'" "H5'"  sing N N 9   
DA  "C5'" "H5''" sing N N 10  
DA  "C4'" "O4'"  sing N N 11  
DA  "C4'" "C3'"  sing N N 12  
DA  "C4'" "H4'"  sing N N 13  
DA  "O4'" "C1'"  sing N N 14  
DA  "C3'" "O3'"  sing N N 15  
DA  "C3'" "C2'"  sing N N 16  
DA  "C3'" "H3'"  sing N N 17  
DA  "O3'" "HO3'" sing N N 18  
DA  "C2'" "C1'"  sing N N 19  
DA  "C2'" "H2'"  sing N N 20  
DA  "C2'" "H2''" sing N N 21  
DA  "C1'" N9     sing N N 22  
DA  "C1'" "H1'"  sing N N 23  
DA  N9    C8     sing Y N 24  
DA  N9    C4     sing Y N 25  
DA  C8    N7     doub Y N 26  
DA  C8    H8     sing N N 27  
DA  N7    C5     sing Y N 28  
DA  C5    C6     sing Y N 29  
DA  C5    C4     doub Y N 30  
DA  C6    N6     sing N N 31  
DA  C6    N1     doub Y N 32  
DA  N6    H61    sing N N 33  
DA  N6    H62    sing N N 34  
DA  N1    C2     sing Y N 35  
DA  C2    N3     doub Y N 36  
DA  C2    H2     sing N N 37  
DA  N3    C4     sing Y N 38  
DC  OP3   P      sing N N 39  
DC  OP3   HOP3   sing N N 40  
DC  P     OP1    doub N N 41  
DC  P     OP2    sing N N 42  
DC  P     "O5'"  sing N N 43  
DC  OP2   HOP2   sing N N 44  
DC  "O5'" "C5'"  sing N N 45  
DC  "C5'" "C4'"  sing N N 46  
DC  "C5'" "H5'"  sing N N 47  
DC  "C5'" "H5''" sing N N 48  
DC  "C4'" "O4'"  sing N N 49  
DC  "C4'" "C3'"  sing N N 50  
DC  "C4'" "H4'"  sing N N 51  
DC  "O4'" "C1'"  sing N N 52  
DC  "C3'" "O3'"  sing N N 53  
DC  "C3'" "C2'"  sing N N 54  
DC  "C3'" "H3'"  sing N N 55  
DC  "O3'" "HO3'" sing N N 56  
DC  "C2'" "C1'"  sing N N 57  
DC  "C2'" "H2'"  sing N N 58  
DC  "C2'" "H2''" sing N N 59  
DC  "C1'" N1     sing N N 60  
DC  "C1'" "H1'"  sing N N 61  
DC  N1    C2     sing N N 62  
DC  N1    C6     sing N N 63  
DC  C2    O2     doub N N 64  
DC  C2    N3     sing N N 65  
DC  N3    C4     doub N N 66  
DC  C4    N4     sing N N 67  
DC  C4    C5     sing N N 68  
DC  N4    H41    sing N N 69  
DC  N4    H42    sing N N 70  
DC  C5    C6     doub N N 71  
DC  C5    H5     sing N N 72  
DC  C6    H6     sing N N 73  
DG  OP3   P      sing N N 74  
DG  OP3   HOP3   sing N N 75  
DG  P     OP1    doub N N 76  
DG  P     OP2    sing N N 77  
DG  P     "O5'"  sing N N 78  
DG  OP2   HOP2   sing N N 79  
DG  "O5'" "C5'"  sing N N 80  
DG  "C5'" "C4'"  sing N N 81  
DG  "C5'" "H5'"  sing N N 82  
DG  "C5'" "H5''" sing N N 83  
DG  "C4'" "O4'"  sing N N 84  
DG  "C4'" "C3'"  sing N N 85  
DG  "C4'" "H4'"  sing N N 86  
DG  "O4'" "C1'"  sing N N 87  
DG  "C3'" "O3'"  sing N N 88  
DG  "C3'" "C2'"  sing N N 89  
DG  "C3'" "H3'"  sing N N 90  
DG  "O3'" "HO3'" sing N N 91  
DG  "C2'" "C1'"  sing N N 92  
DG  "C2'" "H2'"  sing N N 93  
DG  "C2'" "H2''" sing N N 94  
DG  "C1'" N9     sing N N 95  
DG  "C1'" "H1'"  sing N N 96  
DG  N9    C8     sing Y N 97  
DG  N9    C4     sing Y N 98  
DG  C8    N7     doub Y N 99  
DG  C8    H8     sing N N 100 
DG  N7    C5     sing Y N 101 
DG  C5    C6     sing N N 102 
DG  C5    C4     doub Y N 103 
DG  C6    O6     doub N N 104 
DG  C6    N1     sing N N 105 
DG  N1    C2     sing N N 106 
DG  N1    H1     sing N N 107 
DG  C2    N2     sing N N 108 
DG  C2    N3     doub N N 109 
DG  N2    H21    sing N N 110 
DG  N2    H22    sing N N 111 
DG  N3    C4     sing N N 112 
DT  OP3   P      sing N N 113 
DT  OP3   HOP3   sing N N 114 
DT  P     OP1    doub N N 115 
DT  P     OP2    sing N N 116 
DT  P     "O5'"  sing N N 117 
DT  OP2   HOP2   sing N N 118 
DT  "O5'" "C5'"  sing N N 119 
DT  "C5'" "C4'"  sing N N 120 
DT  "C5'" "H5'"  sing N N 121 
DT  "C5'" "H5''" sing N N 122 
DT  "C4'" "O4'"  sing N N 123 
DT  "C4'" "C3'"  sing N N 124 
DT  "C4'" "H4'"  sing N N 125 
DT  "O4'" "C1'"  sing N N 126 
DT  "C3'" "O3'"  sing N N 127 
DT  "C3'" "C2'"  sing N N 128 
DT  "C3'" "H3'"  sing N N 129 
DT  "O3'" "HO3'" sing N N 130 
DT  "C2'" "C1'"  sing N N 131 
DT  "C2'" "H2'"  sing N N 132 
DT  "C2'" "H2''" sing N N 133 
DT  "C1'" N1     sing N N 134 
DT  "C1'" "H1'"  sing N N 135 
DT  N1    C2     sing N N 136 
DT  N1    C6     sing N N 137 
DT  C2    O2     doub N N 138 
DT  C2    N3     sing N N 139 
DT  N3    C4     sing N N 140 
DT  N3    H3     sing N N 141 
DT  C4    O4     doub N N 142 
DT  C4    C5     sing N N 143 
DT  C5    C7     sing N N 144 
DT  C5    C6     doub N N 145 
DT  C7    H71    sing N N 146 
DT  C7    H72    sing N N 147 
DT  C7    H73    sing N N 148 
DT  C6    H6     sing N N 149 
F3K C33   C34    doub Y N 150 
F3K C33   C31    sing Y N 151 
F3K C34   C35    sing Y N 152 
F3K N10   C31    doub Y N 153 
F3K N10   C30    sing Y N 154 
F3K C31   C32    sing Y N 155 
F3K C35   N12    doub Y N 156 
F3K C35   C36    sing Y N 157 
F3K N12   C37    sing Y N 158 
F3K C30   C29    doub Y N 159 
F3K C32   C36    sing Y N 160 
F3K C32   N09    doub Y N 161 
F3K C36   N11    doub Y N 162 
F3K C37   C38    doub Y N 163 
F3K C29   N09    sing Y N 164 
F3K N09   RU1    sing N N 165 
F3K N11   C38    sing Y N 166 
F3K N11   RU1    sing N N 167 
F3K C19   C20    doub Y N 168 
F3K C19   N05    sing Y N 169 
F3K C20   N06    sing Y N 170 
F3K C12   C11    doub Y N 171 
F3K C12   N03    sing Y N 172 
F3K N05   RU1    sing N N 173 
F3K N05   C21    doub Y N 174 
F3K RU1   N03    sing N N 175 
F3K RU1   N04    sing N N 176 
F3K RU1   N08    sing N N 177 
F3K C11   C10    sing Y N 178 
F3K N06   C22    doub Y N 179 
F3K N03   C13    doub Y N 180 
F3K C21   C22    sing Y N 181 
F3K C21   C28    sing Y N 182 
F3K C10   C09    doub Y N 183 
F3K C22   C23    sing Y N 184 
F3K C13   C09    sing Y N 185 
F3K C13   C14    sing Y N 186 
F3K N04   C16    doub Y N 187 
F3K N04   C14    sing Y N 188 
F3K C16   C17    sing Y N 189 
F3K C09   C07    sing Y N 190 
F3K N08   C28    doub Y N 191 
F3K N08   C27    sing Y N 192 
F3K C14   C15    doub Y N 193 
F3K C28   C25    sing Y N 194 
F3K C23   C24    doub Y N 195 
F3K C17   C18    doub Y N 196 
F3K C07   N01    doub Y N 197 
F3K C07   C08    sing Y N 198 
F3K C27   C26    doub Y N 199 
F3K C15   C18    sing Y N 200 
F3K C15   C08    sing Y N 201 
F3K N01   C05    sing Y N 202 
F3K C25   C24    sing Y N 203 
F3K C25   N07    doub Y N 204 
F3K C08   N02    doub Y N 205 
F3K C26   N07    sing Y N 206 
F3K C05   C04    doub Y N 207 
F3K C05   C06    sing Y N 208 
F3K N02   C06    sing Y N 209 
F3K C04   C01    sing Y N 210 
F3K C06   C03    doub Y N 211 
F3K C01   C02    doub Y N 212 
F3K C01   BR1    sing N N 213 
F3K C03   C02    sing Y N 214 
F3K C17   H171   sing N N 215 
F3K C18   H181   sing N N 216 
F3K C19   H191   sing N N 217 
F3K C20   H201   sing N N 218 
F3K C24   H241   sing N N 219 
F3K C11   H111   sing N N 220 
F3K C10   H101   sing N N 221 
F3K C12   H121   sing N N 222 
F3K C26   H261   sing N N 223 
F3K C29   H291   sing N N 224 
F3K C02   H021   sing N N 225 
F3K C03   H031   sing N N 226 
F3K C04   H041   sing N N 227 
F3K C16   H161   sing N N 228 
F3K C23   H231   sing N N 229 
F3K C27   H271   sing N N 230 
F3K C30   H301   sing N N 231 
F3K C33   H331   sing N N 232 
F3K C34   H341   sing N N 233 
F3K C37   H371   sing N N 234 
F3K C38   H381   sing N N 235 
HOH O     H1     sing N N 236 
HOH O     H2     sing N N 237 
# 
_ndb_struct_conf_na.entry_id   6GLD 
_ndb_struct_conf_na.feature    'b-form double helix' 
# 
loop_
_ndb_struct_na_base_pair.model_number 
_ndb_struct_na_base_pair.i_label_asym_id 
_ndb_struct_na_base_pair.i_label_comp_id 
_ndb_struct_na_base_pair.i_label_seq_id 
_ndb_struct_na_base_pair.i_symmetry 
_ndb_struct_na_base_pair.j_label_asym_id 
_ndb_struct_na_base_pair.j_label_comp_id 
_ndb_struct_na_base_pair.j_label_seq_id 
_ndb_struct_na_base_pair.j_symmetry 
_ndb_struct_na_base_pair.shear 
_ndb_struct_na_base_pair.stretch 
_ndb_struct_na_base_pair.stagger 
_ndb_struct_na_base_pair.buckle 
_ndb_struct_na_base_pair.propeller 
_ndb_struct_na_base_pair.opening 
_ndb_struct_na_base_pair.pair_number 
_ndb_struct_na_base_pair.pair_name 
_ndb_struct_na_base_pair.i_auth_asym_id 
_ndb_struct_na_base_pair.i_auth_seq_id 
_ndb_struct_na_base_pair.i_PDB_ins_code 
_ndb_struct_na_base_pair.j_auth_asym_id 
_ndb_struct_na_base_pair.j_auth_seq_id 
_ndb_struct_na_base_pair.j_PDB_ins_code 
_ndb_struct_na_base_pair.hbond_type_28 
_ndb_struct_na_base_pair.hbond_type_12 
1 A DC 2 1_555 A DG 9 7_555 0.072  -0.077 0.272  -13.273 6.987  0.979  1 B_DC2:DG9_B B 2 ? B 9 ? 19 1 
1 A DG 3 1_555 A DC 8 7_555 -0.235 -0.032 0.263  24.689  -5.849 -0.827 2 B_DG3:DC8_B B 3 ? B 8 ? 19 1 
1 A DG 4 1_555 A DC 7 7_555 -0.201 -0.180 -0.074 -9.060  2.142  -1.127 3 B_DG4:DC7_B B 4 ? B 7 ? 19 1 
1 A DC 5 1_555 A DG 6 7_555 0.246  -0.072 0.305  -3.613  -5.172 0.404  4 B_DC5:DG6_B B 5 ? B 6 ? 19 1 
1 A DG 6 1_555 A DC 5 7_555 -0.246 -0.072 0.305  3.613   -5.172 0.404  5 B_DG6:DC5_B B 6 ? B 5 ? 19 1 
1 A DC 7 1_555 A DG 4 7_555 0.201  -0.180 -0.074 9.060   2.142  -1.127 6 B_DC7:DG4_B B 7 ? B 4 ? 19 1 
1 A DC 8 1_555 A DG 3 7_555 0.235  -0.032 0.263  -24.689 -5.849 -0.827 7 B_DC8:DG3_B B 8 ? B 3 ? 19 1 
1 A DG 9 1_555 A DC 2 7_555 -0.072 -0.077 0.272  13.273  6.987  0.979  8 B_DG9:DC2_B B 9 ? B 2 ? 19 1 
# 
loop_
_ndb_struct_na_base_pair_step.model_number 
_ndb_struct_na_base_pair_step.i_label_asym_id_1 
_ndb_struct_na_base_pair_step.i_label_comp_id_1 
_ndb_struct_na_base_pair_step.i_label_seq_id_1 
_ndb_struct_na_base_pair_step.i_symmetry_1 
_ndb_struct_na_base_pair_step.j_label_asym_id_1 
_ndb_struct_na_base_pair_step.j_label_comp_id_1 
_ndb_struct_na_base_pair_step.j_label_seq_id_1 
_ndb_struct_na_base_pair_step.j_symmetry_1 
_ndb_struct_na_base_pair_step.i_label_asym_id_2 
_ndb_struct_na_base_pair_step.i_label_comp_id_2 
_ndb_struct_na_base_pair_step.i_label_seq_id_2 
_ndb_struct_na_base_pair_step.i_symmetry_2 
_ndb_struct_na_base_pair_step.j_label_asym_id_2 
_ndb_struct_na_base_pair_step.j_label_comp_id_2 
_ndb_struct_na_base_pair_step.j_label_seq_id_2 
_ndb_struct_na_base_pair_step.j_symmetry_2 
_ndb_struct_na_base_pair_step.shift 
_ndb_struct_na_base_pair_step.slide 
_ndb_struct_na_base_pair_step.rise 
_ndb_struct_na_base_pair_step.tilt 
_ndb_struct_na_base_pair_step.roll 
_ndb_struct_na_base_pair_step.twist 
_ndb_struct_na_base_pair_step.x_displacement 
_ndb_struct_na_base_pair_step.y_displacement 
_ndb_struct_na_base_pair_step.helical_rise 
_ndb_struct_na_base_pair_step.inclination 
_ndb_struct_na_base_pair_step.tip 
_ndb_struct_na_base_pair_step.helical_twist 
_ndb_struct_na_base_pair_step.step_number 
_ndb_struct_na_base_pair_step.step_name 
_ndb_struct_na_base_pair_step.i_auth_asym_id_1 
_ndb_struct_na_base_pair_step.i_auth_seq_id_1 
_ndb_struct_na_base_pair_step.i_PDB_ins_code_1 
_ndb_struct_na_base_pair_step.j_auth_asym_id_1 
_ndb_struct_na_base_pair_step.j_auth_seq_id_1 
_ndb_struct_na_base_pair_step.j_PDB_ins_code_1 
_ndb_struct_na_base_pair_step.i_auth_asym_id_2 
_ndb_struct_na_base_pair_step.i_auth_seq_id_2 
_ndb_struct_na_base_pair_step.i_PDB_ins_code_2 
_ndb_struct_na_base_pair_step.j_auth_asym_id_2 
_ndb_struct_na_base_pair_step.j_auth_seq_id_2 
_ndb_struct_na_base_pair_step.j_PDB_ins_code_2 
1 A DC 2 1_555 A DG 9 7_555 A DG 3 1_555 A DC 8 7_555 -0.537 1.656 2.581 1.059  3.408  19.612 3.460  1.964  2.792 9.899  -3.077 
19.931 1 BB_DC2DG3:DC8DG9_BB B 2 ? B 9 ? B 3 ? B 8 ? 
1 A DG 3 1_555 A DC 8 7_555 A DG 4 1_555 A DC 7 7_555 -0.132 0.796 5.231 -2.207 50.678 16.134 -5.276 -0.120 2.404 73.440 3.198  
53.068 2 BB_DG3DG4:DC7DC8_BB B 3 ? B 8 ? B 4 ? B 7 ? 
1 A DG 4 1_555 A DC 7 7_555 A DC 5 1_555 A DG 6 7_555 -0.840 0.176 3.218 -3.235 -4.096 39.400 0.731  0.863  3.241 -6.042 4.772  
39.730 3 BB_DG4DC5:DG6DC7_BB B 4 ? B 7 ? B 5 ? B 6 ? 
1 A DC 5 1_555 A DG 6 7_555 A DG 6 1_555 A DC 5 7_555 0.000  0.968 3.503 0.000  25.306 25.810 -2.784 0.000  3.201 45.148 0.000  
35.995 4 BB_DC5DG6:DC5DG6_BB B 5 ? B 6 ? B 6 ? B 5 ? 
1 A DG 6 1_555 A DC 5 7_555 A DC 7 1_555 A DG 4 7_555 0.840  0.176 3.218 3.235  -4.096 39.400 0.731  -0.863 3.241 -6.042 -4.772 
39.730 5 BB_DG6DC7:DG4DC5_BB B 6 ? B 5 ? B 7 ? B 4 ? 
1 A DC 7 1_555 A DG 4 7_555 A DC 8 1_555 A DG 3 7_555 0.132  0.796 5.231 2.207  50.678 16.134 -5.276 0.120  2.404 73.440 -3.198 
53.068 6 BB_DC7DC8:DG3DG4_BB B 7 ? B 4 ? B 8 ? B 3 ? 
1 A DC 8 1_555 A DG 3 7_555 A DG 9 1_555 A DC 2 7_555 0.537  1.656 2.581 -1.059 3.408  19.612 3.460  -1.964 2.792 9.899  3.077  
19.931 7 BB_DC8DG9:DC2DG3_BB B 8 ? B 3 ? B 9 ? B 2 ? 
# 
loop_
_pdbx_audit_support.funding_organization 
_pdbx_audit_support.country 
_pdbx_audit_support.grant_number 
_pdbx_audit_support.ordinal 
'Biotechnology and Biological Sciences Research Council' 'United Kingdom' BB/K019279/1 1 
'Biotechnology and Biological Sciences Research Council' 'United Kingdom' BB/M004635/1 2 
'Biotechnology and Biological Sciences Research Council' 'United Kingdom' BB/P021328/1 3 
# 
_pdbx_entity_instance_feature.ordinal        1 
_pdbx_entity_instance_feature.comp_id        F3K 
_pdbx_entity_instance_feature.asym_id        ? 
_pdbx_entity_instance_feature.seq_num        ? 
_pdbx_entity_instance_feature.auth_comp_id   F3K 
_pdbx_entity_instance_feature.auth_asym_id   ? 
_pdbx_entity_instance_feature.auth_seq_num   ? 
_pdbx_entity_instance_feature.feature_type   'SUBJECT OF INVESTIGATION' 
_pdbx_entity_instance_feature.details        ? 
# 
_atom_sites.entry_id                    6GLD 
_atom_sites.fract_transf_matrix[1][1]   0.02270324 
_atom_sites.fract_transf_matrix[1][2]   0.00691023 
_atom_sites.fract_transf_matrix[1][3]   -0.00025877 
_atom_sites.fract_transf_matrix[2][1]   -0.00595978 
_atom_sites.fract_transf_matrix[2][2]   0.02000357 
_atom_sites.fract_transf_matrix[2][3]   0.01129573 
_atom_sites.fract_transf_matrix[3][1]   0.00377997 
_atom_sites.fract_transf_matrix[3][2]   -0.01157651 
_atom_sites.fract_transf_matrix[3][3]   0.02249517 
_atom_sites.fract_transf_vector[1]      0.302644 
_atom_sites.fract_transf_vector[2]      0.209292 
_atom_sites.fract_transf_vector[3]      0.059188 
# 
loop_
_atom_type.symbol 
BA 
BR 
C  
H  
N  
O  
P  
RU 
# 
loop_
_atom_site.group_PDB 
_atom_site.id 
_atom_site.type_symbol 
_atom_site.label_atom_id 
_atom_site.label_alt_id 
_atom_site.label_comp_id 
_atom_site.label_asym_id 
_atom_site.label_entity_id 
_atom_site.label_seq_id 
_atom_site.pdbx_PDB_ins_code 
_atom_site.Cartn_x 
_atom_site.Cartn_y 
_atom_site.Cartn_z 
_atom_site.occupancy 
_atom_site.B_iso_or_equiv 
_atom_site.pdbx_formal_charge 
_atom_site.auth_seq_id 
_atom_site.auth_comp_id 
_atom_site.auth_asym_id 
_atom_site.auth_atom_id 
_atom_site.pdbx_PDB_model_num 
ATOM   1   O  "O5'"  . DT  A 1 1  ? 5.099   0.858   14.395  1.00 26.10 ? 1   DT  B "O5'"  1 
ATOM   2   C  "C5'"  . DT  A 1 1  ? 6.309   1.457   13.980  1.00 22.05 ? 1   DT  B "C5'"  1 
ATOM   3   C  "C4'"  . DT  A 1 1  ? 6.800   0.844   12.677  1.00 21.37 ? 1   DT  B "C4'"  1 
ATOM   4   O  "O4'"  . DT  A 1 1  ? 7.022   -0.574  12.851  1.00 20.13 ? 1   DT  B "O4'"  1 
ATOM   5   C  "C3'"  . DT  A 1 1  ? 5.844   0.943   11.493  1.00 19.79 ? 1   DT  B "C3'"  1 
ATOM   6   O  "O3'"  . DT  A 1 1  ? 6.020   2.196   10.843  1.00 17.40 ? 1   DT  B "O3'"  1 
ATOM   7   C  "C2'"  . DT  A 1 1  ? 6.260   -0.235  10.615  1.00 18.27 ? 1   DT  B "C2'"  1 
ATOM   8   C  "C1'"  . DT  A 1 1  ? 6.850   -1.238  11.611  1.00 16.05 ? 1   DT  B "C1'"  1 
ATOM   9   N  N1     . DT  A 1 1  ? 6.013   -2.437  11.858  1.00 17.96 ? 1   DT  B N1     1 
ATOM   10  C  C2     . DT  A 1 1  ? 6.627   -3.653  12.015  1.00 18.27 ? 1   DT  B C2     1 
ATOM   11  O  O2     . DT  A 1 1  ? 7.829   -3.801  11.918  1.00 16.45 ? 1   DT  B O2     1 
ATOM   12  N  N3     . DT  A 1 1  ? 5.783   -4.697  12.268  1.00 16.84 ? 1   DT  B N3     1 
ATOM   13  C  C4     . DT  A 1 1  ? 4.409   -4.647  12.394  1.00 20.55 ? 1   DT  B C4     1 
ATOM   14  O  O4     . DT  A 1 1  ? 3.735   -5.647  12.624  1.00 21.94 ? 1   DT  B O4     1 
ATOM   15  C  C5     . DT  A 1 1  ? 3.821   -3.335  12.238  1.00 20.46 ? 1   DT  B C5     1 
ATOM   16  C  C7     . DT  A 1 1  ? 2.332   -3.151  12.357  1.00 29.91 ? 1   DT  B C7     1 
ATOM   17  C  C6     . DT  A 1 1  ? 4.644   -2.302  11.989  1.00 22.54 ? 1   DT  B C6     1 
ATOM   18  H  "H5'"  . DT  A 1 1  ? 6.981   1.326   14.667  1.00 26.48 ? 1   DT  B "H5'"  1 
ATOM   19  H  "H5''" . DT  A 1 1  ? 6.165   2.408   13.851  1.00 26.48 ? 1   DT  B "H5''" 1 
ATOM   20  H  "H4'"  . DT  A 1 1  ? 7.641   1.264   12.434  1.00 25.65 ? 1   DT  B "H4'"  1 
ATOM   21  H  "H3'"  . DT  A 1 1  ? 4.927   0.838   11.790  1.00 23.76 ? 1   DT  B "H3'"  1 
ATOM   22  H  "H2'"  . DT  A 1 1  ? 5.488   -0.614  10.167  1.00 21.93 ? 1   DT  B "H2'"  1 
ATOM   23  H  "H2''" . DT  A 1 1  ? 6.929   0.041   9.970   1.00 21.93 ? 1   DT  B "H2''" 1 
ATOM   24  H  "H1'"  . DT  A 1 1  ? 7.719   -1.525  11.287  1.00 19.27 ? 1   DT  B "H1'"  1 
ATOM   25  H  H3     . DT  A 1 1  ? 6.147   -5.471  12.356  1.00 20.22 ? 1   DT  B H3     1 
ATOM   26  H  H71    . DT  A 1 1  ? 2.140   -2.536  13.081  1.00 35.90 ? 1   DT  B H71    1 
ATOM   27  H  H72    . DT  A 1 1  ? 1.984   -2.792  11.526  1.00 35.90 ? 1   DT  B H72    1 
ATOM   28  H  H73    . DT  A 1 1  ? 1.914   -4.007  12.540  1.00 35.90 ? 1   DT  B H73    1 
ATOM   29  H  H6     . DT  A 1 1  ? 4.273   -1.456  11.889  1.00 27.06 ? 1   DT  B H6     1 
ATOM   30  H  "HO5'" . DT  A 1 1  ? 5.098   0.067   14.677  1.00 31.33 ? 1   DT  B "HO5'" 1 
ATOM   31  P  P      . DC  A 1 2  ? 5.077   2.682   9.645   1.00 18.84 ? 2   DC  B P      1 
ATOM   32  O  OP1    . DC  A 1 2  ? 5.344   4.135   9.519   1.00 20.37 ? 2   DC  B OP1    1 
ATOM   33  O  OP2    . DC  A 1 2  ? 3.680   2.194   9.807   1.00 20.36 ? 2   DC  B OP2    1 
ATOM   34  O  "O5'"  . DC  A 1 2  ? 5.642   1.976   8.355   1.00 16.01 ? 2   DC  B "O5'"  1 
ATOM   35  C  "C5'"  . DC  A 1 2  ? 6.967   2.214   7.939   1.00 15.93 ? 2   DC  B "C5'"  1 
ATOM   36  C  "C4'"  . DC  A 1 2  ? 7.186   1.606   6.586   1.00 13.82 ? 2   DC  B "C4'"  1 
ATOM   37  O  "O4'"  . DC  A 1 2  ? 7.031   0.192   6.698   1.00 14.04 ? 2   DC  B "O4'"  1 
ATOM   38  C  "C3'"  . DC  A 1 2  ? 6.215   2.065   5.517   1.00 13.56 ? 2   DC  B "C3'"  1 
ATOM   39  O  "O3'"  . DC  A 1 2  ? 6.811   3.153   4.841   1.00 13.82 ? 2   DC  B "O3'"  1 
ATOM   40  C  "C2'"  . DC  A 1 2  ? 6.019   0.832   4.634   1.00 11.65 ? 2   DC  B "C2'"  1 
ATOM   41  C  "C1'"  . DC  A 1 2  ? 6.402   -0.337  5.537   1.00 11.63 ? 2   DC  B "C1'"  1 
ATOM   42  N  N1     . DC  A 1 2  ? 5.282   -1.180  6.002   1.00 12.52 ? 2   DC  B N1     1 
ATOM   43  C  C2     . DC  A 1 2  ? 5.336   -2.555  5.790   1.00 11.45 ? 2   DC  B C2     1 
ATOM   44  O  O2     . DC  A 1 2  ? 6.287   -3.026  5.168   1.00 13.20 ? 2   DC  B O2     1 
ATOM   45  N  N3     . DC  A 1 2  ? 4.332   -3.334  6.256   1.00 12.03 ? 2   DC  B N3     1 
ATOM   46  C  C4     . DC  A 1 2  ? 3.330   -2.786  6.919   1.00 12.22 ? 2   DC  B C4     1 
ATOM   47  N  N4     . DC  A 1 2  ? 2.372   -3.584  7.370   1.00 16.17 ? 2   DC  B N4     1 
ATOM   48  C  C5     . DC  A 1 2  ? 3.264   -1.390  7.164   1.00 13.61 ? 2   DC  B C5     1 
ATOM   49  C  C6     . DC  A 1 2  ? 4.260   -0.630  6.701   1.00 16.18 ? 2   DC  B C6     1 
ATOM   50  H  "H5'"  . DC  A 1 2  ? 7.582   1.816   8.576   1.00 19.13 ? 2   DC  B "H5'"  1 
ATOM   51  H  "H5''" . DC  A 1 2  ? 7.124   3.170   7.893   1.00 19.13 ? 2   DC  B "H5''" 1 
ATOM   52  H  "H4'"  . DC  A 1 2  ? 8.090   1.801   6.296   1.00 16.59 ? 2   DC  B "H4'"  1 
ATOM   53  H  "H3'"  . DC  A 1 2  ? 5.374   2.333   5.918   1.00 16.28 ? 2   DC  B "H3'"  1 
ATOM   54  H  "H2'"  . DC  A 1 2  ? 5.094   0.758   4.356   1.00 14.00 ? 2   DC  B "H2'"  1 
ATOM   55  H  "H2''" . DC  A 1 2  ? 6.606   0.871   3.862   1.00 14.00 ? 2   DC  B "H2''" 1 
ATOM   56  H  "H1'"  . DC  A 1 2  ? 7.039   -0.898  5.067   1.00 13.97 ? 2   DC  B "H1'"  1 
ATOM   57  H  H41    . DC  A 1 2  ? 1.708   -3.255  7.806   1.00 19.41 ? 2   DC  B H41    1 
ATOM   58  H  H42    . DC  A 1 2  ? 2.415   -4.431  7.227   1.00 19.41 ? 2   DC  B H42    1 
ATOM   59  H  H5     . DC  A 1 2  ? 2.554   -1.017  7.636   1.00 16.35 ? 2   DC  B H5     1 
ATOM   60  H  H6     . DC  A 1 2  ? 4.246   0.288   6.852   1.00 19.43 ? 2   DC  B H6     1 
ATOM   61  P  P      . DG  A 1 3  ? 6.053   4.024   3.729   1.00 13.87 ? 3   DG  B P      1 
ATOM   62  O  OP1    . DG  A 1 3  ? 6.792   5.300   3.637   1.00 14.37 ? 3   DG  B OP1    1 
ATOM   63  O  OP2    . DG  A 1 3  ? 4.581   4.038   3.989   1.00 12.87 ? 3   DG  B OP2    1 
ATOM   64  O  "O5'"  . DG  A 1 3  ? 6.256   3.221   2.377   1.00 12.62 ? 3   DG  B "O5'"  1 
ATOM   65  C  "C5'"  . DG  A 1 3  ? 7.548   3.149   1.779   1.00 13.35 ? 3   DG  B "C5'"  1 
ATOM   66  C  "C4'"  . DG  A 1 3  ? 7.572   2.049   0.732   1.00 13.09 ? 3   DG  B "C4'"  1 
ATOM   67  O  "O4'"  . DG  A 1 3  ? 7.325   0.779   1.362   1.00 11.54 ? 3   DG  B "O4'"  1 
ATOM   68  C  "C3'"  . DG  A 1 3  ? 6.520   2.197   -0.350  1.00 13.76 ? 3   DG  B "C3'"  1 
ATOM   69  O  "O3'"  . DG  A 1 3  ? 7.074   2.933   -1.438  1.00 15.37 ? 3   DG  B "O3'"  1 
ATOM   70  C  "C2'"  . DG  A 1 3  ? 6.184   0.763   -0.728  1.00 13.37 ? 3   DG  B "C2'"  1 
ATOM   71  C  "C1'"  . DG  A 1 3  ? 6.513   -0.040  0.534   1.00 11.80 ? 3   DG  B "C1'"  1 
ATOM   72  N  N9     . DG  A 1 3  ? 5.349   -0.429  1.313   1.00 10.68 ? 3   DG  B N9     1 
ATOM   73  C  C8     . DG  A 1 3  ? 4.330   0.391   1.741   1.00 10.76 ? 3   DG  B C8     1 
ATOM   74  N  N7     . DG  A 1 3  ? 3.445   -0.224  2.450   1.00 10.56 ? 3   DG  B N7     1 
ATOM   75  C  C5     . DG  A 1 3  ? 3.911   -1.516  2.529   1.00 10.10 ? 3   DG  B C5     1 
ATOM   76  C  C6     . DG  A 1 3  ? 3.359   -2.642  3.157   1.00 11.24 ? 3   DG  B C6     1 
ATOM   77  O  O6     . DG  A 1 3  ? 2.308   -2.728  3.803   1.00 12.42 ? 3   DG  B O6     1 
ATOM   78  N  N1     . DG  A 1 3  ? 4.125   -3.776  2.960   1.00 10.99 ? 3   DG  B N1     1 
ATOM   79  C  C2     . DG  A 1 3  ? 5.278   -3.830  2.239   1.00 10.16 ? 3   DG  B C2     1 
ATOM   80  N  N2     . DG  A 1 3  ? 5.874   -5.027  2.154   1.00 11.68 ? 3   DG  B N2     1 
ATOM   81  N  N3     . DG  A 1 3  ? 5.817   -2.785  1.643   1.00 11.04 ? 3   DG  B N3     1 
ATOM   82  C  C4     . DG  A 1 3  ? 5.082   -1.659  1.831   1.00 11.31 ? 3   DG  B C4     1 
ATOM   83  H  "H5'"  . DG  A 1 3  ? 8.210   2.959   2.461   1.00 16.04 ? 3   DG  B "H5'"  1 
ATOM   84  H  "H5''" . DG  A 1 3  ? 7.755   3.999   1.358   1.00 16.04 ? 3   DG  B "H5''" 1 
ATOM   85  H  "H4'"  . DG  A 1 3  ? 8.448   2.030   0.318   1.00 15.71 ? 3   DG  B "H4'"  1 
ATOM   86  H  "H3'"  . DG  A 1 3  ? 5.736   2.647   0.001   1.00 16.52 ? 3   DG  B "H3'"  1 
ATOM   87  H  "H2'"  . DG  A 1 3  ? 5.243   0.681   -0.948  1.00 16.05 ? 3   DG  B "H2'"  1 
ATOM   88  H  "H2''" . DG  A 1 3  ? 6.734   0.469   -1.471  1.00 16.05 ? 3   DG  B "H2''" 1 
ATOM   89  H  "H1'"  . DG  A 1 3  ? 7.010   -0.835  0.286   1.00 14.17 ? 3   DG  B "H1'"  1 
ATOM   90  H  H8     . DG  A 1 3  ? 4.292   1.300   1.552   1.00 12.92 ? 3   DG  B H8     1 
ATOM   91  H  H1     . DG  A 1 3  ? 3.843   -4.510  3.311   1.00 13.20 ? 3   DG  B H1     1 
ATOM   92  H  H21    . DG  A 1 3  ? 6.606   -5.112  1.710   1.00 14.03 ? 3   DG  B H21    1 
ATOM   93  H  H22    . DG  A 1 3  ? 5.524   -5.710  2.542   1.00 14.03 ? 3   DG  B H22    1 
ATOM   94  P  P      . DG  A 1 4  ? 6.172   3.913   -2.326  1.00 17.45 ? 4   DG  B P      1 
ATOM   95  O  OP1    . DG  A 1 4  ? 7.069   4.631   -3.256  1.00 24.33 ? 4   DG  B OP1    1 
ATOM   96  O  OP2    . DG  A 1 4  ? 5.246   4.635   -1.452  1.00 19.03 ? 4   DG  B OP2    1 
ATOM   97  O  "O5'"  . DG  A 1 4  ? 5.217   2.941   -3.149  1.00 15.35 ? 4   DG  B "O5'"  1 
ATOM   98  C  "C5'"  . DG  A 1 4  ? 5.741   2.158   -4.178  1.00 16.62 ? 4   DG  B "C5'"  1 
ATOM   99  C  "C4'"  . DG  A 1 4  ? 4.637   1.385   -4.852  1.00 14.07 ? 4   DG  B "C4'"  1 
ATOM   100 O  "O4'"  . DG  A 1 4  ? 3.981   0.541   -3.866  1.00 13.46 ? 4   DG  B "O4'"  1 
ATOM   101 C  "C3'"  . DG  A 1 4  ? 3.539   2.242   -5.464  1.00 15.89 ? 4   DG  B "C3'"  1 
ATOM   102 O  "O3'"  . DG  A 1 4  ? 3.111   1.633   -6.661  1.00 16.29 ? 4   DG  B "O3'"  1 
ATOM   103 C  "C2'"  . DG  A 1 4  ? 2.472   2.250   -4.375  1.00 14.65 ? 4   DG  B "C2'"  1 
ATOM   104 C  "C1'"  . DG  A 1 4  ? 2.602   0.847   -3.815  1.00 12.90 ? 4   DG  B "C1'"  1 
ATOM   105 N  N9     . DG  A 1 4  ? 2.141   0.674   -2.443  1.00 12.22 ? 4   DG  B N9     1 
ATOM   106 C  C8     . DG  A 1 4  ? 2.338   1.515   -1.367  1.00 15.93 ? 4   DG  B C8     1 
ATOM   107 N  N7     . DG  A 1 4  ? 1.812   1.070   -0.259  1.00 12.11 ? 4   DG  B N7     1 
ATOM   108 C  C5     . DG  A 1 4  ? 1.227   -0.142  -0.629  1.00 12.53 ? 4   DG  B C5     1 
ATOM   109 C  C6     . DG  A 1 4  ? 0.517   -1.081  0.139   1.00 12.23 ? 4   DG  B C6     1 
ATOM   110 O  O6     . DG  A 1 4  ? 0.248   -1.032  1.347   1.00 11.93 ? 4   DG  B O6     1 
ATOM   111 N  N1     . DG  A 1 4  ? 0.082   -2.161  -0.624  1.00 11.06 ? 4   DG  B N1     1 
ATOM   112 C  C2     . DG  A 1 4  ? 0.356   -2.332  -1.955  1.00 11.53 ? 4   DG  B C2     1 
ATOM   113 N  N2     . DG  A 1 4  ? -0.115  -3.448  -2.520  1.00 12.92 ? 4   DG  B N2     1 
ATOM   114 N  N3     . DG  A 1 4  ? 1.027   -1.460  -2.685  1.00 11.87 ? 4   DG  B N3     1 
ATOM   115 C  C4     . DG  A 1 4  ? 1.431   -0.395  -1.961  1.00 11.81 ? 4   DG  B C4     1 
ATOM   116 H  "H5'"  . DG  A 1 4  ? 6.392   1.539   -3.813  1.00 19.95 ? 4   DG  B "H5'"  1 
ATOM   117 H  "H5''" . DG  A 1 4  ? 6.175   2.732   -4.830  1.00 19.95 ? 4   DG  B "H5''" 1 
ATOM   118 H  "H4'"  . DG  A 1 4  ? 5.021   0.822   -5.542  1.00 16.90 ? 4   DG  B "H4'"  1 
ATOM   119 H  "H3'"  . DG  A 1 4  ? 3.864   3.140   -5.633  1.00 19.08 ? 4   DG  B "H3'"  1 
ATOM   120 H  "H2'"  . DG  A 1 4  ? 2.673   2.915   -3.698  1.00 17.59 ? 4   DG  B "H2'"  1 
ATOM   121 H  "H2''" . DG  A 1 4  ? 1.591   2.392   -4.755  1.00 17.59 ? 4   DG  B "H2''" 1 
ATOM   122 H  "H1'"  . DG  A 1 4  ? 2.121   0.232   -4.390  1.00 15.49 ? 4   DG  B "H1'"  1 
ATOM   123 H  H8     . DG  A 1 4  ? 2.802   2.319   -1.425  1.00 19.13 ? 4   DG  B H8     1 
ATOM   124 H  H1     . DG  A 1 4  ? -0.344  -2.790  -0.220  1.00 13.29 ? 4   DG  B H1     1 
ATOM   125 H  H21    . DG  A 1 4  ? 0.020   -3.596  -3.357  1.00 15.52 ? 4   DG  B H21    1 
ATOM   126 H  H22    . DG  A 1 4  ? -0.551  -4.018  -2.048  1.00 15.52 ? 4   DG  B H22    1 
ATOM   127 P  P      . DC  A 1 5  ? 2.163   2.376   -7.707  1.00 16.41 ? 5   DC  B P      1 
ATOM   128 O  OP1    . DC  A 1 5  ? 2.922   2.683   -8.924  1.00 20.70 ? 5   DC  B OP1    1 
ATOM   129 O  OP2    . DC  A 1 5  ? 1.407   3.440   -7.026  1.00 20.09 ? 5   DC  B OP2    1 
ATOM   130 O  "O5'"  . DC  A 1 5  ? 1.073   1.246   -8.028  1.00 15.38 ? 5   DC  B "O5'"  1 
ATOM   131 C  "C5'"  . DC  A 1 5  ? 1.502   0.004   -8.602  1.00 15.01 ? 5   DC  B "C5'"  1 
ATOM   132 C  "C4'"  . DC  A 1 5  ? 0.433   -1.067  -8.455  1.00 15.57 ? 5   DC  B "C4'"  1 
ATOM   133 O  "O4'"  . DC  A 1 5  ? 0.311   -1.436  -7.077  1.00 14.60 ? 5   DC  B "O4'"  1 
ATOM   134 C  "C3'"  . DC  A 1 5  ? -0.951  -0.665  -8.904  1.00 16.25 ? 5   DC  B "C3'"  1 
ATOM   135 O  "O3'"  . DC  A 1 5  ? -1.144  -1.074  -10.192 1.00 13.70 ? 5   DC  B "O3'"  1 
ATOM   136 C  "C2'"  . DC  A 1 5  ? -1.903  -1.374  -7.955  1.00 23.35 ? 5   DC  B "C2'"  1 
ATOM   137 C  "C1'"  . DC  A 1 5  ? -1.051  -1.701  -6.750  1.00 21.08 ? 5   DC  B "C1'"  1 
ATOM   138 N  N1     . DC  A 1 5  ? -1.346  -0.930  -5.527  1.00 15.40 ? 5   DC  B N1     1 
ATOM   139 C  C2     . DC  A 1 5  ? -2.004  -1.555  -4.471  1.00 15.68 ? 5   DC  B C2     1 
ATOM   140 O  O2     . DC  A 1 5  ? -2.429  -2.703  -4.617  1.00 17.24 ? 5   DC  B O2     1 
ATOM   141 N  N3     . DC  A 1 5  ? -2.197  -0.863  -3.326  1.00 15.17 ? 5   DC  B N3     1 
ATOM   142 C  C4     . DC  A 1 5  ? -1.713  0.366   -3.202  1.00 13.43 ? 5   DC  B C4     1 
ATOM   143 N  N4     . DC  A 1 5  ? -1.893  0.989   -2.045  1.00 14.01 ? 5   DC  B N4     1 
ATOM   144 C  C5     . DC  A 1 5  ? -1.026  1.022   -4.254  1.00 13.14 ? 5   DC  B C5     1 
ATOM   145 C  C6     . DC  A 1 5  ? -0.859  0.339   -5.394  1.00 14.15 ? 5   DC  B C6     1 
ATOM   146 H  "H5'"  . DC  A 1 5  ? 2.311   -0.291  -8.154  1.00 18.02 ? 5   DC  B "H5'"  1 
ATOM   147 H  "H5''" . DC  A 1 5  ? 1.691   0.138   -9.544  1.00 18.02 ? 5   DC  B "H5''" 1 
ATOM   148 H  "H4'"  . DC  A 1 5  ? 0.708   -1.848  -8.961  1.00 18.69 ? 5   DC  B "H4'"  1 
ATOM   149 H  "H3'"  . DC  A 1 5  ? -1.060  0.296   -8.835  1.00 19.51 ? 5   DC  B "H3'"  1 
ATOM   150 H  "H2'"  . DC  A 1 5  ? -2.633  -0.787  -7.705  1.00 28.03 ? 5   DC  B "H2'"  1 
ATOM   151 H  "H2''" . DC  A 1 5  ? -2.244  -2.188  -8.361  1.00 28.03 ? 5   DC  B "H2''" 1 
ATOM   152 H  "H1'"  . DC  A 1 5  ? -1.145  -2.646  -6.550  1.00 25.30 ? 5   DC  B "H1'"  1 
ATOM   153 H  H41    . DC  A 1 5  ? -1.591  1.786   -1.934  1.00 16.82 ? 5   DC  B H41    1 
ATOM   154 H  H42    . DC  A 1 5  ? -2.314  0.595   -1.406  1.00 16.82 ? 5   DC  B H42    1 
ATOM   155 H  H5     . DC  A 1 5  ? -0.695  1.885   -4.153  1.00 15.78 ? 5   DC  B H5     1 
ATOM   156 H  H6     . DC  A 1 5  ? -0.381  0.724   -6.092  1.00 16.99 ? 5   DC  B H6     1 
ATOM   157 P  P      . DG  A 1 6  ? -2.246  -0.345  -11.076 1.00 16.88 ? 6   DG  B P      1 
ATOM   158 O  OP1    . DG  A 1 6  ? -2.043  -0.842  -12.442 1.00 20.37 ? 6   DG  B OP1    1 
ATOM   159 O  OP2    . DG  A 1 6  ? -2.177  1.108   -10.848 1.00 19.84 ? 6   DG  B OP2    1 
ATOM   160 O  "O5'"  . DG  A 1 6  ? -3.603  -0.871  -10.491 1.00 14.93 ? 6   DG  B "O5'"  1 
ATOM   161 C  "C5'"  . DG  A 1 6  ? -3.947  -2.200  -10.641 1.00 15.74 ? 6   DG  B "C5'"  1 
ATOM   162 C  "C4'"  . DG  A 1 6  ? -5.383  -2.388  -10.239 1.00 16.86 ? 6   DG  B "C4'"  1 
ATOM   163 O  "O4'"  . DG  A 1 6  ? -5.524  -2.104  -8.827  1.00 19.68 ? 6   DG  B "O4'"  1 
ATOM   164 C  "C3'"  . DG  A 1 6  ? -6.358  -1.471  -10.955 1.00 16.26 ? 6   DG  B "C3'"  1 
ATOM   165 O  "O3'"  . DG  A 1 6  ? -7.537  -2.170  -11.210 1.00 20.88 ? 6   DG  B "O3'"  1 
ATOM   166 C  "C2'"  . DG  A 1 6  ? -6.547  -0.304  -9.979  1.00 14.77 ? 6   DG  B "C2'"  1 
ATOM   167 C  "C1'"  . DG  A 1 6  ? -6.334  -0.948  -8.609  1.00 14.16 ? 6   DG  B "C1'"  1 
ATOM   168 N  N9     . DG  A 1 6  ? -5.667  -0.096  -7.611  1.00 14.75 ? 6   DG  B N9     1 
ATOM   169 C  C8     . DG  A 1 6  ? -4.673  0.828   -7.820  1.00 14.67 ? 6   DG  B C8     1 
ATOM   170 N  N7     . DG  A 1 6  ? -4.266  1.414   -6.716  1.00 12.94 ? 6   DG  B N7     1 
ATOM   171 C  C5     . DG  A 1 6  ? -5.042  0.836   -5.720  1.00 13.23 ? 6   DG  B C5     1 
ATOM   172 C  C6     . DG  A 1 6  ? -5.072  1.070   -4.319  1.00 11.74 ? 6   DG  B C6     1 
ATOM   173 O  O6     . DG  A 1 6  ? -4.413  1.872   -3.649  1.00 12.69 ? 6   DG  B O6     1 
ATOM   174 N  N1     . DG  A 1 6  ? -6.018  0.274   -3.684  1.00 13.32 ? 6   DG  B N1     1 
ATOM   175 C  C2     . DG  A 1 6  ? -6.833  -0.638  -4.317  1.00 21.20 ? 6   DG  B C2     1 
ATOM   176 N  N2     . DG  A 1 6  ? -7.693  -1.324  -3.535  1.00 20.80 ? 6   DG  B N2     1 
ATOM   177 N  N3     . DG  A 1 6  ? -6.810  -0.864  -5.625  1.00 19.17 ? 6   DG  B N3     1 
ATOM   178 C  C4     . DG  A 1 6  ? -5.897  -0.098  -6.257  1.00 13.51 ? 6   DG  B C4     1 
ATOM   179 H  "H5'"  . DG  A 1 6  ? -3.379  -2.747  -10.077 1.00 18.90 ? 6   DG  B "H5'"  1 
ATOM   180 H  "H5''" . DG  A 1 6  ? -3.833  -2.461  -11.568 1.00 18.90 ? 6   DG  B "H5''" 1 
ATOM   181 H  "H4'"  . DG  A 1 6  ? -5.637  -3.310  -10.403 1.00 20.24 ? 6   DG  B "H4'"  1 
ATOM   182 H  "H3'"  . DG  A 1 6  ? -5.970  -1.154  -11.785 1.00 19.52 ? 6   DG  B "H3'"  1 
ATOM   183 H  "H2'"  . DG  A 1 6  ? -5.883  0.387   -10.139 1.00 17.73 ? 6   DG  B "H2'"  1 
ATOM   184 H  "H2''" . DG  A 1 6  ? -7.443  0.060   -10.050 1.00 17.73 ? 6   DG  B "H2''" 1 
ATOM   185 H  "H1'"  . DG  A 1 6  ? -7.193  -1.228  -8.259  1.00 17.00 ? 6   DG  B "H1'"  1 
ATOM   186 H  H8     . DG  A 1 6  ? -4.316  1.013   -8.658  1.00 17.61 ? 6   DG  B H8     1 
ATOM   187 H  H1     . DG  A 1 6  ? -6.099  0.356   -2.832  1.00 16.00 ? 6   DG  B H1     1 
ATOM   188 H  H21    . DG  A 1 6  ? -8.223  -1.904  -3.885  1.00 24.97 ? 6   DG  B H21    1 
ATOM   189 H  H22    . DG  A 1 6  ? -7.711  -1.182  -2.687  1.00 24.97 ? 6   DG  B H22    1 
ATOM   190 P  P      . DC  A 1 7  ? -8.742  -1.496  -12.022 1.00 22.93 ? 7   DC  B P      1 
ATOM   191 O  OP1    . DC  A 1 7  ? -9.444  -2.541  -12.783 1.00 29.22 ? 7   DC  B OP1    1 
ATOM   192 O  OP2    . DC  A 1 7  ? -8.321  -0.265  -12.703 1.00 21.17 ? 7   DC  B OP2    1 
ATOM   193 O  "O5'"  . DC  A 1 7  ? -9.712  -0.993  -10.857 1.00 22.98 ? 7   DC  B "O5'"  1 
ATOM   194 C  "C5'"  . DC  A 1 7  ? -10.256 -1.935  -9.947  1.00 16.70 ? 7   DC  B "C5'"  1 
ATOM   195 C  "C4'"  . DC  A 1 7  ? -10.907 -1.222  -8.766  1.00 15.90 ? 7   DC  B "C4'"  1 
ATOM   196 O  "O4'"  . DC  A 1 7  ? -9.891  -0.717  -7.900  1.00 16.05 ? 7   DC  B "O4'"  1 
ATOM   197 C  "C3'"  . DC  A 1 7  ? -11.744 0.003   -9.107  1.00 14.51 ? 7   DC  B "C3'"  1 
ATOM   198 O  "O3'"  . DC  A 1 7  ? -13.064 -0.398  -9.452  1.00 15.68 ? 7   DC  B "O3'"  1 
ATOM   199 C  "C2'"  . DC  A 1 7  ? -11.696 0.833   -7.834  1.00 13.83 ? 7   DC  B "C2'"  1 
ATOM   200 C  "C1'"  . DC  A 1 7  ? -10.444 0.323   -7.112  1.00 16.52 ? 7   DC  B "C1'"  1 
ATOM   201 N  N1     . DC  A 1 7  ? -9.385  1.342   -6.920  1.00 13.02 ? 7   DC  B N1     1 
ATOM   202 C  C2     . DC  A 1 7  ? -9.008  1.706   -5.628  1.00 13.14 ? 7   DC  B C2     1 
ATOM   203 O  O2     . DC  A 1 7  ? -9.609  1.219   -4.657  1.00 16.70 ? 7   DC  B O2     1 
ATOM   204 N  N3     . DC  A 1 7  ? -8.014  2.598   -5.468  1.00 12.83 ? 7   DC  B N3     1 
ATOM   205 C  C4     . DC  A 1 7  ? -7.393  3.109   -6.539  1.00 11.99 ? 7   DC  B C4     1 
ATOM   206 N  N4     . DC  A 1 7  ? -6.443  4.012   -6.335  1.00 13.35 ? 7   DC  B N4     1 
ATOM   207 C  C5     . DC  A 1 7  ? -7.750  2.756   -7.857  1.00 13.49 ? 7   DC  B C5     1 
ATOM   208 C  C6     . DC  A 1 7  ? -8.732  1.860   -8.006  1.00 13.51 ? 7   DC  B C6     1 
ATOM   209 H  "H5'"  . DC  A 1 7  ? -9.548  -2.511  -9.622  1.00 20.05 ? 7   DC  B "H5'"  1 
ATOM   210 H  "H5''" . DC  A 1 7  ? -10.922 -2.472  -10.403 1.00 20.05 ? 7   DC  B "H5''" 1 
ATOM   211 H  "H4'"  . DC  A 1 7  ? -11.455 -1.855  -8.277  1.00 19.09 ? 7   DC  B "H4'"  1 
ATOM   212 H  "H3'"  . DC  A 1 7  ? -11.338 0.492   -9.840  1.00 17.43 ? 7   DC  B "H3'"  1 
ATOM   213 H  "H2'"  . DC  A 1 7  ? -11.607 1.775   -8.047  1.00 16.60 ? 7   DC  B "H2'"  1 
ATOM   214 H  "H2''" . DC  A 1 7  ? -12.488 0.675   -7.297  1.00 16.60 ? 7   DC  B "H2''" 1 
ATOM   215 H  "H1'"  . DC  A 1 7  ? -10.700 -0.036  -6.249  1.00 19.84 ? 7   DC  B "H1'"  1 
ATOM   216 H  H41    . DC  A 1 7  ? -6.027  4.356   -7.004  1.00 16.03 ? 7   DC  B H41    1 
ATOM   217 H  H42    . DC  A 1 7  ? -6.244  4.253   -5.534  1.00 16.03 ? 7   DC  B H42    1 
ATOM   218 H  H5     . DC  A 1 7  ? -7.311  3.118   -8.592  1.00 16.20 ? 7   DC  B H5     1 
ATOM   219 H  H6     . DC  A 1 7  ? -8.982  1.593   -8.862  1.00 16.22 ? 7   DC  B H6     1 
ATOM   220 P  P      . DC  A 1 8  ? -13.821 0.314   -10.663 1.00 18.26 ? 8   DC  B P      1 
ATOM   221 O  OP1    . DC  A 1 8  ? -15.014 -0.495  -10.936 1.00 21.49 ? 8   DC  B OP1    1 
ATOM   222 O  OP2    . DC  A 1 8  ? -12.863 0.608   -11.751 1.00 29.33 ? 8   DC  B OP2    1 
ATOM   223 O  "O5'"  . DC  A 1 8  ? -14.224 1.738   -10.096 1.00 18.28 ? 8   DC  B "O5'"  1 
ATOM   224 C  "C5'"  . DC  A 1 8  ? -15.159 1.834   -9.096  1.00 17.17 ? 8   DC  B "C5'"  1 
ATOM   225 C  "C4'"  . DC  A 1 8  ? -15.310 3.271   -8.665  1.00 16.76 ? 8   DC  B "C4'"  1 
ATOM   226 O  "O4'"  . DC  A 1 8  ? -14.065 3.755   -8.139  1.00 17.04 ? 8   DC  B "O4'"  1 
ATOM   227 C  "C3'"  . DC  A 1 8  ? -15.709 4.240   -9.773  1.00 17.11 ? 8   DC  B "C3'"  1 
ATOM   228 O  "O3'"  . DC  A 1 8  ? -17.057 4.642   -9.544  1.00 17.95 ? 8   DC  B "O3'"  1 
ATOM   229 C  "C2'"  . DC  A 1 8  ? -14.687 5.407   -9.673  1.00 15.46 ? 8   DC  B "C2'"  1 
ATOM   230 C  "C1'"  . DC  A 1 8  ? -13.965 5.143   -8.362  1.00 15.44 ? 8   DC  B "C1'"  1 
ATOM   231 N  N1     . DC  A 1 8  ? -12.522 5.452   -8.367  1.00 14.13 ? 8   DC  B N1     1 
ATOM   232 C  C2     . DC  A 1 8  ? -11.971 6.325   -7.406  1.00 14.13 ? 8   DC  B C2     1 
ATOM   233 O  O2     . DC  A 1 8  ? -12.706 6.886   -6.573  1.00 14.88 ? 8   DC  B O2     1 
ATOM   234 N  N3     . DC  A 1 8  ? -10.638 6.537   -7.426  1.00 13.63 ? 8   DC  B N3     1 
ATOM   235 C  C4     . DC  A 1 8  ? -9.871  5.915   -8.343  1.00 13.18 ? 8   DC  B C4     1 
ATOM   236 N  N4     . DC  A 1 8  ? -8.553  6.154   -8.340  1.00 13.38 ? 8   DC  B N4     1 
ATOM   237 C  C5     . DC  A 1 8  ? -10.415 5.033   -9.310  1.00 13.31 ? 8   DC  B C5     1 
ATOM   238 C  C6     . DC  A 1 8  ? -11.718 4.815   -9.273  1.00 14.24 ? 8   DC  B C6     1 
ATOM   239 H  "H5'"  . DC  A 1 8  ? -14.875 1.300   -8.338  1.00 20.62 ? 8   DC  B "H5'"  1 
ATOM   240 H  "H5''" . DC  A 1 8  ? -16.012 1.504   -9.420  1.00 20.62 ? 8   DC  B "H5''" 1 
ATOM   241 H  "H4'"  . DC  A 1 8  ? -15.979 3.313   -7.964  1.00 20.12 ? 8   DC  B "H4'"  1 
ATOM   242 H  "H3'"  . DC  A 1 8  ? -15.634 3.806   -10.637 1.00 20.55 ? 8   DC  B "H3'"  1 
ATOM   243 H  "H2'"  . DC  A 1 8  ? -14.065 5.379   -10.417 1.00 18.56 ? 8   DC  B "H2'"  1 
ATOM   244 H  "H2''" . DC  A 1 8  ? -15.146 6.260   -9.643  1.00 18.56 ? 8   DC  B "H2''" 1 
ATOM   245 H  "H1'"  . DC  A 1 8  ? -14.402 5.624   -7.643  1.00 18.54 ? 8   DC  B "H1'"  1 
ATOM   246 H  H41    . DC  A 1 8  ? -8.045  5.768   -8.917  1.00 16.06 ? 8   DC  B H41    1 
ATOM   247 H  H42    . DC  A 1 8  ? -8.215  6.692   -7.761  1.00 16.06 ? 8   DC  B H42    1 
ATOM   248 H  H5     . DC  A 1 8  ? -9.871  4.603   -9.930  1.00 15.98 ? 8   DC  B H5     1 
ATOM   249 H  H6     . DC  A 1 8  ? -12.101 4.236   -9.891  1.00 17.10 ? 8   DC  B H6     1 
ATOM   250 P  P      . DG  A 1 9  ? -17.953 5.242   -10.715 1.00 20.85 ? 9   DG  B P      1 
ATOM   251 O  OP1    . DG  A 1 9  ? -19.364 4.998   -10.360 1.00 25.12 ? 9   DG  B OP1    1 
ATOM   252 O  OP2    . DG  A 1 9  ? -17.397 4.828   -12.028 1.00 22.68 ? 9   DG  B OP2    1 
ATOM   253 O  "O5'"  . DG  A 1 9  ? -17.642 6.800   -10.641 1.00 21.03 ? 9   DG  B "O5'"  1 
ATOM   254 C  "C5'"  . DG  A 1 9  ? -18.052 7.516   -9.535  1.00 21.30 ? 9   DG  B "C5'"  1 
ATOM   255 C  "C4'"  . DG  A 1 9  ? -17.463 8.894   -9.568  1.00 20.81 ? 9   DG  B "C4'"  1 
ATOM   256 O  "O4'"  . DG  A 1 9  ? -16.015 8.804   -9.412  1.00 20.15 ? 9   DG  B "O4'"  1 
ATOM   257 C  "C3'"  . DG  A 1 9  ? -17.691 9.630   -10.886 1.00 19.32 ? 9   DG  B "C3'"  1 
ATOM   258 O  "O3'"  . DG  A 1 9  ? -17.887 11.002  -10.659 1.00 31.90 ? 9   DG  B "O3'"  1 
ATOM   259 C  "C2'"  . DG  A 1 9  ? -16.403 9.378   -11.625 1.00 20.08 ? 9   DG  B "C2'"  1 
ATOM   260 C  "C1'"  . DG  A 1 9  ? -15.427 9.513   -10.480 1.00 22.42 ? 9   DG  B "C1'"  1 
ATOM   261 N  N9     . DG  A 1 9  ? -14.092 9.011   -10.736 1.00 17.41 ? 9   DG  B N9     1 
ATOM   262 C  C8     . DG  A 1 9  ? -13.652 8.247   -11.790 1.00 17.88 ? 9   DG  B C8     1 
ATOM   263 N  N7     . DG  A 1 9  ? -12.370 7.998   -11.733 1.00 16.16 ? 9   DG  B N7     1 
ATOM   264 C  C5     . DG  A 1 9  ? -11.949 8.638   -10.562 1.00 17.25 ? 9   DG  B C5     1 
ATOM   265 C  C6     . DG  A 1 9  ? -10.673 8.743   -9.947  1.00 15.58 ? 9   DG  B C6     1 
ATOM   266 O  O6     . DG  A 1 9  ? -9.592  8.292   -10.313 1.00 15.50 ? 9   DG  B O6     1 
ATOM   267 N  N1     . DG  A 1 9  ? -10.724 9.503   -8.783  1.00 15.98 ? 9   DG  B N1     1 
ATOM   268 C  C2     . DG  A 1 9  ? -11.843 10.074  -8.268  1.00 17.45 ? 9   DG  B C2     1 
ATOM   269 N  N2     . DG  A 1 9  ? -11.694 10.758  -7.135  1.00 17.53 ? 9   DG  B N2     1 
ATOM   270 N  N3     . DG  A 1 9  ? -13.023 9.986   -8.821  1.00 17.15 ? 9   DG  B N3     1 
ATOM   271 C  C4     . DG  A 1 9  ? -13.008 9.265   -9.960  1.00 16.84 ? 9   DG  B C4     1 
ATOM   272 H  "H5'"  . DG  A 1 9  ? -17.757 7.060   -8.731  1.00 25.57 ? 9   DG  B "H5'"  1 
ATOM   273 H  "H5''" . DG  A 1 9  ? -19.019 7.580   -9.533  1.00 25.57 ? 9   DG  B "H5''" 1 
ATOM   274 H  "H4'"  . DG  A 1 9  ? -17.831 9.418   -8.840  1.00 24.99 ? 9   DG  B "H4'"  1 
ATOM   275 H  "H3'"  . DG  A 1 9  ? -18.443 9.248   -11.367 1.00 23.19 ? 9   DG  B "H3'"  1 
ATOM   276 H  "H2'"  . DG  A 1 9  ? -16.382 8.484   -12.001 1.00 24.10 ? 9   DG  B "H2'"  1 
ATOM   277 H  "H2''" . DG  A 1 9  ? -16.247 10.054  -12.303 1.00 24.10 ? 9   DG  B "H2''" 1 
ATOM   278 H  "H1'"  . DG  A 1 9  ? -15.364 10.450  -10.235 1.00 26.91 ? 9   DG  B "H1'"  1 
ATOM   279 H  H8     . DG  A 1 9  ? -14.205 7.947   -12.474 1.00 21.46 ? 9   DG  B H8     1 
ATOM   280 H  H1     . DG  A 1 9  ? -9.990  9.607   -8.347  1.00 19.19 ? 9   DG  B H1     1 
ATOM   281 H  H21    . DG  A 1 9  ? -12.372 11.140  -6.769  1.00 21.05 ? 9   DG  B H21    1 
ATOM   282 H  H22    . DG  A 1 9  ? -10.918 10.817  -6.767  1.00 21.05 ? 9   DG  B H22    1 
ATOM   283 P  P      . DA  A 1 10 ? -19.334 11.660  -10.861 1.00 45.91 ? 10  DA  B P      1 
ATOM   284 O  OP1    . DA  A 1 10 ? -19.956 11.021  -12.043 1.00 34.11 ? 10  DA  B OP1    1 
ATOM   285 O  OP2    . DA  A 1 10 ? -19.145 13.128  -10.816 1.00 41.19 ? 10  DA  B OP2    1 
ATOM   286 O  "O5'"  . DA  A 1 10 ? -20.163 11.167  -9.580  1.00 42.24 ? 10  DA  B "O5'"  1 
ATOM   287 C  "C5'"  . DA  A 1 10 ? -21.458 10.630  -9.769  1.00 41.54 ? 10  DA  B "C5'"  1 
ATOM   288 C  "C4'"  . DA  A 1 10 ? -21.976 9.939   -8.520  1.00 35.23 ? 10  DA  B "C4'"  1 
ATOM   289 O  "O4'"  . DA  A 1 10 ? -21.071 8.880   -8.138  1.00 29.21 ? 10  DA  B "O4'"  1 
ATOM   290 C  "C3'"  . DA  A 1 10 ? -22.127 10.833  -7.277  1.00 33.47 ? 10  DA  B "C3'"  1 
ATOM   291 O  "O3'"  . DA  A 1 10 ? -23.459 10.766  -6.780  1.00 45.05 ? 10  DA  B "O3'"  1 
ATOM   292 C  "C2'"  . DA  A 1 10 ? -21.112 10.263  -6.285  1.00 34.26 ? 10  DA  B "C2'"  1 
ATOM   293 C  "C1'"  . DA  A 1 10 ? -21.023 8.819   -6.739  1.00 32.02 ? 10  DA  B "C1'"  1 
ATOM   294 N  N9     . DA  A 1 10 ? -19.814 8.109   -6.344  1.00 22.66 ? 10  DA  B N9     1 
ATOM   295 C  C8     . DA  A 1 10 ? -18.651 8.636   -5.851  1.00 25.27 ? 10  DA  B C8     1 
ATOM   296 N  N7     . DA  A 1 10 ? -17.730 7.733   -5.602  1.00 23.77 ? 10  DA  B N7     1 
ATOM   297 C  C5     . DA  A 1 10 ? -18.331 6.536   -5.961  1.00 20.67 ? 10  DA  B C5     1 
ATOM   298 C  C6     . DA  A 1 10 ? -17.880 5.201   -5.937  1.00 19.93 ? 10  DA  B C6     1 
ATOM   299 N  N6     . DA  A 1 10 ? -16.662 4.842   -5.521  1.00 19.29 ? 10  DA  B N6     1 
ATOM   300 N  N1     . DA  A 1 10 ? -18.739 4.249   -6.365  1.00 20.65 ? 10  DA  B N1     1 
ATOM   301 C  C2     . DA  A 1 10 ? -19.954 4.617   -6.792  1.00 23.92 ? 10  DA  B C2     1 
ATOM   302 N  N3     . DA  A 1 10 ? -20.487 5.834   -6.855  1.00 25.23 ? 10  DA  B N3     1 
ATOM   303 C  C4     . DA  A 1 10 ? -19.611 6.756   -6.426  1.00 26.44 ? 10  DA  B C4     1 
ATOM   304 H  "H5'"  . DA  A 1 10 ? -21.429 9.987   -10.495 1.00 49.86 ? 10  DA  B "H5'"  1 
ATOM   305 H  "H5''" . DA  A 1 10 ? -22.066 11.348  -10.008 1.00 49.86 ? 10  DA  B "H5''" 1 
ATOM   306 H  "H4'"  . DA  A 1 10 ? -22.840 9.546   -8.722  1.00 42.28 ? 10  DA  B "H4'"  1 
ATOM   307 H  "H3'"  . DA  A 1 10 ? -21.898 11.749  -7.498  1.00 40.18 ? 10  DA  B "H3'"  1 
ATOM   308 H  "HO3'" . DA  A 1 10 ? -23.603 10.493  -5.998  1.00 54.07 ? 10  DA  B "HO3'" 1 
ATOM   309 H  "H2'"  . DA  A 1 10 ? -20.254 10.707  -6.373  1.00 41.12 ? 10  DA  B "H2'"  1 
ATOM   310 H  "H2''" . DA  A 1 10 ? -21.445 10.322  -5.376  1.00 41.12 ? 10  DA  B "H2''" 1 
ATOM   311 H  "H1'"  . DA  A 1 10 ? -21.799 8.334   -6.413  1.00 38.43 ? 10  DA  B "H1'"  1 
ATOM   312 H  H8     . DA  A 1 10 ? -18.526 9.545   -5.704  1.00 30.34 ? 10  DA  B H8     1 
ATOM   313 H  H61    . DA  A 1 10 ? -16.433 4.014   -5.529  1.00 23.16 ? 10  DA  B H61    1 
ATOM   314 H  H62    . DA  A 1 10 ? -16.108 5.439   -5.247  1.00 23.16 ? 10  DA  B H62    1 
ATOM   315 H  H2     . DA  A 1 10 ? -20.505 3.924   -7.074  1.00 28.71 ? 10  DA  B H2     1 
HETATM 316 BA BA     . BA  B 2 .  ? 0.961   1.391   2.679   1.00 12.22 ? 101 BA  B BA     1 
HETATM 317 C  C22    A F3K C 3 .  ? 14.516  -3.620  8.027   0.34 10.16 ? 102 F3K B C22    1 
HETATM 318 C  C22    B F3K C 3 .  ? 9.809   -0.745  4.842   0.66 16.32 ? 102 F3K B C22    1 
HETATM 319 C  C17    A F3K C 3 .  ? 11.014  -8.332  7.626   0.34 12.53 ? 102 F3K B C17    1 
HETATM 320 C  C17    B F3K C 3 .  ? 6.360   -3.251  8.573   0.66 14.28 ? 102 F3K B C17    1 
HETATM 321 C  C18    A F3K C 3 .  ? 9.766   -8.697  8.152   0.34 11.75 ? 102 F3K B C18    1 
HETATM 322 C  C18    B F3K C 3 .  ? 5.946   -4.541  8.917   0.66 16.31 ? 102 F3K B C18    1 
HETATM 323 C  C19    A F3K C 3 .  ? 13.170  -4.146  5.660   0.34 9.86  ? 102 F3K B C19    1 
HETATM 324 C  C19    B F3K C 3 .  ? 10.500  -0.970  7.502   0.66 14.06 ? 102 F3K B C19    1 
HETATM 325 C  C20    A F3K C 3 .  ? 14.567  -4.051  5.694   0.34 11.06 ? 102 F3K B C20    1 
HETATM 326 C  C20    B F3K C 3 .  ? 10.340  0.288   6.904   0.66 15.03 ? 102 F3K B C20    1 
HETATM 327 C  C21    A F3K C 3 .  ? 13.130  -3.717  7.988   0.34 9.72  ? 102 F3K B C21    1 
HETATM 328 C  C21    B F3K C 3 .  ? 9.968   -1.989  5.435   0.66 13.37 ? 102 F3K B C21    1 
HETATM 329 C  C24    A F3K C 3 .  ? 14.413  -3.180  10.429  0.34 11.38 ? 102 F3K B C24    1 
HETATM 330 C  C24    B F3K C 3 .  ? 9.263   -1.855  2.747   0.66 17.48 ? 102 F3K B C24    1 
HETATM 331 C  C11    A F3K C 3 .  ? 6.429   -3.258  8.600   0.34 11.78 ? 102 F3K B C11    1 
HETATM 332 C  C11    B F3K C 3 .  ? 10.921  -8.343  7.716   0.66 14.88 ? 102 F3K B C11    1 
HETATM 333 C  C10    A F3K C 3 .  ? 6.033   -4.552  8.941   0.34 12.86 ? 102 F3K B C10    1 
HETATM 334 C  C10    B F3K C 3 .  ? 9.663   -8.707  8.218   0.66 13.45 ? 102 F3K B C10    1 
HETATM 335 C  C12    A F3K C 3 .  ? 7.703   -3.049  8.075   0.34 10.55 ? 102 F3K B C12    1 
HETATM 336 C  C12    B F3K C 3 .  ? 11.193  -7.011  7.414   0.66 13.63 ? 102 F3K B C12    1 
HETATM 337 C  C13    A F3K C 3 .  ? 8.179   -5.364  8.252   0.34 10.65 ? 102 F3K B C13    1 
HETATM 338 C  C13    B F3K C 3 .  ? 9.011   -6.418  8.102   0.66 13.63 ? 102 F3K B C13    1 
HETATM 339 C  C25    A F3K C 3 .  ? 13.016  -3.280  10.402  0.34 10.49 ? 102 F3K B C25    1 
HETATM 340 C  C25    B F3K C 3 .  ? 9.430   -3.112  3.329   0.66 16.27 ? 102 F3K B C25    1 
HETATM 341 C  C26    A F3K C 3 .  ? 10.924  -3.218  11.471  0.34 12.53 ? 102 F3K B C26    1 
HETATM 342 C  C26    B F3K C 3 .  ? 9.436   -5.478  3.243   0.66 16.99 ? 102 F3K B C26    1 
HETATM 343 C  C28    A F3K C 3 .  ? 12.385  -3.542  9.182   0.34 10.17 ? 102 F3K B C28    1 
HETATM 344 C  C28    B F3K C 3 .  ? 9.782   -3.169  4.677   0.66 16.56 ? 102 F3K B C28    1 
HETATM 345 C  C29    A F3K C 3 .  ? 9.774   -5.324  4.501   0.34 12.44 ? 102 F3K B C29    1 
HETATM 346 C  C29    B F3K C 3 .  ? 10.492  -3.412  10.282  0.66 12.36 ? 102 F3K B C29    1 
HETATM 347 C  C01    A F3K C 3 .  ? 3.354   -10.004 10.789  0.34 18.49 ? 102 F3K B C01    1 
HETATM 348 C  C01    B F3K C 3 .  ? 4.290   -11.151 10.537  0.66 23.57 ? 102 F3K B C01    1 
HETATM 349 C  C02    A F3K C 3 .  ? 4.263   -11.058 10.604  0.34 19.98 ? 102 F3K B C02    1 
HETATM 350 C  C02    B F3K C 3 .  ? 3.341   -10.133 10.719  0.66 21.79 ? 102 F3K B C02    1 
HETATM 351 C  C03    A F3K C 3 .  ? 5.538   -10.808 10.082  0.34 16.74 ? 102 F3K B C03    1 
HETATM 352 C  C03    B F3K C 3 .  ? 3.659   -8.808  10.402  0.66 19.60 ? 102 F3K B C03    1 
HETATM 353 C  C04    A F3K C 3 .  ? 3.728   -8.703  10.451  0.34 16.24 ? 102 F3K B C04    1 
HETATM 354 C  C04    B F3K C 3 .  ? 5.549   -10.848 10.035  0.66 19.62 ? 102 F3K B C04    1 
HETATM 355 C  C05    A F3K C 3 .  ? 4.990   -8.453  9.930   0.34 14.36 ? 102 F3K B C05    1 
HETATM 356 C  C05    B F3K C 3 .  ? 5.862   -9.539  9.722   0.66 17.72 ? 102 F3K B C05    1 
HETATM 357 C  C06    A F3K C 3 .  ? 5.911   -9.507  9.743   0.34 14.98 ? 102 F3K B C06    1 
HETATM 358 C  C06    B F3K C 3 .  ? 4.914   -8.505  9.898   0.66 16.75 ? 102 F3K B C06    1 
HETATM 359 C  C07    A F3K C 3 .  ? 6.574   -6.939  9.097   0.34 12.39 ? 102 F3K B C07    1 
HETATM 360 C  C07    B F3K C 3 .  ? 7.405   -8.002  8.928   0.66 14.28 ? 102 F3K B C07    1 
HETATM 361 C  C08    A F3K C 3 .  ? 7.512   -7.997  8.907   0.34 12.40 ? 102 F3K B C08    1 
HETATM 362 C  C08    B F3K C 3 .  ? 6.462   -6.946  9.098   0.66 14.63 ? 102 F3K B C08    1 
HETATM 363 C  C09    A F3K C 3 .  ? 6.917   -5.628  8.771   0.34 11.55 ? 102 F3K B C09    1 
HETATM 364 C  C09    B F3K C 3 .  ? 8.678   -7.733  8.425   0.66 12.51 ? 102 F3K B C09    1 
HETATM 365 C  C14    A F3K C 3 .  ? 9.107   -6.400  8.054   0.34 11.08 ? 102 F3K B C14    1 
HETATM 366 C  C14    B F3K C 3 .  ? 8.093   -5.369  8.276   0.66 12.51 ? 102 F3K B C14    1 
HETATM 367 C  C15    A F3K C 3 .  ? 8.785   -7.721  8.379   0.34 11.08 ? 102 F3K B C15    1 
HETATM 368 C  C15    B F3K C 3 .  ? 6.818   -5.630  8.773   0.66 13.56 ? 102 F3K B C15    1 
HETATM 369 C  C16    A F3K C 3 .  ? 11.272  -6.994  7.325   0.34 11.64 ? 102 F3K B C16    1 
HETATM 370 C  C16    B F3K C 3 .  ? 7.644   -3.059  8.071   0.66 12.98 ? 102 F3K B C16    1 
HETATM 371 C  C23    A F3K C 3 .  ? 15.155  -3.351  9.245   0.34 10.62 ? 102 F3K B C23    1 
HETATM 372 C  C23    B F3K C 3 .  ? 9.459   -0.678  3.494   0.66 16.79 ? 102 F3K B C23    1 
HETATM 373 C  C27    A F3K C 3 .  ? 10.284  -3.486  10.253  0.34 10.76 ? 102 F3K B C27    1 
HETATM 374 C  C27    B F3K C 3 .  ? 9.793   -5.535  4.597   0.66 15.77 ? 102 F3K B C27    1 
HETATM 375 C  C30    A F3K C 3 .  ? 9.413   -5.240  3.147   0.34 13.45 ? 102 F3K B C30    1 
HETATM 376 C  C30    B F3K C 3 .  ? 11.174  -3.086  11.468  0.66 12.48 ? 102 F3K B C30    1 
HETATM 377 C  C31    A F3K C 3 .  ? 9.452   -2.874  3.278   0.34 13.34 ? 102 F3K B C31    1 
HETATM 378 C  C31    B F3K C 3 .  ? 13.216  -3.168  10.361  0.66 11.29 ? 102 F3K B C31    1 
HETATM 379 C  C32    A F3K C 3 .  ? 9.807   -2.969  4.621   0.34 12.81 ? 102 F3K B C32    1 
HETATM 380 C  C32    B F3K C 3 .  ? 12.533  -3.493  9.176   0.66 11.32 ? 102 F3K B C32    1 
HETATM 381 C  C33    A F3K C 3 .  ? 9.308   -1.597  2.731   0.34 13.92 ? 102 F3K B C33    1 
HETATM 382 C  C33    B F3K C 3 .  ? 14.613  -3.048  10.346  0.66 12.18 ? 102 F3K B C33    1 
HETATM 383 C  C34    A F3K C 3 .  ? 9.533   -0.442  3.520   0.34 14.18 ? 102 F3K B C34    1 
HETATM 384 C  C34    B F3K C 3 .  ? 15.300  -3.272  9.147   0.66 11.76 ? 102 F3K B C34    1 
HETATM 385 C  C35    A F3K C 3 .  ? 9.889   -0.559  4.872   0.34 12.82 ? 102 F3K B C35    1 
HETATM 386 C  C35    B F3K C 3 .  ? 14.605  -3.596  7.973   0.66 11.70 ? 102 F3K B C35    1 
HETATM 387 C  C36    A F3K C 3 .  ? 10.024  -1.833  5.409   0.34 11.65 ? 102 F3K B C36    1 
HETATM 388 C  C36    B F3K C 3 .  ? 13.217  -3.707  7.990   0.66 11.45 ? 102 F3K B C36    1 
HETATM 389 C  C37    A F3K C 3 .  ? 10.458  0.358   6.983   0.34 11.87 ? 102 F3K B C37    1 
HETATM 390 C  C37    B F3K C 3 .  ? 14.535  -4.128  5.685   0.66 13.72 ? 102 F3K B C37    1 
HETATM 391 C  C38    A F3K C 3 .  ? 10.587  -0.934  7.516   0.34 11.57 ? 102 F3K B C38    1 
HETATM 392 C  C38    B F3K C 3 .  ? 13.137  -4.233  5.722   0.66 10.99 ? 102 F3K B C38    1 
HETATM 393 N  N01    A F3K C 3 .  ? 5.345   -7.195  9.602   0.34 14.22 ? 102 F3K B N01    1 
HETATM 394 N  N01    B F3K C 3 .  ? 7.077   -9.268  9.231   0.66 15.87 ? 102 F3K B N01    1 
HETATM 395 N  N02    A F3K C 3 .  ? 7.142   -9.260  9.231   0.34 13.69 ? 102 F3K B N02    1 
HETATM 396 N  N02    B F3K C 3 .  ? 5.229   -7.228  9.586   0.66 16.69 ? 102 F3K B N02    1 
HETATM 397 N  N03    A F3K C 3 .  ? 8.534   -4.112  7.906   0.34 9.84  ? 102 F3K B N03    1 
HETATM 398 N  N03    B F3K C 3 .  ? 10.235  -6.086  7.621   0.66 13.01 ? 102 F3K B N03    1 
HETATM 399 N  N04    A F3K C 3 .  ? 10.328  -6.056  7.561   0.34 10.79 ? 102 F3K B N04    1 
HETATM 400 N  N04    B F3K C 3 .  ? 8.470   -4.122  7.905   0.66 11.56 ? 102 F3K B N04    1 
HETATM 401 N  N05    A F3K C 3 .  ? 12.492  -3.980  6.814   0.34 9.51  ? 102 F3K B N05    1 
HETATM 402 N  N05    B F3K C 3 .  ? 10.324  -2.068  6.740   0.66 13.27 ? 102 F3K B N05    1 
HETATM 403 N  N06    A F3K C 3 .  ? 15.216  -3.794  6.873   0.34 10.65 ? 102 F3K B N06    1 
HETATM 404 N  N06    B F3K C 3 .  ? 10.003  0.373   5.585   0.66 14.17 ? 102 F3K B N06    1 
HETATM 405 N  N07    A F3K C 3 .  ? 12.278  -3.113  11.535  0.34 11.94 ? 102 F3K B N07    1 
HETATM 406 N  N07    B F3K C 3 .  ? 9.259   -4.272  2.629   0.66 17.55 ? 102 F3K B N07    1 
HETATM 407 N  N08    A F3K C 3 .  ? 11.039  -3.653  9.143   0.34 9.72  ? 102 F3K B N08    1 
HETATM 408 N  N08    B F3K C 3 .  ? 9.935   -4.371  5.282   0.66 14.40 ? 102 F3K B N08    1 
HETATM 409 N  N09    A F3K C 3 .  ? 9.956   -4.172  5.191   0.34 10.96 ? 102 F3K B N09    1 
HETATM 410 N  N09    B F3K C 3 .  ? 11.193  -3.612  9.151   0.66 12.66 ? 102 F3K B N09    1 
HETATM 411 N  N10    A F3K C 3 .  ? 9.248   -4.014  2.555   0.34 12.48 ? 102 F3K B N10    1 
HETATM 412 N  N10    B F3K C 3 .  ? 12.531  -2.960  11.511  0.66 11.73 ? 102 F3K B N10    1 
HETATM 413 N  N11    A F3K C 3 .  ? 10.381  -1.990  6.701   0.34 10.79 ? 102 F3K B N11    1 
HETATM 414 N  N11    B F3K C 3 .  ? 12.492  -4.018  6.883   0.66 11.51 ? 102 F3K B N11    1 
HETATM 415 N  N12    A F3K C 3 .  ? 10.116  0.523   5.671   0.34 11.47 ? 102 F3K B N12    1 
HETATM 416 N  N12    B F3K C 3 .  ? 15.257  -3.819  6.807   0.66 12.47 ? 102 F3K B N12    1 
HETATM 417 BR BR1    A F3K C 3 .  ? 1.613   -10.327 11.492  0.34 26.35 ? 102 F3K B BR1    1 
HETATM 418 BR BR1    B F3K C 3 .  ? 3.873   -12.956 10.960  0.66 29.62 ? 102 F3K B BR1    1 
HETATM 419 RU RU1    A F3K C 3 .  ? 10.465  -4.013  7.191   0.34 9.07  ? 102 F3K B RU1    1 
HETATM 420 RU RU1    B F3K C 3 .  ? 10.444  -4.061  7.259   0.66 15.13 ? 102 F3K B RU1    1 
HETATM 421 H  H171   A F3K C 3 .  ? 11.666  -8.977  7.481   0.34 15.05 ? 102 F3K B H171   1 
HETATM 422 H  H171   B F3K C 3 .  ? 5.778   -2.532  8.664   0.66 17.15 ? 102 F3K B H171   1 
HETATM 423 H  H181   A F3K C 3 .  ? 9.592   -9.586  8.358   0.34 14.12 ? 102 F3K B H181   1 
HETATM 424 H  H181   B F3K C 3 .  ? 5.088   -4.677  9.245   0.66 19.58 ? 102 F3K B H181   1 
HETATM 425 H  H191   A F3K C 3 .  ? 12.724  -4.319  4.864   0.34 11.85 ? 102 F3K B H191   1 
HETATM 426 H  H191   B F3K C 3 .  ? 10.734  -1.045  8.398   0.66 16.88 ? 102 F3K B H191   1 
HETATM 427 H  H201   A F3K C 3 .  ? 15.057  -4.162  4.912   0.34 13.28 ? 102 F3K B H201   1 
HETATM 428 H  H201   B F3K C 3 .  ? 10.463  1.062   7.406   0.66 18.05 ? 102 F3K B H201   1 
HETATM 429 H  H241   A F3K C 3 .  ? 14.851  -3.009  11.230  0.34 13.66 ? 102 F3K B H241   1 
HETATM 430 H  H241   B F3K C 3 .  ? 9.040   -1.795  1.847   0.66 20.99 ? 102 F3K B H241   1 
HETATM 431 H  H111   A F3K C 3 .  ? 5.843   -2.545  8.707   0.34 14.15 ? 102 F3K B H111   1 
HETATM 432 H  H111   B F3K C 3 .  ? 11.573  -8.991  7.584   0.66 17.86 ? 102 F3K B H111   1 
HETATM 433 H  H101   A F3K C 3 .  ? 5.183   -4.701  9.285   0.34 15.44 ? 102 F3K B H101   1 
HETATM 434 H  H101   B F3K C 3 .  ? 9.487   -9.595  8.426   0.66 16.15 ? 102 F3K B H101   1 
HETATM 435 H  H121   A F3K C 3 .  ? 7.982   -2.194  7.843   0.34 12.67 ? 102 F3K B H121   1 
HETATM 436 H  H121   B F3K C 3 .  ? 12.022  -6.764  7.078   0.66 16.37 ? 102 F3K B H121   1 
HETATM 437 H  H261   A F3K C 3 .  ? 10.417  -3.106  12.241  0.34 15.05 ? 102 F3K B H261   1 
HETATM 438 H  H261   B F3K C 3 .  ? 9.308   -6.264  2.763   0.66 20.39 ? 102 F3K B H261   1 
HETATM 439 H  H291   A F3K C 3 .  ? 9.869   -6.148  4.918   0.34 14.94 ? 102 F3K B H291   1 
HETATM 440 H  H291   B F3K C 3 .  ? 9.564   -3.476  10.277  0.66 14.84 ? 102 F3K B H291   1 
HETATM 441 H  H021   A F3K C 3 .  ? 4.017   -11.925 10.827  0.34 23.99 ? 102 F3K B H021   1 
HETATM 442 H  H021   B F3K C 3 .  ? 2.497   -10.340 11.050  0.66 26.16 ? 102 F3K B H021   1 
HETATM 443 H  H031   A F3K C 3 .  ? 6.136   -11.508 9.961   0.34 20.10 ? 102 F3K B H031   1 
HETATM 444 H  H031   B F3K C 3 .  ? 3.028   -8.135  10.520  0.66 23.53 ? 102 F3K B H031   1 
HETATM 445 H  H041   A F3K C 3 .  ? 3.127   -8.004  10.567  0.34 19.50 ? 102 F3K B H041   1 
HETATM 446 H  H041   B F3K C 3 .  ? 6.178   -11.522 9.912   0.66 23.55 ? 102 F3K B H041   1 
HETATM 447 H  H161   A F3K C 3 .  ? 12.097  -6.747  6.978   0.34 13.97 ? 102 F3K B H161   1 
HETATM 448 H  H161   B F3K C 3 .  ? 7.932   -2.206  7.840   0.66 15.59 ? 102 F3K B H161   1 
HETATM 449 H  H231   A F3K C 3 .  ? 16.081  -3.292  9.273   0.34 12.69 ? 102 F3K B H231   1 
HETATM 450 H  H231   B F3K C 3 .  ? 9.349   0.150   3.088   0.66 20.16 ? 102 F3K B H231   1 
HETATM 451 H  H271   A F3K C 3 .  ? 9.357   -3.548  10.208  0.34 12.93 ? 102 F3K B H271   1 
HETATM 452 H  H271   B F3K C 3 .  ? 9.895   -6.354  5.027   0.66 18.93 ? 102 F3K B H271   1 
HETATM 453 H  H301   A F3K C 3 .  ? 9.270   -6.016  2.657   0.34 16.15 ? 102 F3K B H301   1 
HETATM 454 H  H301   B F3K C 3 .  ? 10.685  -2.942  12.245  0.66 14.98 ? 102 F3K B H301   1 
HETATM 455 H  H331   A F3K C 3 .  ? 9.079   -1.504  1.835   0.34 16.72 ? 102 F3K B H331   1 
HETATM 456 H  H331   B F3K C 3 .  ? 15.077  -2.847  11.125  0.66 14.62 ? 102 F3K B H331   1 
HETATM 457 H  H341   A F3K C 3 .  ? 9.437   0.400   3.141   0.34 17.03 ? 102 F3K B H341   1 
HETATM 458 H  H341   B F3K C 3 .  ? 16.227  -3.208  9.129   0.66 14.12 ? 102 F3K B H341   1 
HETATM 459 H  H371   A F3K C 3 .  ? 10.604  1.101   7.523   0.34 14.26 ? 102 F3K B H371   1 
HETATM 460 H  H371   B F3K C 3 .  ? 14.981  -4.270  4.882   0.66 16.48 ? 102 F3K B H371   1 
HETATM 461 H  H381   A F3K C 3 .  ? 10.825  -1.060  8.406   0.34 13.89 ? 102 F3K B H381   1 
HETATM 462 H  H381   B F3K C 3 .  ? 12.661  -4.439  4.952   0.66 13.20 ? 102 F3K B H381   1 
HETATM 463 O  O      . HOH D 4 .  ? -18.712 13.685  -8.462  1.00 41.52 ? 201 HOH B O      1 
HETATM 464 O  O      . HOH D 4 .  ? 6.224   7.291   2.166   1.00 28.49 ? 202 HOH B O      1 
HETATM 465 O  O      . HOH D 4 .  ? 2.867   4.769   -0.460  1.00 23.59 ? 203 HOH B O      1 
HETATM 466 O  O      . HOH D 4 .  ? -14.849 -3.026  -11.482 1.00 45.63 ? 204 HOH B O      1 
HETATM 467 O  O      . HOH D 4 .  ? -0.247  4.403   -5.227  1.00 28.61 ? 205 HOH B O      1 
HETATM 468 O  O      . HOH D 4 .  ? 5.472   -1.470  15.581  1.00 29.04 ? 206 HOH B O      1 
HETATM 469 O  O      . HOH D 4 .  ? 2.059   2.073   7.696   1.00 21.64 ? 207 HOH B O      1 
HETATM 470 O  O      . HOH D 4 .  ? -11.402 5.945   -13.135 1.00 26.02 ? 208 HOH B O      1 
HETATM 471 O  O      . HOH D 4 .  ? 2.507   0.007   10.796  1.00 24.33 ? 209 HOH B O      1 
HETATM 472 O  O      . HOH D 4 .  ? 7.609   5.398   10.343  1.00 39.99 ? 210 HOH B O      1 
HETATM 473 O  O      . HOH D 4 .  ? 2.088   2.743   -11.531 1.00 32.08 ? 211 HOH B O      1 
HETATM 474 O  O      . HOH D 4 .  ? -11.484 2.967   -11.981 1.00 30.29 ? 212 HOH B O      1 
HETATM 475 O  O      . HOH D 4 .  ? 3.175   5.944   5.372   1.00 28.03 ? 213 HOH B O      1 
HETATM 476 O  O      . HOH D 4 .  ? 0.637   -0.664  4.513   1.00 13.16 ? 214 HOH B O      1 
HETATM 477 O  O      . HOH D 4 .  ? -4.500  2.585   -10.945 1.00 42.95 ? 215 HOH B O      1 
HETATM 478 O  O      . HOH D 4 .  ? -0.174  0.205   -14.190 1.00 31.58 ? 216 HOH B O      1 
HETATM 479 O  O      . HOH D 4 .  ? -8.697  6.938   -12.555 1.00 23.62 ? 217 HOH B O      1 
HETATM 480 O  O      . HOH D 4 .  ? -2.719  3.708   -6.813  1.00 25.69 ? 218 HOH B O      1 
HETATM 481 O  O      . HOH D 4 .  ? 5.405   1.484   -9.296  1.00 20.65 ? 219 HOH B O      1 
HETATM 482 O  O      . HOH D 4 .  ? -23.094 5.937   -7.871  1.00 27.38 ? 220 HOH B O      1 
HETATM 483 O  O      . HOH D 4 .  ? -20.571 8.569   -13.252 1.00 49.32 ? 221 HOH B O      1 
HETATM 484 O  O      . HOH D 4 .  ? 2.910   3.292   1.858   1.00 13.57 ? 222 HOH B O      1 
HETATM 485 O  O      . HOH D 4 .  ? 2.597   2.232   4.836   1.00 14.65 ? 223 HOH B O      1 
HETATM 486 O  O      . HOH D 4 .  ? -7.702  -4.745  -13.174 1.00 47.98 ? 224 HOH B O      1 
HETATM 487 O  O      . HOH D 4 .  ? -8.222  -3.178  -6.500  1.00 22.78 ? 225 HOH B O      1 
HETATM 488 O  O      . HOH D 4 .  ? 1.630   3.684   11.131  1.00 44.97 ? 226 HOH B O      1 
HETATM 489 O  O      . HOH D 4 .  ? 4.775   6.272   7.679   1.00 48.38 ? 227 HOH B O      1 
HETATM 490 O  O      . HOH D 4 .  ? -8.887  2.228   -11.318 1.00 23.29 ? 228 HOH B O      1 
HETATM 491 O  O      . HOH D 4 .  ? -3.513  -5.017  -6.036  1.00 32.01 ? 229 HOH B O      1 
HETATM 492 O  O      . HOH D 4 .  ? 3.571   0.322   16.833  1.00 46.48 ? 230 HOH B O      1 
HETATM 493 O  O      . HOH D 4 .  ? -1.762  0.997   2.266   1.00 14.23 ? 231 HOH B O      1 
HETATM 494 O  O      . HOH D 4 .  ? 8.339   5.663   6.223   1.00 42.26 ? 232 HOH B O      1 
HETATM 495 O  O      . HOH D 4 .  ? -7.284  5.053   -10.890 1.00 25.02 ? 233 HOH B O      1 
HETATM 496 O  O      . HOH D 4 .  ? -4.863  4.948   -8.821  1.00 22.48 ? 234 HOH B O      1 
HETATM 497 O  O      . HOH D 4 .  ? -12.517 -0.047  -4.232  1.00 21.54 ? 235 HOH B O      1 
HETATM 498 O  O      . HOH D 4 .  ? -7.463  -4.643  -8.388  1.00 48.06 ? 236 HOH B O      1 
HETATM 499 O  O      . HOH D 4 .  ? 10.045  -4.583  -0.518  1.00 23.69 ? 237 HOH B O      1 
HETATM 500 O  O      . HOH D 4 .  ? 7.600   6.783   -0.644  1.00 36.85 ? 238 HOH B O      1 
HETATM 501 O  O      . HOH D 4 .  ? 13.006  -1.060  4.836   1.00 13.53 ? 239 HOH B O      1 
HETATM 502 O  O      . HOH D 4 .  ? -0.044  3.841   -2.168  1.00 11.67 ? 240 HOH B O      1 
HETATM 503 O  O      . HOH D 4 .  ? -0.142  3.471   1.221   1.00 24.81 ? 241 HOH B O      1 
HETATM 504 O  O      . HOH D 4 .  ? 9.871   -0.295  -0.697  1.00 13.44 ? 242 HOH B O      1 
HETATM 505 O  O      . HOH D 4 .  ? 5.384   -7.841  -0.016  1.00 15.69 ? 243 HOH B O      1 
HETATM 506 O  O      . HOH D 4 .  ? 12.688  -3.038  2.847   1.00 14.40 ? 244 HOH B O      1 
HETATM 507 O  O      . HOH D 4 .  ? 11.708  -2.469  0.326   1.00 17.75 ? 245 HOH B O      1 
HETATM 508 O  O      . HOH D 4 .  ? 14.629  -7.388  7.422   1.00 19.29 ? 246 HOH B O      1 
HETATM 509 O  O      . HOH D 4 .  ? 10.585  1.902   -2.106  1.00 34.82 ? 247 HOH B O      1 
HETATM 510 O  O      . HOH D 4 .  ? 7.939   -8.109  1.271   1.00 22.89 ? 248 HOH B O      1 
HETATM 511 O  O      . HOH D 4 .  ? 9.811   2.953   10.300  1.00 20.14 ? 249 HOH B O      1 
HETATM 512 O  O      . HOH D 4 .  ? -6.655  -4.809  -4.994  1.00 44.45 ? 250 HOH B O      1 
HETATM 513 O  O      . HOH D 4 .  ? 10.599  -7.295  0.452   1.00 26.96 ? 251 HOH B O      1 
HETATM 514 O  O      . HOH D 4 .  ? 12.419  -7.419  4.025   1.00 33.39 ? 252 HOH B O      1 
HETATM 515 O  O      . HOH D 4 .  ? 3.746   7.404   1.225   1.00 47.53 ? 253 HOH B O      1 
HETATM 516 O  O      . HOH D 4 .  ? 0.070   -6.666  10.886  1.00 48.01 ? 254 HOH B O      1 
HETATM 517 O  O      . HOH D 4 .  ? 8.355   -8.157  3.884   1.00 16.78 ? 255 HOH B O      1 
HETATM 518 O  O      . HOH D 4 .  ? -22.199 11.097  -2.804  1.00 56.78 ? 256 HOH B O      1 
HETATM 519 O  O      . HOH D 4 .  ? -0.065  0.032   7.327   1.00 28.48 ? 257 HOH B O      1 
HETATM 520 O  O      . HOH D 4 .  ? 8.103   -1.831  -2.263  1.00 21.78 ? 258 HOH B O      1 
HETATM 521 O  O      . HOH D 4 .  ? 3.916   8.753   4.698   1.00 50.02 ? 259 HOH B O      1 
HETATM 522 O  O      . HOH D 4 .  ? 0.814   6.118   2.300   1.00 34.20 ? 260 HOH B O      1 
HETATM 523 O  O      . HOH D 4 .  ? -16.037 -1.933  -15.212 1.00 45.63 ? 261 HOH B O      1 
HETATM 524 O  O      . HOH D 4 .  ? -14.559 -4.402  -13.563 0.50 41.17 ? 262 HOH B O      1 
HETATM 525 O  O      . HOH D 4 .  ? 14.109  -5.544  2.546   1.00 19.55 ? 263 HOH B O      1 
HETATM 526 O  O      . HOH D 4 .  ? 10.671  -9.575  4.400   1.00 38.14 ? 264 HOH B O      1 
HETATM 527 O  O      . HOH D 4 .  ? 11.707  4.764   -4.459  1.00 42.91 ? 265 HOH B O      1 
HETATM 528 O  O      . HOH D 4 .  ? -20.373 13.984  -4.929  1.00 35.69 ? 266 HOH B O      1 
HETATM 529 O  O      . HOH D 4 .  ? 1.870   0.269   -15.119 1.00 53.53 ? 267 HOH B O      1 
HETATM 530 O  O      . HOH D 4 .  ? -0.607  2.554   4.625   1.00 19.56 ? 268 HOH B O      1 
HETATM 531 O  O      . HOH D 4 .  ? -4.169  8.778   -10.358 1.00 28.77 ? 269 HOH B O      1 
HETATM 532 O  O      . HOH D 4 .  ? -0.696  -2.085  14.019  1.00 53.16 ? 270 HOH B O      1 
HETATM 533 O  O      . HOH D 4 .  ? 3.289   -13.528 7.260   1.00 37.99 ? 271 HOH B O      1 
HETATM 534 O  O      . HOH D 4 .  ? -7.261  -7.346  -3.774  1.00 32.73 ? 272 HOH B O      1 
HETATM 535 O  O      . HOH D 4 .  ? -7.661  -7.558  -7.043  1.00 44.32 ? 273 HOH B O      1 
HETATM 536 O  O      . HOH D 4 .  ? -7.202  10.418  -15.623 1.00 41.21 ? 274 HOH B O      1 
HETATM 537 O  O      . HOH D 4 .  ? 14.539  -6.403  -0.086  1.00 40.30 ? 275 HOH B O      1 
HETATM 538 O  O      . HOH D 4 .  ? 0.148   8.819   -3.082  1.00 40.59 ? 276 HOH B O      1 
HETATM 539 O  O      . HOH D 4 .  ? 14.215  4.562   -1.897  1.00 44.67 ? 277 HOH B O      1 
HETATM 540 O  O      . HOH D 4 .  ? 4.324   -13.725 14.537  1.00 42.72 ? 278 HOH B O      1 
HETATM 541 O  O      . HOH D 4 .  ? 15.738  -4.352  -1.212  1.00 48.17 ? 279 HOH B O      1 
HETATM 542 O  O      . HOH D 4 .  ? 14.502  3.394   -4.429  1.00 56.30 ? 280 HOH B O      1 
HETATM 543 O  O      . HOH D 4 .  ? -5.549  -6.591  7.476   1.00 48.11 ? 281 HOH B O      1 
HETATM 544 O  O      . HOH D 4 .  ? -1.131  13.532  -11.716 1.00 52.15 ? 282 HOH B O      1 
HETATM 545 O  O      . HOH D 4 .  ? 7.203   -16.676 2.362   1.00 38.30 ? 283 HOH B O      1 
HETATM 546 O  O      . HOH D 4 .  ? 0.897   -16.066 2.721   1.00 42.78 ? 284 HOH B O      1 
# 
loop_
_atom_site_anisotrop.id 
_atom_site_anisotrop.type_symbol 
_atom_site_anisotrop.pdbx_label_atom_id 
_atom_site_anisotrop.pdbx_label_alt_id 
_atom_site_anisotrop.pdbx_label_comp_id 
_atom_site_anisotrop.pdbx_label_asym_id 
_atom_site_anisotrop.pdbx_label_seq_id 
_atom_site_anisotrop.pdbx_PDB_ins_code 
_atom_site_anisotrop.U[1][1] 
_atom_site_anisotrop.U[2][2] 
_atom_site_anisotrop.U[3][3] 
_atom_site_anisotrop.U[1][2] 
_atom_site_anisotrop.U[1][3] 
_atom_site_anisotrop.U[2][3] 
_atom_site_anisotrop.pdbx_auth_seq_id 
_atom_site_anisotrop.pdbx_auth_comp_id 
_atom_site_anisotrop.pdbx_auth_asym_id 
_atom_site_anisotrop.pdbx_auth_atom_id 
1   O  "O5'" . DT  A 1  ? 0.2742 0.4713 0.2463 0.0956  -0.0161 -0.0699 1   DT  B "O5'" 
2   C  "C5'" . DT  A 1  ? 0.2374 0.3861 0.2144 0.0862  -0.0305 -0.0821 1   DT  B "C5'" 
3   C  "C4'" . DT  A 1  ? 0.2336 0.3489 0.2294 0.0584  -0.0220 -0.0646 1   DT  B "C4'" 
4   O  "O4'" . DT  A 1  ? 0.2094 0.3433 0.2122 0.0473  -0.0072 -0.0416 1   DT  B "O4'" 
5   C  "C3'" . DT  A 1  ? 0.2155 0.3179 0.2186 0.0510  -0.0167 -0.0606 1   DT  B "C3'" 
6   O  "O3'" . DT  A 1  ? 0.1959 0.2638 0.2014 0.0513  -0.0326 -0.0759 1   DT  B "O3'" 
7   C  "C2'" . DT  A 1  ? 0.1953 0.2865 0.2123 0.0301  -0.0047 -0.0404 1   DT  B "C2'" 
8   C  "C1'" . DT  A 1  ? 0.1597 0.2736 0.1765 0.0299  0.0008  -0.0285 1   DT  B "C1'" 
9   N  N1    . DT  A 1  ? 0.1720 0.3142 0.1962 0.0262  0.0114  -0.0076 1   DT  B N1    
10  C  C2    . DT  A 1  ? 0.1722 0.3152 0.2069 0.0160  0.0146  0.0097  1   DT  B C2    
11  O  O2    . DT  A 1  ? 0.1551 0.2791 0.1907 0.0117  0.0118  0.0067  1   DT  B O2    
12  N  N3    . DT  A 1  ? 0.1417 0.3092 0.1891 0.0105  0.0191  0.0326  1   DT  B N3    
13  C  C4    . DT  A 1  ? 0.1771 0.3753 0.2283 0.0136  0.0228  0.0421  1   DT  B C4    
14  O  O4    . DT  A 1  ? 0.1807 0.4031 0.2501 0.0049  0.0242  0.0688  1   DT  B O4    
15  C  C5    . DT  A 1  ? 0.1803 0.3810 0.2163 0.0274  0.0221  0.0207  1   DT  B C5    
16  C  C7    . DT  A 1  ? 0.2864 0.5252 0.3247 0.0348  0.0265  0.0282  1   DT  B C7    
17  C  C6    . DT  A 1  ? 0.2212 0.3909 0.2444 0.0333  0.0152  -0.0038 1   DT  B C6    
31  P  P     . DC  A 2  ? 0.2178 0.2693 0.2287 0.0472  -0.0324 -0.0763 2   DC  B P     
32  O  OP1   . DC  A 2  ? 0.2466 0.2679 0.2596 0.0532  -0.0561 -0.0936 2   DC  B OP1   
33  O  OP2   . DC  A 2  ? 0.2280 0.3119 0.2338 0.0558  -0.0200 -0.0720 2   DC  B OP2   
34  O  "O5'" . DC  A 2  ? 0.1832 0.2173 0.2079 0.0248  -0.0225 -0.0582 2   DC  B "O5'" 
35  C  "C5'" . DC  A 2  ? 0.1853 0.2004 0.2195 0.0134  -0.0292 -0.0534 2   DC  B "C5'" 
36  C  "C4'" . DC  A 2  ? 0.1574 0.1674 0.2002 0.0000  -0.0189 -0.0390 2   DC  B "C4'" 
37  O  "O4'" . DC  A 2  ? 0.1562 0.1806 0.1967 -0.0012 -0.0052 -0.0315 2   DC  B "O4'" 
38  C  "C3'" . DC  A 2  ? 0.1564 0.1582 0.2008 -0.0010 -0.0188 -0.0392 2   DC  B "C3'" 
39  O  "O3'" . DC  A 2  ? 0.1614 0.1472 0.2165 -0.0078 -0.0315 -0.0353 2   DC  B "O3'" 
40  C  "C2'" . DC  A 2  ? 0.1295 0.1387 0.1746 -0.0062 -0.0050 -0.0298 2   DC  B "C2'" 
41  C  "C1'" . DC  A 2  ? 0.1257 0.1471 0.1693 -0.0052 0.0013  -0.0265 2   DC  B "C1'" 
42  N  N1    . DC  A 2  ? 0.1328 0.1677 0.1754 -0.0024 0.0071  -0.0236 2   DC  B N1    
43  C  C2    . DC  A 2  ? 0.1165 0.1527 0.1657 -0.0071 0.0107  -0.0146 2   DC  B C2    
44  O  O2    . DC  A 2  ? 0.1413 0.1679 0.1924 -0.0091 0.0103  -0.0139 2   DC  B O2    
45  N  N3    . DC  A 2  ? 0.1171 0.1672 0.1728 -0.0083 0.0121  -0.0055 2   DC  B N3    
46  C  C4    . DC  A 2  ? 0.1133 0.1846 0.1664 -0.0028 0.0139  -0.0051 2   DC  B C4    
47  N  N4    . DC  A 2  ? 0.1519 0.2465 0.2160 -0.0057 0.0154  0.0102  2   DC  B N4    
48  C  C5    . DC  A 2  ? 0.1346 0.2066 0.1761 0.0071  0.0112  -0.0194 2   DC  B C5    
49  C  C6    . DC  A 2  ? 0.1760 0.2250 0.2138 0.0059  0.0060  -0.0284 2   DC  B C6    
61  P  P     . DG  A 3  ? 0.1642 0.1383 0.2245 -0.0101 -0.0377 -0.0329 3   DG  B P     
62  O  OP1   . DG  A 3  ? 0.1710 0.1275 0.2473 -0.0169 -0.0591 -0.0278 3   DG  B OP1   
63  O  OP2   . DG  A 3  ? 0.1541 0.1307 0.2041 0.0017  -0.0350 -0.0455 3   DG  B OP2   
64  O  "O5'" . DG  A 3  ? 0.1433 0.1304 0.2057 -0.0176 -0.0235 -0.0182 3   DG  B "O5'" 
65  C  "C5'" . DG  A 3  ? 0.1456 0.1440 0.2178 -0.0259 -0.0225 -0.0024 3   DG  B "C5'" 
66  C  "C4'" . DG  A 3  ? 0.1382 0.1553 0.2037 -0.0230 -0.0078 0.0025  3   DG  B "C4'" 
67  O  "O4'" . DG  A 3  ? 0.1219 0.1391 0.1777 -0.0168 0.0004  -0.0080 3   DG  B "O4'" 
68  C  "C3'" . DG  A 3  ? 0.1481 0.1652 0.2094 -0.0203 -0.0057 0.0020  3   DG  B "C3'" 
69  O  "O3'" . DG  A 3  ? 0.1601 0.1927 0.2311 -0.0257 -0.0090 0.0202  3   DG  B "O3'" 
70  C  "C2'" . DG  A 3  ? 0.1444 0.1688 0.1948 -0.0122 0.0041  -0.0062 3   DG  B "C2'" 
71  C  "C1'" . DG  A 3  ? 0.1266 0.1458 0.1758 -0.0114 0.0060  -0.0125 3   DG  B "C1'" 
72  N  N9    . DG  A 3  ? 0.1164 0.1265 0.1630 -0.0098 0.0062  -0.0207 3   DG  B N9    
73  C  C8    . DG  A 3  ? 0.1193 0.1241 0.1653 -0.0090 0.0026  -0.0251 3   DG  B C8    
74  N  N7    . DG  A 3  ? 0.1153 0.1254 0.1607 -0.0065 0.0051  -0.0277 3   DG  B N7    
75  C  C5    . DG  A 3  ? 0.1078 0.1202 0.1558 -0.0083 0.0079  -0.0238 3   DG  B C5    
76  C  C6    . DG  A 3  ? 0.1181 0.1366 0.1724 -0.0099 0.0082  -0.0188 3   DG  B C6    
77  O  O6    . DG  A 3  ? 0.1272 0.1589 0.1859 -0.0102 0.0089  -0.0141 3   DG  B O6    
78  N  N1    . DG  A 3  ? 0.1157 0.1279 0.1739 -0.0107 0.0059  -0.0167 3   DG  B N1    
79  C  C2    . DG  A 3  ? 0.1084 0.1160 0.1615 -0.0068 0.0060  -0.0209 3   DG  B C2    
80  N  N2    . DG  A 3  ? 0.1283 0.1307 0.1849 -0.0034 0.0014  -0.0216 3   DG  B N2    
81  N  N3    . DG  A 3  ? 0.1201 0.1316 0.1678 -0.0057 0.0086  -0.0221 3   DG  B N3    
82  C  C4    . DG  A 3  ? 0.1241 0.1347 0.1710 -0.0083 0.0083  -0.0225 3   DG  B C4    
94  P  P     . DG  A 4  ? 0.1868 0.2144 0.2620 -0.0280 -0.0157 0.0265  4   DG  B P     
95  O  OP1   . DG  A 4  ? 0.2604 0.3127 0.3512 -0.0364 -0.0200 0.0538  4   DG  B OP1   
96  O  OP2   . DG  A 4  ? 0.2164 0.2141 0.2925 -0.0273 -0.0266 0.0129  4   DG  B OP2   
97  O  "O5'" . DG  A 4  ? 0.1631 0.1981 0.2220 -0.0173 -0.0050 0.0154  4   DG  B "O5'" 
98  C  "C5'" . DG  A 4  ? 0.1719 0.2358 0.2236 -0.0095 0.0032  0.0199  4   DG  B "C5'" 
99  C  "C4'" . DG  A 4  ? 0.1452 0.2058 0.1835 0.0009  0.0058  0.0048  4   DG  B "C4'" 
100 O  "O4'" . DG  A 4  ? 0.1462 0.1833 0.1819 0.0015  0.0055  -0.0118 4   DG  B "O4'" 
101 C  "C3'" . DG  A 4  ? 0.1700 0.2241 0.2097 -0.0014 0.0013  0.0077  4   DG  B "C3'" 
102 O  "O3'" . DG  A 4  ? 0.1734 0.2440 0.2014 0.0101  0.0035  0.0023  4   DG  B "O3'" 
103 C  "C2'" . DG  A 4  ? 0.1636 0.1883 0.2047 -0.0044 -0.0020 -0.0064 4   DG  B "C2'" 
104 C  "C1'" . DG  A 4  ? 0.1440 0.1662 0.1801 0.0000  0.0022  -0.0181 4   DG  B "C1'" 
105 N  N9    . DG  A 4  ? 0.1387 0.1468 0.1787 -0.0036 0.0016  -0.0243 4   DG  B N9    
106 C  C8    . DG  A 4  ? 0.1866 0.1879 0.2310 -0.0071 -0.0011 -0.0231 4   DG  B C8    
107 N  N7    . DG  A 4  ? 0.1384 0.1386 0.1829 -0.0056 0.0002  -0.0290 4   DG  B N7    
108 C  C5    . DG  A 4  ? 0.1425 0.1458 0.1876 -0.0051 0.0026  -0.0304 4   DG  B C5    
109 C  C6    . DG  A 4  ? 0.1351 0.1433 0.1863 -0.0066 0.0030  -0.0294 4   DG  B C6    
110 O  O6    . DG  A 4  ? 0.1269 0.1457 0.1808 -0.0061 0.0049  -0.0268 4   DG  B O6    
111 N  N1    . DG  A 4  ? 0.1202 0.1239 0.1762 -0.0074 -0.0017 -0.0300 4   DG  B N1    
112 C  C2    . DG  A 4  ? 0.1301 0.1281 0.1799 -0.0026 -0.0052 -0.0361 4   DG  B C2    
113 N  N2    . DG  A 4  ? 0.1486 0.1389 0.2037 -0.0009 -0.0150 -0.0407 4   DG  B N2    
114 N  N3    . DG  A 4  ? 0.1359 0.1386 0.1766 0.0011  -0.0018 -0.0359 4   DG  B N3    
115 C  C4    . DG  A 4  ? 0.1345 0.1385 0.1758 -0.0027 0.0017  -0.0307 4   DG  B C4    
127 P  P     . DC  A 5  ? 0.1733 0.2500 0.2001 0.0113  0.0000  0.0081  5   DC  B P     
128 O  OP1   . DC  A 5  ? 0.2148 0.3333 0.2387 0.0173  0.0029  0.0265  5   DC  B OP1   
129 O  OP2   . DC  A 5  ? 0.2251 0.2753 0.2631 0.0007  -0.0065 0.0105  5   DC  B OP2   
130 O  "O5'" . DC  A 5  ? 0.1678 0.2334 0.1831 0.0217  -0.0022 -0.0146 5   DC  B "O5'" 
131 C  "C5'" . DC  A 5  ? 0.1626 0.2416 0.1658 0.0371  -0.0030 -0.0276 5   DC  B "C5'" 
132 C  "C4'" . DC  A 5  ? 0.1784 0.2321 0.1810 0.0404  -0.0123 -0.0479 5   DC  B "C4'" 
133 O  "O4'" . DC  A 5  ? 0.1702 0.2001 0.1846 0.0289  -0.0123 -0.0492 5   DC  B "O4'" 
134 C  "C3'" . DC  A 5  ? 0.1891 0.2346 0.1938 0.0376  -0.0172 -0.0499 5   DC  B "C3'" 
135 O  "O3'" . DC  A 5  ? 0.1559 0.2170 0.1478 0.0534  -0.0238 -0.0596 5   DC  B "O3'" 
136 C  "C2'" . DC  A 5  ? 0.2834 0.3027 0.3012 0.0289  -0.0237 -0.0577 5   DC  B "C2'" 
137 C  "C1'" . DC  A 5  ? 0.2549 0.2673 0.2786 0.0226  -0.0188 -0.0541 5   DC  B "C1'" 
138 N  N1    . DC  A 5  ? 0.1816 0.1884 0.2151 0.0106  -0.0124 -0.0448 5   DC  B N1    
139 C  C2    . DC  A 5  ? 0.1836 0.1828 0.2292 0.0038  -0.0149 -0.0444 5   DC  B C2    
140 O  O2    . DC  A 5  ? 0.2034 0.1954 0.2564 0.0036  -0.0246 -0.0487 5   DC  B O2    
141 N  N3    . DC  A 5  ? 0.1745 0.1772 0.2247 -0.0011 -0.0090 -0.0383 5   DC  B N3    
142 C  C4    . DC  A 5  ? 0.1539 0.1574 0.1989 -0.0001 -0.0052 -0.0360 5   DC  B C4    
143 N  N4    . DC  A 5  ? 0.1597 0.1652 0.2073 -0.0003 -0.0037 -0.0354 5   DC  B N4    
144 C  C5    . DC  A 5  ? 0.1518 0.1572 0.1901 0.0022  -0.0054 -0.0327 5   DC  B C5    
145 C  C6    . DC  A 5  ? 0.1646 0.1766 0.1965 0.0078  -0.0069 -0.0355 5   DC  B C6    
157 P  P     . DG  A 6  ? 0.1947 0.2621 0.1844 0.0541  -0.0267 -0.0565 6   DG  B P     
158 O  OP1   . DG  A 6  ? 0.2364 0.3299 0.2076 0.0759  -0.0328 -0.0672 6   DG  B OP1   
159 O  OP2   . DG  A 6  ? 0.2279 0.3009 0.2252 0.0420  -0.0183 -0.0350 6   DG  B OP2   
160 O  "O5'" . DG  A 6  ? 0.1755 0.2134 0.1785 0.0453  -0.0362 -0.0666 6   DG  B "O5'" 
161 C  "C5'" . DG  A 6  ? 0.1897 0.2134 0.1949 0.0516  -0.0514 -0.0840 6   DG  B "C5'" 
162 C  "C4'" . DG  A 6  ? 0.2034 0.2101 0.2270 0.0396  -0.0603 -0.0837 6   DG  B "C4'" 
163 O  "O4'" . DG  A 6  ? 0.2360 0.2365 0.2752 0.0236  -0.0510 -0.0706 6   DG  B "O4'" 
164 C  "C3'" . DG  A 6  ? 0.1931 0.2103 0.2143 0.0398  -0.0592 -0.0795 6   DG  B "C3'" 
165 O  "O3'" . DG  A 6  ? 0.2511 0.2577 0.2847 0.0378  -0.0758 -0.0874 6   DG  B "O3'" 
166 C  "C2'" . DG  A 6  ? 0.1709 0.1896 0.2006 0.0274  -0.0449 -0.0633 6   DG  B "C2'" 
167 C  "C1'" . DG  A 6  ? 0.1622 0.1703 0.2055 0.0177  -0.0432 -0.0607 6   DG  B "C1'" 
168 N  N9    . DG  A 6  ? 0.1690 0.1793 0.2119 0.0129  -0.0303 -0.0513 6   DG  B N9    
169 C  C8    . DG  A 6  ? 0.1697 0.1850 0.2026 0.0155  -0.0230 -0.0454 6   DG  B C8    
170 N  N7    . DG  A 6  ? 0.1478 0.1589 0.1852 0.0102  -0.0174 -0.0399 6   DG  B N7    
171 C  C5    . DG  A 6  ? 0.1482 0.1581 0.1963 0.0062  -0.0181 -0.0419 6   DG  B C5    
172 C  C6    . DG  A 6  ? 0.1263 0.1394 0.1804 0.0037  -0.0137 -0.0391 6   DG  B C6    
173 O  O6    . DG  A 6  ? 0.1405 0.1508 0.1911 0.0052  -0.0109 -0.0384 6   DG  B O6    
174 N  N1    . DG  A 6  ? 0.1382 0.1626 0.2053 0.0001  -0.0152 -0.0358 6   DG  B N1    
175 C  C2    . DG  A 6  ? 0.2343 0.2595 0.3118 -0.0039 -0.0236 -0.0348 6   DG  B C2    
176 N  N2    . DG  A 6  ? 0.2174 0.2588 0.3140 -0.0108 -0.0262 -0.0243 6   DG  B N2    
177 N  N3    . DG  A 6  ? 0.2143 0.2287 0.2854 -0.0008 -0.0309 -0.0422 6   DG  B N3    
178 C  C4    . DG  A 6  ? 0.1495 0.1597 0.2039 0.0056  -0.0260 -0.0458 6   DG  B C4    
190 P  P     . DC  A 7  ? 0.2738 0.2898 0.3076 0.0391  -0.0795 -0.0862 7   DC  B P     
191 O  OP1   . DC  A 7  ? 0.3552 0.3614 0.3939 0.0451  -0.1033 -0.1020 7   DC  B OP1   
192 O  OP2   . DC  A 7  ? 0.2511 0.2864 0.2670 0.0465  -0.0668 -0.0785 7   DC  B OP2   
193 O  "O5'" . DC  A 7  ? 0.2670 0.2831 0.3228 0.0227  -0.0725 -0.0713 7   DC  B "O5'" 
194 C  "C5'" . DC  A 7  ? 0.1815 0.1911 0.2618 0.0106  -0.0810 -0.0667 7   DC  B "C5'" 
195 C  "C4'" . DC  A 7  ? 0.1613 0.1870 0.2556 0.0015  -0.0682 -0.0508 7   DC  B "C4'" 
196 O  "O4'" . DC  A 7  ? 0.1664 0.1920 0.2513 0.0021  -0.0533 -0.0473 7   DC  B "O4'" 
197 C  "C3'" . DC  A 7  ? 0.1407 0.1799 0.2308 0.0064  -0.0622 -0.0482 7   DC  B "C3'" 
198 O  "O3'" . DC  A 7  ? 0.1462 0.1949 0.2546 0.0020  -0.0744 -0.0454 7   DC  B "O3'" 
199 C  "C2'" . DC  A 7  ? 0.1271 0.1787 0.2195 0.0062  -0.0481 -0.0398 7   DC  B "C2'" 
200 C  "C1'" . DC  A 7  ? 0.1661 0.2075 0.2541 0.0030  -0.0429 -0.0397 7   DC  B "C1'" 
201 N  N1    . DC  A 7  ? 0.1300 0.1638 0.2011 0.0088  -0.0333 -0.0420 7   DC  B N1    
202 C  C2    . DC  A 7  ? 0.1292 0.1683 0.2017 0.0091  -0.0257 -0.0390 7   DC  B C2    
203 O  O2    . DC  A 7  ? 0.1640 0.2212 0.2496 0.0062  -0.0240 -0.0327 7   DC  B O2    
204 N  N3    . DC  A 7  ? 0.1328 0.1608 0.1940 0.0129  -0.0221 -0.0409 7   DC  B N3    
205 C  C4    . DC  A 7  ? 0.1288 0.1464 0.1804 0.0141  -0.0242 -0.0405 7   DC  B C4    
206 N  N4    . DC  A 7  ? 0.1504 0.1591 0.1978 0.0146  -0.0238 -0.0370 7   DC  B N4    
207 C  C5    . DC  A 7  ? 0.1482 0.1683 0.1960 0.0156  -0.0287 -0.0416 7   DC  B C5    
208 C  C6    . DC  A 7  ? 0.1439 0.1692 0.2002 0.0139  -0.0340 -0.0452 7   DC  B C6    
220 P  P     . DC  A 8  ? 0.1804 0.2335 0.2801 0.0103  -0.0792 -0.0509 8   DC  B P     
221 O  OP1   . DC  A 8  ? 0.2112 0.2707 0.3344 0.0029  -0.0964 -0.0484 8   DC  B OP1   
222 O  OP2   . DC  A 8  ? 0.3328 0.3752 0.4063 0.0213  -0.0786 -0.0613 8   DC  B OP2   
223 O  "O5'" . DC  A 8  ? 0.1764 0.2443 0.2737 0.0154  -0.0655 -0.0438 8   DC  B "O5'" 
224 C  "C5'" . DC  A 8  ? 0.1483 0.2398 0.2643 0.0126  -0.0621 -0.0343 8   DC  B "C5'" 
225 C  "C4'" . DC  A 8  ? 0.1435 0.2428 0.2505 0.0249  -0.0530 -0.0354 8   DC  B "C4'" 
226 O  "O4'" . DC  A 8  ? 0.1575 0.2400 0.2499 0.0279  -0.0456 -0.0390 8   DC  B "O4'" 
227 C  "C3'" . DC  A 8  ? 0.1536 0.2459 0.2507 0.0334  -0.0578 -0.0397 8   DC  B "C3'" 
228 O  "O3'" . DC  A 8  ? 0.1512 0.2692 0.2616 0.0396  -0.0596 -0.0365 8   DC  B "O3'" 
229 C  "C2'" . DC  A 8  ? 0.1447 0.2171 0.2256 0.0406  -0.0538 -0.0423 8   DC  B "C2'" 
230 C  "C1'" . DC  A 8  ? 0.1441 0.2166 0.2260 0.0387  -0.0463 -0.0428 8   DC  B "C1'" 
231 N  N1    . DC  A 8  ? 0.1392 0.1889 0.2088 0.0366  -0.0440 -0.0432 8   DC  B N1    
232 C  C2    . DC  A 8  ? 0.1430 0.1840 0.2100 0.0429  -0.0436 -0.0462 8   DC  B C2    
233 O  O2    . DC  A 8  ? 0.1471 0.2002 0.2182 0.0546  -0.0453 -0.0519 8   DC  B O2    
234 N  N3    . DC  A 8  ? 0.1451 0.1673 0.2053 0.0380  -0.0433 -0.0434 8   DC  B N3    
235 C  C4    . DC  A 8  ? 0.1424 0.1616 0.1968 0.0297  -0.0408 -0.0376 8   DC  B C4    
236 N  N4    . DC  A 8  ? 0.1496 0.1587 0.1998 0.0255  -0.0398 -0.0316 8   DC  B N4    
237 C  C5    . DC  A 8  ? 0.1411 0.1704 0.1941 0.0280  -0.0414 -0.0385 8   DC  B C5    
238 C  C6    . DC  A 8  ? 0.1462 0.1871 0.2079 0.0300  -0.0443 -0.0415 8   DC  B C6    
250 P  P     . DG  A 9  ? 0.1876 0.3077 0.2969 0.0457  -0.0680 -0.0380 9   DG  B P     
251 O  OP1   . DG  A 9  ? 0.2228 0.3781 0.3536 0.0464  -0.0704 -0.0316 9   DG  B OP1   
252 O  OP2   . DG  A 9  ? 0.2214 0.3218 0.3184 0.0411  -0.0747 -0.0413 9   DG  B OP2   
253 O  "O5'" . DG  A 9  ? 0.1988 0.3047 0.2954 0.0598  -0.0672 -0.0420 9   DG  B "O5'" 
254 C  "C5'" . DG  A 9  ? 0.1962 0.3159 0.2970 0.0730  -0.0650 -0.0457 9   DG  B "C5'" 
255 C  "C4'" . DG  A 9  ? 0.2031 0.2945 0.2932 0.0843  -0.0719 -0.0513 9   DG  B "C4'" 
256 O  "O4'" . DG  A 9  ? 0.2063 0.2720 0.2874 0.0752  -0.0693 -0.0497 9   DG  B "O4'" 
257 C  "C3'" . DG  A 9  ? 0.1903 0.2664 0.2774 0.0854  -0.0819 -0.0466 9   DG  B "C3'" 
258 O  "O3'" . DG  A 9  ? 0.3543 0.4156 0.4424 0.1012  -0.0939 -0.0516 9   DG  B "O3'" 
259 C  "C2'" . DG  A 9  ? 0.2101 0.2654 0.2873 0.0720  -0.0804 -0.0383 9   DG  B "C2'" 
260 C  "C1'" . DG  A 9  ? 0.2448 0.2867 0.3203 0.0717  -0.0771 -0.0423 9   DG  B "C1'" 
261 N  N9    . DG  A 9  ? 0.1875 0.2182 0.2557 0.0592  -0.0718 -0.0355 9   DG  B N9    
262 C  C8    . DG  A 9  ? 0.1939 0.2306 0.2548 0.0506  -0.0680 -0.0289 9   DG  B C8    
263 N  N7    . DG  A 9  ? 0.1765 0.2062 0.2314 0.0439  -0.0636 -0.0240 9   DG  B N7    
264 C  C5    . DG  A 9  ? 0.1935 0.2082 0.2538 0.0456  -0.0653 -0.0267 9   DG  B C5    
265 C  C6    . DG  A 9  ? 0.1767 0.1787 0.2364 0.0401  -0.0639 -0.0234 9   DG  B C6    
266 O  O6    . DG  A 9  ? 0.1764 0.1813 0.2310 0.0322  -0.0585 -0.0150 9   DG  B O6    
267 N  N1    . DG  A 9  ? 0.1848 0.1725 0.2501 0.0475  -0.0710 -0.0320 9   DG  B N1    
268 C  C2    . DG  A 9  ? 0.2015 0.1910 0.2704 0.0618  -0.0778 -0.0437 9   DG  B C2    
269 N  N2    . DG  A 9  ? 0.2059 0.1835 0.2767 0.0732  -0.0867 -0.0555 9   DG  B N2    
270 N  N3    . DG  A 9  ? 0.1920 0.1972 0.2626 0.0670  -0.0774 -0.0450 9   DG  B N3    
271 C  C4    . DG  A 9  ? 0.1860 0.2010 0.2530 0.0568  -0.0713 -0.0355 9   DG  B C4    
283 P  P     . DA  A 10 ? 0.5249 0.6017 0.6179 0.1159  -0.1002 -0.0558 10  DA  B P     
284 O  OP1   . DA  A 10 ? 0.3681 0.4619 0.4658 0.1080  -0.1000 -0.0473 10  DA  B OP1   
285 O  OP2   . DA  A 10 ? 0.4776 0.5211 0.5662 0.1248  -0.1141 -0.0591 10  DA  B OP2   
286 O  "O5'" . DA  A 10 ? 0.4656 0.5790 0.5605 0.1238  -0.0884 -0.0633 10  DA  B "O5'" 
287 C  "C5'" . DA  A 10 ? 0.4409 0.5917 0.5457 0.1236  -0.0831 -0.0580 10  DA  B "C5'" 
288 C  "C4'" . DA  A 10 ? 0.3456 0.5374 0.4557 0.1255  -0.0706 -0.0558 10  DA  B "C4'" 
289 O  "O4'" . DA  A 10 ? 0.2669 0.4611 0.3819 0.1115  -0.0641 -0.0505 10  DA  B "O4'" 
290 C  "C3'" . DA  A 10 ? 0.3266 0.5233 0.4219 0.1455  -0.0694 -0.0686 10  DA  B "C3'" 
291 O  "O3'" . DA  A 10 ? 0.4567 0.6988 0.5560 0.1550  -0.0632 -0.0649 10  DA  B "O3'" 
292 C  "C2'" . DA  A 10 ? 0.3379 0.5351 0.4287 0.1408  -0.0620 -0.0693 10  DA  B "C2'" 
293 C  "C1'" . DA  A 10 ? 0.2973 0.5123 0.4070 0.1189  -0.0550 -0.0523 10  DA  B "C1'" 
294 N  N9    . DA  A 10 ? 0.1823 0.3863 0.2923 0.1080  -0.0510 -0.0506 10  DA  B N9    
295 C  C8    . DA  A 10 ? 0.2302 0.4041 0.3258 0.1134  -0.0531 -0.0617 10  DA  B C8    
296 N  N7    . DA  A 10 ? 0.2101 0.3825 0.3106 0.1008  -0.0480 -0.0568 10  DA  B N7    
297 C  C5    . DA  A 10 ? 0.1561 0.3548 0.2745 0.0847  -0.0440 -0.0417 10  DA  B C5    
298 C  C6    . DA  A 10 ? 0.1436 0.3421 0.2716 0.0632  -0.0402 -0.0296 10  DA  B C6    
299 N  N6    . DA  A 10 ? 0.1459 0.3220 0.2649 0.0560  -0.0362 -0.0314 10  DA  B N6    
300 N  N1    . DA  A 10 ? 0.1383 0.3584 0.2877 0.0495  -0.0440 -0.0157 10  DA  B N1    
301 C  C2    . DA  A 10 ? 0.1682 0.4129 0.3277 0.0563  -0.0485 -0.0130 10  DA  B C2    
302 N  N3    . DA  A 10 ? 0.1889 0.4340 0.3359 0.0753  -0.0481 -0.0227 10  DA  B N3    
303 C  C4    . DA  A 10 ? 0.2196 0.4392 0.3460 0.0890  -0.0469 -0.0374 10  DA  B C4    
316 BA BA    . BA  B .  ? 0.1352 0.1515 0.1776 0.0050  -0.0009 -0.0387 101 BA  B BA    
317 C  C22   A F3K C .  ? 0.0849 0.1501 0.1508 -0.0096 0.0028  0.0044  102 F3K B C22   
318 C  C22   B F3K C .  ? 0.1789 0.2056 0.2355 -0.0154 0.0009  -0.0107 102 F3K B C22   
319 C  C17   A F3K C .  ? 0.1245 0.1498 0.2018 -0.0024 -0.0042 0.0124  102 F3K B C17   
320 C  C17   B F3K C .  ? 0.1420 0.2124 0.1883 -0.0016 0.0122  -0.0043 102 F3K B C17   
321 C  C18   A F3K C .  ? 0.1110 0.1383 0.1973 -0.0099 -0.0071 0.0244  102 F3K B C18   
322 C  C18   B F3K C .  ? 0.1600 0.2423 0.2173 -0.0064 0.0137  0.0122  102 F3K B C18   
323 C  C19   A F3K C .  ? 0.0854 0.1422 0.1472 -0.0040 0.0102  0.0003  102 F3K B C19   
324 C  C19   B F3K C .  ? 0.1497 0.1835 0.2008 -0.0102 -0.0049 -0.0169 102 F3K B C19   
325 C  C20   A F3K C .  ? 0.0928 0.1667 0.1606 -0.0034 0.0099  0.0067  102 F3K B C20   
326 C  C20   B F3K C .  ? 0.1642 0.1868 0.2200 -0.0134 -0.0139 -0.0194 102 F3K B C20   
327 C  C21   A F3K C .  ? 0.0849 0.1399 0.1444 -0.0086 0.0048  -0.0003 102 F3K B C21   
328 C  C21   B F3K C .  ? 0.1410 0.1723 0.1945 -0.0119 0.0061  -0.0107 102 F3K B C21   
329 C  C24   A F3K C .  ? 0.1019 0.1711 0.1593 -0.0071 -0.0058 -0.0015 102 F3K B C24   
330 C  C24   B F3K C .  ? 0.1931 0.2251 0.2459 -0.0097 0.0100  -0.0093 102 F3K B C24   
331 C  C11   A F3K C .  ? 0.1104 0.1807 0.1567 -0.0015 0.0121  -0.0043 102 F3K B C11   
332 C  C11   B F3K C .  ? 0.1538 0.1797 0.2316 -0.0031 -0.0042 0.0136  102 F3K B C11   
333 C  C10   A F3K C .  ? 0.1164 0.1984 0.1737 -0.0063 0.0136  0.0121  102 F3K B C10   
334 C  C10   B F3K C .  ? 0.1320 0.1602 0.2190 -0.0106 -0.0072 0.0256  102 F3K B C10   
335 C  C12   A F3K C .  ? 0.1007 0.1533 0.1467 -0.0042 0.0097  -0.0093 102 F3K B C12   
336 C  C12   B F3K C .  ? 0.1388 0.1730 0.2060 -0.0029 0.0036  0.0058  102 F3K B C12   
337 C  C13   A F3K C .  ? 0.0972 0.1499 0.1576 -0.0096 0.0099  0.0086  102 F3K B C13   
338 C  C13   B F3K C .  ? 0.1356 0.1795 0.2028 -0.0102 0.0064  0.0127  102 F3K B C13   
339 C  C25   A F3K C .  ? 0.0939 0.1603 0.1444 -0.0045 -0.0020 -0.0045 102 F3K B C25   
340 C  C25   B F3K C .  ? 0.1787 0.2092 0.2304 -0.0058 0.0113  -0.0119 102 F3K B C25   
341 C  C26   A F3K C .  ? 0.1183 0.2021 0.1558 0.0050  0.0011  -0.0074 102 F3K B C26   
342 C  C26   B F3K C .  ? 0.1902 0.2111 0.2442 0.0042  0.0063  -0.0169 102 F3K B C26   
343 C  C28   A F3K C .  ? 0.0920 0.1490 0.1453 -0.0069 0.0029  -0.0032 102 F3K B C28   
344 C  C28   B F3K C .  ? 0.1816 0.2127 0.2348 -0.0082 0.0102  -0.0102 102 F3K B C28   
345 C  C29   A F3K C .  ? 0.1306 0.1551 0.1872 -0.0011 0.0080  -0.0110 102 F3K B C29   
346 C  C29   B F3K C .  ? 0.1190 0.1886 0.1621 -0.0006 0.0046  -0.0056 102 F3K B C29   
347 C  C01   A F3K C .  ? 0.1371 0.2761 0.2892 -0.0465 -0.0148 0.1270  102 F3K B C01   
348 C  C01   B F3K C .  ? 0.2077 0.3118 0.3763 -0.0527 -0.0302 0.1304  102 F3K B C01   
349 C  C02   A F3K C .  ? 0.1615 0.2692 0.3286 -0.0521 -0.0285 0.1304  102 F3K B C02   
350 C  C02   B F3K C .  ? 0.1794 0.3148 0.3338 -0.0476 -0.0167 0.1279  102 F3K B C02   
351 C  C03   A F3K C .  ? 0.1350 0.2131 0.2880 -0.0450 -0.0266 0.1055  102 F3K B C03   
352 C  C03   B F3K C .  ? 0.1580 0.2961 0.2907 -0.0380 -0.0028 0.1023  102 F3K B C03   
353 C  C04   A F3K C .  ? 0.1160 0.2551 0.2459 -0.0368 -0.0015 0.1005  102 F3K B C04   
354 C  C04   B F3K C .  ? 0.1719 0.2479 0.3255 -0.0451 -0.0273 0.1053  102 F3K B C04   
355 C  C05   A F3K C .  ? 0.1089 0.2133 0.2233 -0.0307 -0.0016 0.0768  102 F3K B C05   
356 C  C05   B F3K C .  ? 0.1566 0.2343 0.2824 -0.0345 -0.0128 0.0800  102 F3K B C05   
357 C  C06   A F3K C .  ? 0.1222 0.2000 0.2470 -0.0340 -0.0123 0.0794  102 F3K B C06   
358 C  C06   B F3K C .  ? 0.1389 0.2431 0.2546 -0.0314 -0.0022 0.0779  102 F3K B C06   
359 C  C07   A F3K C .  ? 0.1051 0.1789 0.1868 -0.0174 0.0062  0.0366  102 F3K B C07   
360 C  C07   B F3K C .  ? 0.1317 0.1883 0.2224 -0.0196 -0.0011 0.0405  102 F3K B C07   
361 C  C08   A F3K C .  ? 0.1086 0.1640 0.1987 -0.0192 -0.0011 0.0396  102 F3K B C08   
362 C  C08   B F3K C .  ? 0.1330 0.2078 0.2152 -0.0177 0.0062  0.0374  102 F3K B C08   
363 C  C09   A F3K C .  ? 0.1015 0.1704 0.1670 -0.0113 0.0107  0.0186  102 F3K B C09   
364 C  C09   B F3K C .  ? 0.1173 0.1594 0.1984 -0.0137 -0.0001 0.0259  102 F3K B C09   
365 C  C14   A F3K C .  ? 0.1036 0.1467 0.1705 -0.0100 0.0063  0.0120  102 F3K B C14   
366 C  C14   B F3K C .  ? 0.1204 0.1739 0.1811 -0.0097 0.0100  0.0090  102 F3K B C14   
367 C  C15   A F3K C .  ? 0.0999 0.1407 0.1802 -0.0133 0.0000  0.0249  102 F3K B C15   
368 C  C15   B F3K C .  ? 0.1266 0.1963 0.1925 -0.0114 0.0107  0.0191  102 F3K B C15   
369 C  C16   A F3K C .  ? 0.1137 0.1477 0.1806 -0.0023 0.0037  0.0051  102 F3K B C16   
370 C  C16   B F3K C .  ? 0.1315 0.1844 0.1775 -0.0041 0.0098  -0.0092 102 F3K B C16   
371 C  C23   A F3K C .  ? 0.0890 0.1591 0.1554 -0.0106 -0.0029 0.0045  102 F3K B C23   
372 C  C23   B F3K C .  ? 0.1843 0.2122 0.2414 -0.0157 0.0038  -0.0076 102 F3K B C23   
373 C  C27   A F3K C .  ? 0.0985 0.1689 0.1416 -0.0005 0.0053  -0.0049 102 F3K B C27   
374 C  C27   B F3K C .  ? 0.1728 0.1963 0.2301 -0.0008 0.0072  -0.0106 102 F3K B C27   
375 C  C30   A F3K C .  ? 0.1451 0.1674 0.1983 0.0036  0.0073  -0.0168 102 F3K B C30   
376 C  C30   B F3K C .  ? 0.1182 0.2000 0.1559 0.0048  -0.0004 -0.0087 102 F3K B C30   
377 C  C31   A F3K C .  ? 0.1413 0.1725 0.1932 -0.0066 0.0112  -0.0114 102 F3K B C31   
378 C  C31   B F3K C .  ? 0.1039 0.1697 0.1554 -0.0051 -0.0030 -0.0047 102 F3K B C31   
379 C  C32   A F3K C .  ? 0.1340 0.1655 0.1873 -0.0087 0.0100  -0.0101 102 F3K B C32   
380 C  C32   B F3K C .  ? 0.1064 0.1637 0.1601 -0.0071 0.0025  -0.0032 102 F3K B C32   
381 C  C33   A F3K C .  ? 0.1477 0.1800 0.2013 -0.0109 0.0093  -0.0084 102 F3K B C33   
382 C  C33   B F3K C .  ? 0.1116 0.1806 0.1705 -0.0080 -0.0069 -0.0013 102 F3K B C33   
383 C  C34   A F3K C .  ? 0.1510 0.1785 0.2093 -0.0167 0.0023  -0.0068 102 F3K B C34   
384 C  C34   B F3K C .  ? 0.1027 0.1737 0.1705 -0.0112 -0.0033 0.0051  102 F3K B C34   
385 C  C35   A F3K C .  ? 0.1345 0.1607 0.1918 -0.0160 -0.0005 -0.0104 102 F3K B C35   
386 C  C35   B F3K C .  ? 0.1040 0.1701 0.1706 -0.0098 0.0028  0.0049  102 F3K B C35   
387 C  C36   A F3K C .  ? 0.1192 0.1504 0.1732 -0.0124 0.0054  -0.0107 102 F3K B C36   
388 C  C36   B F3K C .  ? 0.1066 0.1621 0.1664 -0.0086 0.0047  0.0000  102 F3K B C36   
389 C  C37   A F3K C .  ? 0.1241 0.1466 0.1805 -0.0136 -0.0151 -0.0195 102 F3K B C37   
390 C  C37   B F3K C .  ? 0.1268 0.2003 0.1943 -0.0029 0.0101  0.0063  102 F3K B C37   
391 C  C38   A F3K C .  ? 0.1180 0.1518 0.1696 -0.0105 -0.0054 -0.0168 102 F3K B C38   
392 C  C38   B F3K C .  ? 0.1000 0.1559 0.1615 -0.0037 0.0101  0.0000  102 F3K B C38   
393 N  N01   A F3K C .  ? 0.1166 0.2151 0.2085 -0.0212 0.0066  0.0531  102 F3K B N01   
394 N  N01   B F3K C .  ? 0.1457 0.2008 0.2567 -0.0266 -0.0112 0.0593  102 F3K B N01   
395 N  N02   A F3K C .  ? 0.1184 0.1729 0.2288 -0.0262 -0.0111 0.0587  102 F3K B N02   
396 N  N02   B F3K C .  ? 0.1472 0.2466 0.2403 -0.0218 0.0063  0.0543  102 F3K B N02   
397 N  N03   A F3K C .  ? 0.0911 0.1393 0.1432 -0.0074 0.0103  -0.0027 102 F3K B N03   
398 N  N03   B F3K C .  ? 0.1309 0.1697 0.1936 -0.0068 0.0071  0.0050  102 F3K B N03   
399 N  N04   A F3K C .  ? 0.1030 0.1416 0.1654 -0.0065 0.0071  0.0044  102 F3K B N04   
400 N  N04   B F3K C .  ? 0.1129 0.1613 0.1650 -0.0074 0.0104  -0.0025 102 F3K B N04   
401 N  N05   A F3K C .  ? 0.0845 0.1336 0.1436 -0.0073 0.0081  -0.0016 102 F3K B N05   
402 N  N05   B F3K C .  ? 0.1387 0.1744 0.1909 -0.0107 0.0038  -0.0116 102 F3K B N05   
403 N  N06   A F3K C .  ? 0.0857 0.1618 0.1570 -0.0077 0.0060  0.0094  102 F3K B N06   
404 N  N06   B F3K C .  ? 0.1529 0.1730 0.2123 -0.0173 -0.0100 -0.0140 102 F3K B N06   
405 N  N07   A F3K C .  ? 0.1113 0.1897 0.1526 0.0023  -0.0034 -0.0081 102 F3K B N07   
406 N  N07   B F3K C .  ? 0.1963 0.2237 0.2467 0.0016  0.0102  -0.0163 102 F3K B N07   
407 N  N08   A F3K C .  ? 0.0880 0.1440 0.1376 -0.0055 0.0056  -0.0042 102 F3K B N08   
408 N  N08   B F3K C .  ? 0.1539 0.1844 0.2089 -0.0059 0.0101  -0.0085 102 F3K B N08   
409 N  N09   A F3K C .  ? 0.1103 0.1413 0.1649 -0.0062 0.0102  -0.0088 102 F3K B N09   
410 N  N09   B F3K C .  ? 0.1251 0.1810 0.1749 -0.0056 0.0053  -0.0044 102 F3K B N09   
411 N  N10   A F3K C .  ? 0.1318 0.1606 0.1818 0.0007  0.0108  -0.0157 102 F3K B N10   
412 N  N10   B F3K C .  ? 0.1091 0.1856 0.1511 0.0017  -0.0051 -0.0091 102 F3K B N10   
413 N  N11   A F3K C .  ? 0.1074 0.1428 0.1598 -0.0110 0.0034  -0.0116 102 F3K B N11   
414 N  N11   B F3K C .  ? 0.1097 0.1589 0.1687 -0.0072 0.0081  -0.0015 102 F3K B N11   
415 N  N12   A F3K C .  ? 0.1187 0.1380 0.1791 -0.0177 -0.0118 -0.0140 102 F3K B N12   
416 N  N12   B F3K C .  ? 0.1085 0.1854 0.1800 -0.0075 0.0062  0.0096  102 F3K B N12   
417 BR BR1   A F3K C .  ? 0.2198 0.4006 0.3807 -0.0485 -0.0184 0.1571  102 F3K B BR1   
418 BR BR1   B F3K C .  ? 0.2751 0.3728 0.4774 -0.0621 -0.0570 0.1622  102 F3K B BR1   
419 RU RU1   A F3K C .  ? 0.0833 0.1241 0.1373 -0.0079 0.0089  -0.0050 102 F3K B RU1   
420 RU RU1   B F3K C .  ? 0.1599 0.2011 0.2139 -0.0078 0.0090  -0.0047 102 F3K B RU1   
463 O  O     . HOH D .  ? 0.4882 0.5258 0.5638 0.1415  -0.1136 -0.0841 201 HOH B O     
464 O  O     . HOH D .  ? 0.3511 0.2817 0.4495 -0.0247 -0.0850 -0.0134 202 HOH B O     
465 O  O     . HOH D .  ? 0.2873 0.2606 0.3485 -0.0121 -0.0291 -0.0184 203 HOH B O     
466 O  O     . HOH D .  ? 0.5246 0.5463 0.6629 -0.0057 -0.1289 -0.0564 204 HOH B O     
467 O  O     . HOH D .  ? 0.3454 0.3487 0.3930 -0.0043 -0.0170 -0.0066 205 HOH B O     
468 O  O     . HOH D .  ? 0.2869 0.5466 0.2697 0.0822  0.0070  -0.0216 206 HOH B O     
469 O  O     . HOH D .  ? 0.2448 0.3137 0.2637 0.0416  -0.0102 -0.0606 207 HOH B O     
470 O  O     . HOH D .  ? 0.3008 0.3510 0.3366 0.0396  -0.0564 -0.0266 208 HOH B O     
471 O  O     . HOH D .  ? 0.2515 0.4105 0.2623 0.0539  0.0070  -0.0370 209 HOH B O     
472 O  O     . HOH D .  ? 0.5035 0.4860 0.5300 0.0493  -0.0936 -0.1037 210 HOH B O     
473 O  O     . HOH D .  ? 0.3473 0.5215 0.3500 0.0404  0.0028  0.0325  211 HOH B O     
474 O  O     . HOH D .  ? 0.3535 0.3987 0.3986 0.0314  -0.0570 -0.0500 212 HOH B O     
475 O  O     . HOH D .  ? 0.3542 0.3165 0.3943 0.0318  -0.0644 -0.0800 213 HOH B O     
476 O  O     . HOH D .  ? 0.1319 0.1869 0.1810 0.0038  0.0096  -0.0242 214 HOH B O     
477 O  O     . HOH D .  ? 0.5226 0.5760 0.5334 0.0310  -0.0249 -0.0293 215 HOH B O     
478 O  O     . HOH D .  ? 0.3545 0.5429 0.3025 0.0991  -0.0166 -0.0369 216 HOH B O     
479 O  O     . HOH D .  ? 0.2737 0.3157 0.3081 0.0306  -0.0493 -0.0028 217 HOH B O     
480 O  O     . HOH D .  ? 0.3092 0.3206 0.3465 0.0065  -0.0164 -0.0197 218 HOH B O     
481 O  O     . HOH D .  ? 0.1950 0.3797 0.2099 0.0359  0.0148  0.0351  219 HOH B O     
482 O  O     . HOH D .  ? 0.1943 0.4810 0.3651 0.0754  -0.0557 -0.0080 220 HOH B O     
483 O  O     . HOH D .  ? 0.5476 0.6748 0.6517 0.0814  -0.0916 -0.0389 221 HOH B O     
484 O  O     . HOH D .  ? 0.1608 0.1458 0.2089 -0.0023 -0.0179 -0.0361 222 HOH B O     
485 O  O     . HOH D .  ? 0.1682 0.1848 0.2036 0.0141  -0.0109 -0.0490 223 HOH B O     
486 O  O     . HOH D .  ? 0.6027 0.5884 0.6319 0.0687  -0.1178 -0.1207 224 HOH B O     
487 O  O     . HOH D .  ? 0.2538 0.2562 0.3555 -0.0097 -0.0635 -0.0447 225 HOH B O     
488 O  O     . HOH D .  ? 0.5315 0.6630 0.5142 0.1027  -0.0343 -0.1000 226 HOH B O     
489 O  O     . HOH D .  ? 0.6132 0.5783 0.6467 0.0458  -0.0836 -0.0957 227 HOH B O     
490 O  O     . HOH D .  ? 0.2725 0.3088 0.3036 0.0298  -0.0459 -0.0502 228 HOH B O     
491 O  O     . HOH D .  ? 0.3940 0.3603 0.4619 0.0102  -0.0619 -0.0673 229 HOH B O     
492 O  O     . HOH D .  ? 0.4992 0.8105 0.4564 0.1289  -0.0124 -0.0481 230 HOH B O     
493 O  O     . HOH D .  ? 0.1498 0.1920 0.1989 0.0098  0.0029  -0.0359 231 HOH B O     
494 O  O     . HOH D .  ? 0.5275 0.4747 0.6037 -0.0079 -0.0839 -0.0477 232 HOH B O     
495 O  O     . HOH D .  ? 0.2954 0.3292 0.3262 0.0248  -0.0360 -0.0200 233 HOH B O     
496 O  O     . HOH D .  ? 0.2664 0.2848 0.3030 0.0136  -0.0270 -0.0149 234 HOH B O     
497 O  O     . HOH D .  ? 0.1893 0.3056 0.3235 -0.0056 -0.0343 -0.0073 235 HOH B O     
498 O  O     . HOH D .  ? 0.5896 0.5599 0.6766 0.0078  -0.0923 -0.0738 236 HOH B O     
499 O  O     . HOH D .  ? 0.2672 0.3284 0.3046 0.0275  0.0112  -0.0241 237 HOH B O     
500 O  O     . HOH D .  ? 0.4312 0.4146 0.5541 -0.0521 -0.0651 0.0451  238 HOH B O     
501 O  O     . HOH D .  ? 0.1281 0.1848 0.2014 -0.0205 0.0000  0.0088  239 HOH B O     
502 O  O     . HOH D .  ? 0.1362 0.1226 0.1845 -0.0023 -0.0155 -0.0271 240 HOH B O     
503 O  O     . HOH D .  ? 0.3013 0.2968 0.3445 0.0103  -0.0148 -0.0462 241 HOH B O     
504 O  O     . HOH D .  ? 0.1253 0.2013 0.1842 -0.0086 0.0121  0.0145  242 HOH B O     
505 O  O     . HOH D .  ? 0.1881 0.1547 0.2531 0.0166  -0.0319 -0.0441 243 HOH B O     
506 O  O     . HOH D .  ? 0.1378 0.2105 0.1989 -0.0015 0.0140  0.0039  244 HOH B O     
507 O  O     . HOH D .  ? 0.1765 0.2669 0.2308 0.0063  0.0176  0.0057  245 HOH B O     
508 O  O     . HOH D .  ? 0.2033 0.2582 0.2717 0.0100  0.0039  0.0046  246 HOH B O     
509 O  O     . HOH D .  ? 0.3754 0.4877 0.4598 -0.0248 0.0040  0.0552  247 HOH B O     
510 O  O     . HOH D .  ? 0.2755 0.2585 0.3360 0.0228  -0.0219 -0.0383 248 HOH B O     
511 O  O     . HOH D .  ? 0.2394 0.2494 0.2764 0.0184  -0.0606 -0.0663 249 HOH B O     
512 O  O     . HOH D .  ? 0.5292 0.5154 0.6442 -0.0183 -0.0681 -0.0372 250 HOH B O     
513 O  O     . HOH D .  ? 0.3168 0.3488 0.3587 0.0436  -0.0056 -0.0411 251 HOH B O     
514 O  O     . HOH D .  ? 0.3918 0.4261 0.4509 0.0217  0.0010  -0.0161 252 HOH B O     
515 O  O     . HOH D .  ? 0.5986 0.5253 0.6820 -0.0108 -0.0768 -0.0282 253 HOH B O     
516 O  O     . HOH D .  ? 0.4971 0.7213 0.6057 -0.0180 0.0150  0.1042  254 HOH B O     
517 O  O     . HOH D .  ? 0.1909 0.1817 0.2650 0.0040  -0.0145 -0.0136 255 HOH B O     
518 O  O     . HOH D .  ? 0.6098 0.8862 0.6611 0.1879  -0.0522 -0.0898 256 HOH B O     
519 O  O     . HOH D .  ? 0.3086 0.4287 0.3447 0.0307  0.0119  -0.0279 257 HOH B O     
520 O  O     . HOH D .  ? 0.2408 0.3093 0.2775 0.0125  0.0145  -0.0098 258 HOH B O     
521 O  O     . HOH D .  ? 0.6397 0.5529 0.7078 0.0275  -0.1105 -0.0707 259 HOH B O     
522 O  O     . HOH D .  ? 0.4309 0.3899 0.4789 0.0218  -0.0505 -0.0626 260 HOH B O     
523 O  O     . HOH D .  ? 0.5382 0.5647 0.6310 0.0293  -0.1462 -0.0895 261 HOH B O     
524 O  O     . HOH D .  ? 0.5078 0.5347 0.5217 -0.0645 -0.0745 -0.1230 262 HOH B O     
525 O  O     . HOH D .  ? 0.1992 0.2887 0.2548 0.0256  0.0145  -0.0062 263 HOH B O     
526 O  O     . HOH D .  ? 0.4609 0.4505 0.5376 0.0195  -0.0229 -0.0165 264 HOH B O     
527 O  O     . HOH D .  ? 0.4410 0.6191 0.5704 -0.0491 -0.0154 0.1355  265 HOH B O     
528 O  O     . HOH D .  ? 0.3988 0.5148 0.4425 0.1889  -0.1028 -0.1225 266 HOH B O     
529 O  O     . HOH D .  ? 0.6079 0.8853 0.5408 0.1229  -0.0034 -0.0150 267 HOH B O     
530 O  O     . HOH D .  ? 0.2203 0.2697 0.2530 0.0318  -0.0066 -0.0549 268 HOH B O     
531 O  O     . HOH D .  ? 0.3375 0.3521 0.4035 0.0013  -0.0555 0.0419  269 HOH B O     
532 O  O     . HOH D .  ? 0.5596 0.8931 0.5670 0.0721  0.0229  0.0357  270 HOH B O     
533 O  O     . HOH D .  ? 0.4139 0.4051 0.6245 -0.0575 -0.0918 0.1065  271 HOH B O     
534 O  O     . HOH D .  ? 0.3698 0.3434 0.5302 -0.0376 -0.0951 -0.0068 272 HOH B O     
535 O  O     . HOH D .  ? 0.5380 0.4765 0.6697 -0.0073 -0.1216 -0.0512 273 HOH B O     
536 O  O     . HOH D .  ? 0.4729 0.5643 0.5288 0.0197  -0.0713 0.0917  274 HOH B O     
537 O  O     . HOH D .  ? 0.4529 0.5861 0.4924 0.0639  0.0147  -0.0201 275 HOH B O     
538 O  O     . HOH D .  ? 0.5084 0.4367 0.5972 -0.0098 -0.0770 -0.0039 276 HOH B O     
539 O  O     . HOH D .  ? 0.4654 0.6213 0.6104 -0.0599 -0.0285 0.1328  277 HOH B O     
540 O  O     . HOH D .  ? 0.4012 0.6081 0.6141 -0.0591 -0.0520 0.2250  278 HOH B O     
541 O  O     . HOH D .  ? 0.5224 0.7340 0.5737 0.0542  0.0291  0.0179  279 HOH B O     
542 O  O     . HOH D .  ? 0.5908 0.8378 0.7105 -0.0322 -0.0021 0.1494  280 HOH B O     
543 O  O     . HOH D .  ? 0.4826 0.7079 0.6375 -0.0390 -0.0027 0.1242  281 HOH B O     
544 O  O     . HOH D .  ? 0.5978 0.6152 0.7683 -0.0552 -0.1221 0.1711  282 HOH B O     
545 O  O     . HOH D .  ? 0.4777 0.3313 0.6464 0.0237  -0.1734 -0.0311 283 HOH B O     
546 O  O     . HOH D .  ? 0.4953 0.3885 0.7416 -0.0387 -0.1837 0.0563  284 HOH B O     
# 
